data_6O3G
#
_entry.id   6O3G
#
_cell.length_a   113.530
_cell.length_b   113.530
_cell.length_c   300.536
_cell.angle_alpha   90.00
_cell.angle_beta   90.00
_cell.angle_gamma   120.00
#
_symmetry.space_group_name_H-M   'P 31 2 1'
#
loop_
_entity.id
_entity.type
_entity.pdbx_description
1 polymer 'PGZL1 light chain'
2 polymer 'PGZL1 heavy chain'
3 polymer 'MEPER peptide, region 671-683 of HIV-1 gp41'
4 non-polymer GLYCEROL
5 non-polymer 'SULFATE ION'
#
loop_
_entity_poly.entity_id
_entity_poly.type
_entity_poly.pdbx_seq_one_letter_code
_entity_poly.pdbx_strand_id
1 'polypeptide(L)'
;DVVMTQSPGTLSLSPGERATLSCRASQSVSGGALAWYQQKPGQAPRLLIYDTSSRPTGVPGRFSGSGSGTDFSLTISRLE
PEDFAVYYCQQYGTSQSTFGQGTRLEIKRTVAAPSVFIFPPSDEQLKSGTASVVCLLNNFYPREAKVQWKVDNALQSGNS
QESVTEQDSKDSTYSLSSTLTLSKADYEKHKVYACEVTHQGLSSPVTKSFNRGEC
;
L,B,D,F
2 'polypeptide(L)'
;EVQLVQSGGEVKRPGSSVTVSCKATGGTFSTLAFNWVRQAPGQGPEWMGGIVPLFSIVNYGQKFQGRLTIRADKSTTTVF
LDLSGLTSADTATYYCAREGEGWFGKPLRAFEFWGQGTVITVSSASTKGPSVFPLAPSSKSTSGGTAALGCLVKDYFPEP
VTVSWNSGALTSGVHTFPAVLQSSGLYSLSSVVTVPSSSLGTQTYICNVNHKPSNTKVDKKVEPKSC
;
H,A,C,E
3 'polypeptide(L)' NWFDITNWLWYIKKKK Q,S,G,I
#
loop_
_chem_comp.id
_chem_comp.type
_chem_comp.name
_chem_comp.formula
GOL non-polymer GLYCEROL 'C3 H8 O3'
SO4 non-polymer 'SULFATE ION' 'O4 S -2'
#
# COMPACT_ATOMS: atom_id res chain seq x y z
N ASP A 1 -1.50 -1.09 45.58
CA ASP A 1 -1.32 0.13 46.36
C ASP A 1 -2.19 1.24 45.77
N VAL A 2 -2.21 2.41 46.39
CA VAL A 2 -3.07 3.50 45.91
C VAL A 2 -2.57 4.04 44.58
N VAL A 3 -3.46 4.03 43.58
CA VAL A 3 -3.24 4.49 42.23
C VAL A 3 -3.86 5.87 42.06
N MET A 4 -3.11 6.84 41.51
CA MET A 4 -3.64 8.18 41.28
C MET A 4 -3.92 8.36 39.78
N THR A 5 -5.17 8.71 39.47
CA THR A 5 -5.68 8.91 38.11
C THR A 5 -6.17 10.34 37.93
N GLN A 6 -5.57 11.07 37.00
CA GLN A 6 -5.96 12.45 36.74
C GLN A 6 -6.90 12.56 35.55
N SER A 7 -7.65 13.66 35.51
CA SER A 7 -8.71 13.89 34.54
C SER A 7 -8.93 15.38 34.27
N PRO A 8 -9.13 15.77 33.00
CA PRO A 8 -9.02 14.94 31.80
C PRO A 8 -7.56 14.66 31.47
N GLY A 9 -7.28 13.77 30.52
CA GLY A 9 -5.89 13.61 30.09
C GLY A 9 -5.31 14.89 29.52
N THR A 10 -6.06 15.56 28.65
CA THR A 10 -5.67 16.85 28.12
C THR A 10 -6.81 17.83 28.37
N LEU A 11 -6.48 18.99 28.93
CA LEU A 11 -7.48 20.04 29.15
C LEU A 11 -7.11 21.26 28.32
N SER A 12 -7.99 21.63 27.39
CA SER A 12 -7.73 22.72 26.46
C SER A 12 -8.67 23.87 26.80
N LEU A 13 -8.10 25.00 27.21
CA LEU A 13 -8.88 26.12 27.70
C LEU A 13 -8.26 27.41 27.20
N SER A 14 -8.98 28.51 27.37
CA SER A 14 -8.57 29.80 26.82
C SER A 14 -7.85 30.62 27.88
N PRO A 15 -6.85 31.41 27.49
CA PRO A 15 -6.25 32.36 28.43
C PRO A 15 -7.32 33.23 29.07
N GLY A 16 -7.21 33.39 30.40
CA GLY A 16 -8.15 34.18 31.16
C GLY A 16 -9.34 33.39 31.65
N GLU A 17 -9.52 32.17 31.18
CA GLU A 17 -10.66 31.33 31.51
C GLU A 17 -10.39 30.58 32.81
N ARG A 18 -11.44 30.00 33.38
CA ARG A 18 -11.37 29.27 34.64
C ARG A 18 -11.06 27.80 34.38
N ALA A 19 -10.16 27.23 35.20
CA ALA A 19 -9.68 25.87 34.99
C ALA A 19 -9.85 25.03 36.25
N THR A 20 -10.26 23.78 36.06
CA THR A 20 -10.43 22.82 37.16
C THR A 20 -9.91 21.46 36.71
N LEU A 21 -8.87 20.98 37.39
CA LEU A 21 -8.22 19.71 37.09
C LEU A 21 -8.53 18.73 38.21
N SER A 22 -8.94 17.50 37.87
CA SER A 22 -9.37 16.53 38.85
C SER A 22 -8.34 15.43 39.02
N CYS A 23 -8.18 14.95 40.25
CA CYS A 23 -7.26 13.87 40.59
C CYS A 23 -7.98 12.92 41.53
N ARG A 24 -8.00 11.63 41.19
CA ARG A 24 -8.76 10.63 41.93
C ARG A 24 -7.83 9.52 42.42
N ALA A 25 -7.98 9.14 43.69
CA ALA A 25 -7.19 8.07 44.28
C ALA A 25 -7.96 6.77 44.27
N SER A 26 -7.25 5.65 44.07
CA SER A 26 -7.92 4.36 44.10
C SER A 26 -8.38 3.97 45.51
N GLN A 27 -7.89 4.66 46.54
CA GLN A 27 -8.40 4.52 47.89
C GLN A 27 -8.19 5.84 48.61
N SER A 28 -8.95 6.04 49.69
CA SER A 28 -8.92 7.33 50.38
C SER A 28 -7.52 7.69 50.90
N VAL A 29 -7.12 8.93 50.68
CA VAL A 29 -5.82 9.43 51.15
C VAL A 29 -6.02 9.93 52.58
N SER A 30 -5.22 9.42 53.50
CA SER A 30 -5.41 9.79 54.91
C SER A 30 -4.87 11.20 55.17
N GLY A 31 -5.64 11.97 55.94
CA GLY A 31 -5.25 13.31 56.34
C GLY A 31 -5.02 14.30 55.22
N GLY A 32 -5.65 14.10 54.06
CA GLY A 32 -5.48 15.02 52.95
C GLY A 32 -4.09 15.23 52.42
N ALA A 33 -3.21 14.24 52.55
CA ALA A 33 -1.80 14.44 52.20
C ALA A 33 -1.64 14.34 50.69
N LEU A 34 -2.07 15.40 50.00
CA LEU A 34 -2.15 15.49 48.56
C LEU A 34 -1.57 16.81 48.10
N ALA A 35 -0.64 16.75 47.15
CA ALA A 35 0.00 17.94 46.62
C ALA A 35 -0.20 18.01 45.11
N TRP A 36 -0.18 19.25 44.61
CA TRP A 36 -0.23 19.56 43.19
C TRP A 36 1.05 20.27 42.81
N TYR A 37 1.55 19.91 41.62
CA TYR A 37 2.76 20.45 41.04
C TYR A 37 2.47 20.91 39.62
N GLN A 38 3.23 21.92 39.20
CA GLN A 38 3.23 22.42 37.84
C GLN A 38 4.58 22.11 37.22
N GLN A 39 4.57 21.70 35.95
CA GLN A 39 5.80 21.41 35.23
C GLN A 39 5.68 21.98 33.83
N LYS A 40 6.64 22.84 33.49
CA LYS A 40 6.84 23.35 32.15
C LYS A 40 7.93 22.54 31.47
N PRO A 41 7.96 22.54 30.13
CA PRO A 41 8.98 21.77 29.41
C PRO A 41 10.40 22.08 29.85
N GLY A 42 11.15 21.02 30.13
CA GLY A 42 12.54 21.07 30.53
C GLY A 42 12.85 21.42 31.98
N GLN A 43 11.87 21.81 32.78
CA GLN A 43 12.12 22.18 34.17
C GLN A 43 11.62 21.09 35.10
N ALA A 44 12.17 21.09 36.32
CA ALA A 44 11.64 20.25 37.37
C ALA A 44 10.23 20.70 37.70
N PRO A 45 9.39 19.83 38.24
CA PRO A 45 8.10 20.28 38.76
C PRO A 45 8.28 21.35 39.85
N ARG A 46 7.23 22.15 40.00
CA ARG A 46 7.16 23.19 41.02
C ARG A 46 5.91 22.94 41.85
N LEU A 47 6.08 22.88 43.16
CA LEU A 47 4.96 22.66 44.07
C LEU A 47 4.02 23.86 44.09
N LEU A 48 2.75 23.61 43.80
CA LEU A 48 1.69 24.60 43.83
C LEU A 48 0.81 24.49 45.06
N ILE A 49 0.51 23.26 45.50
CA ILE A 49 -0.41 23.07 46.61
C ILE A 49 0.05 21.87 47.42
N TYR A 50 0.02 21.98 48.74
CA TYR A 50 0.31 20.85 49.61
C TYR A 50 -0.79 20.73 50.65
N ASP A 51 -0.86 19.56 51.27
CA ASP A 51 -1.86 19.25 52.30
C ASP A 51 -3.27 19.67 51.87
N THR A 52 -3.62 19.27 50.65
CA THR A 52 -4.94 19.46 50.03
C THR A 52 -5.23 20.89 49.62
N SER A 53 -4.99 21.85 50.52
CA SER A 53 -5.50 23.20 50.31
C SER A 53 -4.49 24.27 50.69
N SER A 54 -3.32 23.91 51.21
CA SER A 54 -2.36 24.87 51.70
C SER A 54 -1.41 25.25 50.58
N ARG A 55 -1.18 26.55 50.40
CA ARG A 55 -0.39 27.05 49.29
C ARG A 55 0.96 27.53 49.79
N PRO A 56 2.07 27.00 49.27
CA PRO A 56 3.39 27.48 49.69
C PRO A 56 3.58 28.94 49.33
N THR A 57 4.54 29.57 50.02
CA THR A 57 4.92 30.94 49.70
C THR A 57 5.48 31.04 48.29
N GLY A 58 5.12 32.11 47.59
CA GLY A 58 5.53 32.33 46.23
C GLY A 58 4.59 31.86 45.16
N VAL A 59 3.57 31.06 45.50
CA VAL A 59 2.60 30.61 44.51
C VAL A 59 1.46 31.63 44.46
N PRO A 60 1.07 32.12 43.28
CA PRO A 60 0.03 33.17 43.22
C PRO A 60 -1.30 32.65 43.77
N GLY A 61 -2.07 33.58 44.33
CA GLY A 61 -3.35 33.25 44.93
C GLY A 61 -4.42 32.76 43.97
N ARG A 62 -4.21 32.90 42.66
CA ARG A 62 -5.19 32.35 41.73
C ARG A 62 -5.22 30.82 41.74
N PHE A 63 -4.25 30.18 42.38
CA PHE A 63 -4.19 28.72 42.49
C PHE A 63 -4.82 28.28 43.78
N SER A 64 -5.70 27.29 43.71
CA SER A 64 -6.30 26.73 44.92
C SER A 64 -6.51 25.24 44.73
N GLY A 65 -6.53 24.52 45.84
CA GLY A 65 -6.73 23.08 45.82
C GLY A 65 -7.80 22.67 46.80
N SER A 66 -8.61 21.69 46.40
CA SER A 66 -9.64 21.18 47.30
C SER A 66 -9.84 19.70 47.06
N GLY A 67 -10.56 19.05 47.97
CA GLY A 67 -10.80 17.62 47.85
C GLY A 67 -11.64 16.99 48.95
N SER A 68 -10.99 16.72 50.08
CA SER A 68 -11.58 16.01 51.23
C SER A 68 -11.82 14.54 50.91
N GLY A 69 -10.80 13.87 50.37
CA GLY A 69 -10.92 12.45 50.13
C GLY A 69 -10.13 11.93 48.95
N THR A 70 -10.84 11.52 47.91
CA THR A 70 -10.25 11.01 46.68
C THR A 70 -10.38 11.92 45.48
N ASP A 71 -11.01 13.09 45.60
CA ASP A 71 -11.24 13.90 44.40
C ASP A 71 -10.74 15.33 44.61
N PHE A 72 -9.52 15.56 44.16
CA PHE A 72 -8.82 16.82 44.41
C PHE A 72 -8.89 17.63 43.13
N SER A 73 -9.47 18.80 43.23
CA SER A 73 -9.54 19.75 42.14
C SER A 73 -8.51 20.84 42.40
N LEU A 74 -7.56 20.98 41.48
CA LEU A 74 -6.79 22.20 41.40
C LEU A 74 -7.57 23.17 40.54
N THR A 75 -7.81 24.36 41.06
CA THR A 75 -8.52 25.39 40.33
C THR A 75 -7.63 26.59 40.08
N ILE A 76 -7.68 27.10 38.86
CA ILE A 76 -7.01 28.34 38.50
C ILE A 76 -8.10 29.30 38.06
N SER A 77 -8.28 30.39 38.82
CA SER A 77 -9.46 31.22 38.62
C SER A 77 -9.39 31.97 37.30
N ARG A 78 -8.17 32.26 36.84
CA ARG A 78 -7.92 33.12 35.70
C ARG A 78 -6.61 32.66 35.08
N LEU A 79 -6.72 31.76 34.09
CA LEU A 79 -5.55 31.20 33.43
C LEU A 79 -4.70 32.30 32.79
N GLU A 80 -3.53 32.53 33.35
CA GLU A 80 -2.55 33.44 32.77
C GLU A 80 -1.72 32.69 31.73
N PRO A 81 -1.07 33.41 30.81
CA PRO A 81 -0.34 32.69 29.75
C PRO A 81 0.70 31.70 30.27
N GLU A 82 1.35 32.04 31.39
CA GLU A 82 2.38 31.20 31.99
C GLU A 82 1.81 29.97 32.69
N ASP A 83 0.49 29.81 32.77
CA ASP A 83 -0.10 28.70 33.51
C ASP A 83 -0.35 27.47 32.66
N PHE A 84 -0.15 27.56 31.34
CA PHE A 84 -0.31 26.42 30.46
C PHE A 84 0.92 25.52 30.55
N ALA A 85 0.71 24.28 30.99
CA ALA A 85 1.78 23.41 31.46
C ALA A 85 1.16 22.05 31.75
N VAL A 86 1.98 21.11 32.20
CA VAL A 86 1.48 19.82 32.66
C VAL A 86 1.39 19.89 34.19
N TYR A 87 0.33 19.31 34.74
CA TYR A 87 0.09 19.35 36.18
C TYR A 87 0.04 17.93 36.72
N TYR A 88 0.71 17.70 37.84
CA TYR A 88 0.71 16.39 38.49
C TYR A 88 0.18 16.48 39.91
N CYS A 89 -0.57 15.46 40.32
CA CYS A 89 -0.97 15.29 41.70
C CYS A 89 -0.23 14.13 42.33
N GLN A 90 0.03 14.25 43.63
CA GLN A 90 0.82 13.28 44.38
C GLN A 90 0.16 13.04 45.72
N GLN A 91 -0.01 11.77 46.10
CA GLN A 91 -0.42 11.44 47.44
C GLN A 91 0.79 11.00 48.26
N TYR A 92 0.84 11.47 49.51
CA TYR A 92 1.90 11.13 50.44
C TYR A 92 1.37 10.86 51.85
N GLY A 93 0.11 10.43 51.96
CA GLY A 93 -0.43 10.06 53.25
C GLY A 93 0.00 8.72 53.78
N THR A 94 0.44 7.82 52.89
CA THR A 94 1.03 6.55 53.26
C THR A 94 2.55 6.62 53.14
N SER A 95 3.22 5.54 53.53
CA SER A 95 4.67 5.47 53.47
C SER A 95 5.20 5.17 52.07
N GLN A 96 4.32 4.96 51.09
CA GLN A 96 4.71 4.80 49.70
C GLN A 96 3.96 5.84 48.87
N SER A 97 4.64 6.95 48.57
CA SER A 97 4.02 8.04 47.84
C SER A 97 4.04 7.78 46.34
N THR A 98 3.06 8.34 45.64
CA THR A 98 2.85 8.10 44.21
C THR A 98 2.32 9.36 43.54
N PHE A 99 2.61 9.49 42.26
CA PHE A 99 2.16 10.61 41.44
C PHE A 99 1.09 10.14 40.47
N GLY A 100 0.18 11.05 40.12
CA GLY A 100 -0.73 10.81 39.02
C GLY A 100 -0.02 10.85 37.68
N GLN A 101 -0.79 10.54 36.63
CA GLN A 101 -0.23 10.44 35.29
C GLN A 101 -0.15 11.78 34.57
N GLY A 102 -0.68 12.83 35.16
CA GLY A 102 -0.58 14.18 34.62
C GLY A 102 -1.82 14.59 33.85
N THR A 103 -2.15 15.87 33.95
CA THR A 103 -3.12 16.53 33.07
C THR A 103 -2.40 17.64 32.31
N ARG A 104 -2.50 17.63 30.98
CA ARG A 104 -1.88 18.65 30.16
C ARG A 104 -2.88 19.79 29.93
N LEU A 105 -2.59 20.96 30.50
CA LEU A 105 -3.38 22.15 30.31
C LEU A 105 -2.73 22.98 29.21
N GLU A 106 -3.41 23.09 28.07
CA GLU A 106 -2.89 23.73 26.88
C GLU A 106 -3.85 24.82 26.42
N ILE A 107 -3.39 25.62 25.46
CA ILE A 107 -4.17 26.75 24.97
C ILE A 107 -5.18 26.28 23.95
N LYS A 108 -6.41 26.79 24.06
CA LYS A 108 -7.48 26.53 23.12
C LYS A 108 -7.45 27.54 21.99
N ARG A 109 -7.74 27.09 20.77
CA ARG A 109 -7.74 28.00 19.62
C ARG A 109 -8.50 27.38 18.45
N THR A 110 -8.63 28.19 17.39
CA THR A 110 -9.33 27.79 16.17
C THR A 110 -8.69 26.59 15.50
N VAL A 111 -9.53 25.67 15.00
CA VAL A 111 -9.06 24.53 14.23
C VAL A 111 -8.15 25.01 13.11
N ALA A 112 -7.01 24.34 12.93
CA ALA A 112 -6.07 24.64 11.87
C ALA A 112 -5.59 23.36 11.20
N ALA A 113 -5.81 23.24 9.88
CA ALA A 113 -5.35 22.07 9.16
C ALA A 113 -3.83 22.11 9.00
N PRO A 114 -3.18 20.94 9.02
CA PRO A 114 -1.72 20.90 8.80
C PRO A 114 -1.34 21.22 7.36
N SER A 115 -0.22 21.93 7.21
CA SER A 115 0.44 22.09 5.92
C SER A 115 1.41 20.92 5.74
N VAL A 116 1.21 20.13 4.70
CA VAL A 116 1.89 18.85 4.56
C VAL A 116 2.99 18.96 3.50
N PHE A 117 4.15 18.40 3.81
CA PHE A 117 5.30 18.42 2.90
C PHE A 117 5.97 17.06 2.94
N ILE A 118 6.37 16.53 1.78
CA ILE A 118 7.11 15.27 1.74
C ILE A 118 8.51 15.51 1.20
N PHE A 119 9.51 14.88 1.81
CA PHE A 119 10.90 14.98 1.42
C PHE A 119 11.47 13.60 1.12
N PRO A 120 11.96 13.36 -0.09
CA PRO A 120 12.64 12.10 -0.41
C PRO A 120 14.00 12.07 0.26
N PRO A 121 14.64 10.89 0.35
CA PRO A 121 16.02 10.85 0.83
C PRO A 121 16.98 11.54 -0.13
N SER A 122 18.03 12.13 0.44
CA SER A 122 19.10 12.73 -0.34
C SER A 122 19.97 11.67 -1.00
N ASP A 123 20.56 12.02 -2.14
CA ASP A 123 21.54 11.14 -2.78
C ASP A 123 22.67 10.81 -1.83
N GLU A 124 23.04 11.77 -0.96
CA GLU A 124 24.14 11.52 -0.03
C GLU A 124 23.76 10.38 0.90
N GLN A 125 22.54 10.42 1.46
CA GLN A 125 22.13 9.32 2.34
C GLN A 125 22.01 8.04 1.55
N LEU A 126 21.50 8.12 0.31
CA LEU A 126 21.37 6.93 -0.51
C LEU A 126 22.72 6.23 -0.70
N LYS A 127 23.81 7.00 -0.66
CA LYS A 127 25.13 6.40 -0.77
C LYS A 127 25.50 5.58 0.48
N SER A 128 24.84 5.83 1.62
CA SER A 128 25.03 5.07 2.85
C SER A 128 24.29 3.75 2.91
N GLY A 129 23.43 3.44 1.95
CA GLY A 129 22.66 2.21 1.99
C GLY A 129 21.31 2.28 2.69
N THR A 130 20.88 3.44 3.17
CA THR A 130 19.61 3.56 3.87
C THR A 130 18.84 4.74 3.27
N ALA A 131 17.51 4.62 3.22
CA ALA A 131 16.65 5.71 2.78
C ALA A 131 15.67 6.12 3.88
N SER A 132 15.75 7.38 4.29
CA SER A 132 14.76 7.99 5.17
C SER A 132 13.89 8.94 4.35
N VAL A 133 12.58 8.76 4.45
CA VAL A 133 11.60 9.63 3.80
C VAL A 133 10.86 10.39 4.89
N VAL A 134 10.75 11.70 4.75
CA VAL A 134 10.22 12.53 5.84
C VAL A 134 8.92 13.18 5.39
N CYS A 135 7.92 13.16 6.27
CA CYS A 135 6.68 13.89 6.08
C CYS A 135 6.53 14.90 7.22
N LEU A 136 6.29 16.16 6.86
CA LEU A 136 6.12 17.26 7.80
C LEU A 136 4.66 17.72 7.80
N LEU A 137 4.09 17.83 8.99
CA LEU A 137 2.79 18.45 9.22
C LEU A 137 3.02 19.74 10.01
N ASN A 138 2.74 20.87 9.38
CA ASN A 138 3.12 22.18 9.91
C ASN A 138 1.89 22.91 10.42
N ASN A 139 1.98 23.39 11.66
CA ASN A 139 1.07 24.40 12.23
C ASN A 139 -0.40 23.97 12.20
N PHE A 140 -0.71 22.90 12.93
CA PHE A 140 -2.06 22.37 12.98
C PHE A 140 -2.57 22.37 14.43
N TYR A 141 -3.90 22.23 14.55
CA TYR A 141 -4.60 22.15 15.84
C TYR A 141 -5.96 21.50 15.59
N PRO A 142 -6.38 20.52 16.41
CA PRO A 142 -5.76 20.04 17.65
C PRO A 142 -4.59 19.08 17.41
N ARG A 143 -4.03 18.58 18.50
CA ARG A 143 -2.78 17.83 18.43
C ARG A 143 -2.96 16.45 17.81
N GLU A 144 -4.19 15.94 17.75
CA GLU A 144 -4.42 14.64 17.16
C GLU A 144 -4.26 14.71 15.65
N ALA A 145 -3.47 13.80 15.09
CA ALA A 145 -3.25 13.70 13.66
C ALA A 145 -2.89 12.26 13.31
N LYS A 146 -3.27 11.84 12.12
CA LYS A 146 -2.98 10.49 11.64
C LYS A 146 -2.08 10.56 10.42
N VAL A 147 -0.95 9.86 10.46
CA VAL A 147 -0.02 9.80 9.35
C VAL A 147 0.12 8.35 8.91
N GLN A 148 -0.18 8.08 7.65
CA GLN A 148 0.01 6.75 7.06
C GLN A 148 1.00 6.85 5.91
N TRP A 149 1.97 5.94 5.90
CA TRP A 149 2.91 5.85 4.80
C TRP A 149 2.46 4.80 3.81
N LYS A 150 2.50 5.14 2.52
CA LYS A 150 2.16 4.19 1.47
C LYS A 150 3.29 4.17 0.45
N VAL A 151 3.74 2.97 0.13
CA VAL A 151 4.79 2.77 -0.86
C VAL A 151 4.15 1.91 -1.94
N ASP A 152 4.04 2.48 -3.14
CA ASP A 152 3.32 1.84 -4.24
C ASP A 152 1.96 1.32 -3.75
N ASN A 153 1.27 2.16 -2.97
CA ASN A 153 -0.08 1.93 -2.45
C ASN A 153 -0.08 0.95 -1.28
N ALA A 154 1.07 0.45 -0.84
CA ALA A 154 1.13 -0.53 0.24
C ALA A 154 1.34 0.22 1.56
N LEU A 155 0.42 0.00 2.50
CA LEU A 155 0.48 0.62 3.81
C LEU A 155 1.69 0.13 4.59
N GLN A 156 2.43 1.07 5.17
CA GLN A 156 3.61 0.80 5.98
C GLN A 156 3.24 0.78 7.45
N SER A 157 3.96 -0.04 8.21
CA SER A 157 3.74 -0.14 9.66
C SER A 157 4.92 -0.84 10.32
N GLY A 158 5.62 -0.13 11.20
CA GLY A 158 6.76 -0.68 11.92
C GLY A 158 8.10 -0.15 11.46
N ASN A 159 8.16 0.60 10.37
CA ASN A 159 9.40 1.18 9.86
C ASN A 159 9.32 2.70 9.77
N SER A 160 8.52 3.32 10.63
CA SER A 160 8.49 4.76 10.73
C SER A 160 8.42 5.17 12.20
N GLN A 161 8.90 6.37 12.48
CA GLN A 161 8.77 7.00 13.80
C GLN A 161 8.38 8.45 13.62
N GLU A 162 7.67 9.01 14.60
CA GLU A 162 7.27 10.40 14.51
C GLU A 162 7.49 11.11 15.84
N SER A 163 7.49 12.43 15.76
CA SER A 163 7.68 13.29 16.92
C SER A 163 6.82 14.55 16.77
N VAL A 164 6.46 15.15 17.90
CA VAL A 164 5.57 16.30 17.95
C VAL A 164 6.23 17.41 18.76
N THR A 165 6.06 18.65 18.30
CA THR A 165 6.61 19.80 19.00
C THR A 165 5.69 20.24 20.14
N GLU A 166 6.23 21.07 21.03
CA GLU A 166 5.42 21.73 22.03
C GLU A 166 4.49 22.74 21.36
N GLN A 167 3.37 23.04 22.01
CA GLN A 167 2.44 24.02 21.47
C GLN A 167 3.14 25.34 21.22
N ASP A 168 2.97 25.88 20.01
CA ASP A 168 3.78 27.02 19.60
C ASP A 168 3.38 28.24 20.43
N SER A 169 4.39 28.96 20.92
CA SER A 169 4.15 30.10 21.81
C SER A 169 3.49 31.29 21.10
N LYS A 170 3.61 31.39 19.78
CA LYS A 170 3.00 32.50 19.06
C LYS A 170 1.63 32.17 18.47
N ASP A 171 1.45 31.00 17.86
CA ASP A 171 0.22 30.70 17.15
C ASP A 171 -0.55 29.52 17.73
N SER A 172 -0.03 28.88 18.79
CA SER A 172 -0.76 27.83 19.51
C SER A 172 -1.03 26.60 18.67
N THR A 173 -0.26 26.40 17.60
CA THR A 173 -0.38 25.20 16.79
C THR A 173 0.67 24.18 17.21
N TYR A 174 0.58 22.98 16.64
CA TYR A 174 1.54 21.90 16.81
C TYR A 174 2.13 21.60 15.46
N SER A 175 3.32 21.00 15.46
CA SER A 175 3.88 20.42 14.25
C SER A 175 4.33 18.99 14.56
N LEU A 176 4.40 18.20 13.50
CA LEU A 176 4.67 16.78 13.61
C LEU A 176 5.59 16.37 12.46
N SER A 177 6.53 15.47 12.76
CA SER A 177 7.49 15.00 11.78
C SER A 177 7.53 13.48 11.85
N SER A 178 7.31 12.82 10.71
CA SER A 178 7.34 11.37 10.65
C SER A 178 8.37 10.93 9.61
N THR A 179 9.21 9.97 9.99
CA THR A 179 10.27 9.45 9.15
C THR A 179 10.06 7.96 8.92
N LEU A 180 9.98 7.57 7.65
CA LEU A 180 9.92 6.18 7.22
C LEU A 180 11.31 5.74 6.82
N THR A 181 11.81 4.65 7.40
CA THR A 181 13.15 4.17 7.13
C THR A 181 13.11 2.81 6.43
N LEU A 182 13.75 2.75 5.26
CA LEU A 182 13.86 1.55 4.44
C LEU A 182 15.33 1.33 4.09
N SER A 183 15.70 0.09 3.83
CA SER A 183 17.00 -0.13 3.21
C SER A 183 17.00 0.45 1.80
N LYS A 184 18.19 0.81 1.31
CA LYS A 184 18.28 1.30 -0.07
C LYS A 184 17.76 0.26 -1.04
N ALA A 185 18.05 -1.02 -0.77
CA ALA A 185 17.63 -2.10 -1.65
C ALA A 185 16.12 -2.18 -1.70
N ASP A 186 15.44 -2.02 -0.56
CA ASP A 186 13.98 -2.02 -0.60
C ASP A 186 13.52 -0.79 -1.36
N TYR A 187 14.16 0.36 -1.11
CA TYR A 187 13.90 1.59 -1.84
C TYR A 187 14.21 1.23 -3.29
N GLU A 188 14.13 2.18 -4.23
CA GLU A 188 14.55 1.90 -5.61
C GLU A 188 13.68 0.81 -6.24
N LYS A 189 13.45 -0.30 -5.52
CA LYS A 189 12.53 -1.33 -5.95
C LYS A 189 11.12 -0.80 -6.17
N HIS A 190 10.82 0.41 -5.69
CA HIS A 190 9.46 0.92 -5.69
C HIS A 190 9.46 2.32 -6.29
N LYS A 191 8.27 2.77 -6.70
CA LYS A 191 8.16 4.00 -7.48
C LYS A 191 7.53 5.14 -6.71
N VAL A 192 6.32 4.97 -6.17
CA VAL A 192 5.54 6.06 -5.62
C VAL A 192 5.62 6.01 -4.10
N TYR A 193 6.10 7.10 -3.50
CA TYR A 193 6.23 7.20 -2.05
C TYR A 193 5.28 8.28 -1.58
N ALA A 194 4.41 7.98 -0.63
CA ALA A 194 3.36 8.91 -0.25
C ALA A 194 3.11 8.91 1.25
N CYS A 195 2.77 10.09 1.75
CA CYS A 195 2.31 10.25 3.13
CA CYS A 195 2.34 10.29 3.13
C CYS A 195 0.91 10.84 3.12
N GLU A 196 0.01 10.17 3.83
CA GLU A 196 -1.41 10.50 3.89
C GLU A 196 -1.76 10.97 5.29
N VAL A 197 -2.37 12.16 5.36
CA VAL A 197 -2.58 12.87 6.61
C VAL A 197 -4.08 13.02 6.81
N THR A 198 -4.55 12.57 7.98
CA THR A 198 -5.93 12.76 8.39
C THR A 198 -5.95 13.63 9.63
N HIS A 199 -6.73 14.70 9.59
CA HIS A 199 -6.75 15.64 10.71
C HIS A 199 -8.14 16.26 10.78
N GLN A 200 -8.49 16.74 11.97
CA GLN A 200 -9.81 17.33 12.18
C GLN A 200 -10.04 18.53 11.27
N GLY A 201 -8.98 19.28 10.95
CA GLY A 201 -9.09 20.41 10.05
C GLY A 201 -9.14 20.07 8.59
N LEU A 202 -9.06 18.78 8.23
CA LEU A 202 -9.11 18.35 6.84
C LEU A 202 -10.45 17.68 6.56
N SER A 203 -11.14 18.16 5.52
N SER A 203 -11.14 18.16 5.52
CA SER A 203 -12.42 17.56 5.15
CA SER A 203 -12.42 17.56 5.15
C SER A 203 -12.26 16.12 4.71
C SER A 203 -12.25 16.12 4.72
N SER A 204 -11.12 15.79 4.09
CA SER A 204 -10.79 14.43 3.71
C SER A 204 -9.28 14.33 3.72
N PRO A 205 -8.72 13.11 3.71
CA PRO A 205 -7.28 12.99 3.91
C PRO A 205 -6.51 13.65 2.78
N VAL A 206 -5.34 14.18 3.13
CA VAL A 206 -4.45 14.82 2.16
C VAL A 206 -3.29 13.88 1.91
N THR A 207 -3.01 13.61 0.64
CA THR A 207 -1.86 12.79 0.30
C THR A 207 -0.83 13.62 -0.45
N LYS A 208 0.41 13.57 0.02
CA LYS A 208 1.54 14.13 -0.72
C LYS A 208 2.44 12.97 -1.11
N SER A 209 2.93 13.01 -2.34
CA SER A 209 3.69 11.88 -2.86
C SER A 209 4.76 12.38 -3.82
N PHE A 210 5.69 11.47 -4.13
CA PHE A 210 6.64 11.70 -5.19
C PHE A 210 6.96 10.38 -5.87
N ASN A 211 7.49 10.48 -7.08
CA ASN A 211 7.98 9.34 -7.83
C ASN A 211 9.50 9.32 -7.71
N ARG A 212 10.06 8.16 -7.40
CA ARG A 212 11.48 8.05 -7.17
C ARG A 212 12.27 8.35 -8.43
N GLY A 213 13.33 9.13 -8.29
CA GLY A 213 14.19 9.46 -9.41
C GLY A 213 13.64 10.52 -10.34
N GLU A 214 12.55 11.18 -9.96
CA GLU A 214 12.01 12.27 -10.77
C GLU A 214 12.13 13.61 -10.04
N GLU B 1 18.83 31.10 49.63
CA GLU B 1 17.82 30.17 49.16
C GLU B 1 18.34 28.74 49.21
N VAL B 2 17.46 27.81 49.57
CA VAL B 2 17.82 26.39 49.57
C VAL B 2 18.08 25.95 48.15
N GLN B 3 19.25 25.36 47.91
CA GLN B 3 19.67 24.98 46.58
C GLN B 3 20.23 23.56 46.59
N LEU B 4 19.79 22.76 45.61
CA LEU B 4 20.26 21.40 45.42
C LEU B 4 20.91 21.32 44.04
N VAL B 5 22.18 20.90 44.00
CA VAL B 5 22.96 20.85 42.78
C VAL B 5 23.41 19.42 42.56
N GLN B 6 22.96 18.82 41.45
CA GLN B 6 23.20 17.42 41.17
C GLN B 6 24.39 17.24 40.26
N SER B 7 24.93 16.02 40.26
CA SER B 7 26.01 15.64 39.38
C SER B 7 25.54 15.55 37.93
N GLY B 8 26.50 15.46 37.02
CA GLY B 8 26.22 15.56 35.61
C GLY B 8 25.61 14.28 35.05
N GLY B 9 24.97 14.41 33.89
CA GLY B 9 24.36 13.26 33.27
C GLY B 9 25.40 12.26 32.80
N GLU B 10 24.95 11.03 32.59
CA GLU B 10 25.88 9.97 32.22
C GLU B 10 25.14 8.89 31.43
N VAL B 11 25.88 8.21 30.56
CA VAL B 11 25.48 6.95 29.93
C VAL B 11 26.03 5.77 30.71
N LYS B 12 25.16 4.79 31.01
CA LYS B 12 25.56 3.59 31.72
C LYS B 12 25.28 2.34 30.89
N ARG B 13 26.23 1.40 30.91
CA ARG B 13 26.05 0.13 30.23
C ARG B 13 24.90 -0.65 30.89
N PRO B 14 24.20 -1.48 30.12
CA PRO B 14 23.11 -2.25 30.72
C PRO B 14 23.67 -3.28 31.69
N GLY B 15 23.06 -3.37 32.87
CA GLY B 15 23.50 -4.29 33.90
C GLY B 15 24.40 -3.68 34.93
N SER B 16 24.91 -2.48 34.67
CA SER B 16 25.83 -1.81 35.59
C SER B 16 25.04 -1.08 36.67
N SER B 17 25.71 -0.22 37.43
CA SER B 17 25.07 0.56 38.48
CA SER B 17 25.08 0.56 38.49
C SER B 17 25.50 2.01 38.38
N VAL B 18 24.58 2.92 38.67
CA VAL B 18 24.82 4.35 38.59
C VAL B 18 24.65 4.97 39.96
N THR B 19 25.51 5.94 40.27
CA THR B 19 25.38 6.76 41.47
C THR B 19 25.14 8.20 41.05
N VAL B 20 24.11 8.81 41.63
CA VAL B 20 23.81 10.23 41.44
C VAL B 20 23.92 10.91 42.80
N SER B 21 24.55 12.09 42.81
CA SER B 21 24.72 12.86 44.03
C SER B 21 23.94 14.16 43.94
N CYS B 22 23.63 14.70 45.12
CA CYS B 22 22.84 15.92 45.26
C CYS B 22 23.46 16.71 46.40
N LYS B 23 24.09 17.84 46.08
CA LYS B 23 24.71 18.69 47.08
C LYS B 23 23.68 19.72 47.53
N ALA B 24 23.34 19.68 48.81
CA ALA B 24 22.33 20.53 49.43
C ALA B 24 22.98 21.64 50.26
N THR B 25 22.54 22.87 50.01
CA THR B 25 23.03 24.04 50.73
C THR B 25 21.78 24.78 51.19
N GLY B 26 21.94 26.06 51.50
CA GLY B 26 20.79 26.91 51.71
C GLY B 26 20.31 27.00 53.15
N GLY B 27 20.03 25.85 53.76
CA GLY B 27 19.54 25.84 55.13
C GLY B 27 19.55 24.48 55.80
N THR B 28 18.60 24.24 56.69
CA THR B 28 18.54 22.98 57.42
C THR B 28 18.53 21.79 56.47
N PHE B 29 19.38 20.81 56.76
CA PHE B 29 19.56 19.59 55.98
C PHE B 29 19.18 18.34 56.75
N SER B 30 19.68 18.21 57.98
CA SER B 30 19.75 16.93 58.67
C SER B 30 18.41 16.43 59.18
N THR B 31 17.43 17.31 59.39
CA THR B 31 16.18 16.97 60.04
C THR B 31 14.99 17.03 59.08
N LEU B 32 15.23 17.06 57.77
CA LEU B 32 14.16 17.05 56.79
C LEU B 32 14.36 15.87 55.83
N ALA B 33 13.29 15.48 55.17
CA ALA B 33 13.34 14.39 54.21
C ALA B 33 13.80 14.87 52.84
N PHE B 34 14.77 14.16 52.28
CA PHE B 34 15.13 14.27 50.88
C PHE B 34 14.63 13.05 50.11
N ASN B 35 14.03 13.28 48.96
CA ASN B 35 13.40 12.23 48.17
C ASN B 35 14.06 12.21 46.80
N TRP B 36 14.08 11.03 46.18
CA TRP B 36 14.47 10.89 44.79
C TRP B 36 13.26 10.58 43.91
N VAL B 37 13.13 11.35 42.83
CA VAL B 37 12.03 11.23 41.88
C VAL B 37 12.63 11.19 40.48
N ARG B 38 12.19 10.25 39.66
CA ARG B 38 12.69 10.13 38.30
C ARG B 38 11.54 10.31 37.32
N GLN B 39 11.89 10.65 36.08
CA GLN B 39 10.91 10.93 35.04
C GLN B 39 11.46 10.43 33.72
N ALA B 40 10.84 9.40 33.17
CA ALA B 40 11.31 8.89 31.89
C ALA B 40 10.81 9.78 30.76
N PRO B 41 11.53 9.81 29.62
CA PRO B 41 11.09 10.62 28.48
C PRO B 41 9.64 10.40 28.11
N GLY B 42 8.85 11.48 28.08
CA GLY B 42 7.47 11.36 27.69
C GLY B 42 6.54 10.87 28.78
N GLN B 43 7.01 10.80 30.01
CA GLN B 43 6.27 10.21 31.12
C GLN B 43 6.20 11.19 32.28
N GLY B 44 5.54 10.75 33.34
CA GLY B 44 5.40 11.54 34.54
C GLY B 44 6.45 11.19 35.57
N PRO B 45 6.55 12.00 36.61
CA PRO B 45 7.50 11.71 37.69
C PRO B 45 7.10 10.45 38.44
N GLU B 46 8.12 9.74 38.94
CA GLU B 46 7.92 8.54 39.72
C GLU B 46 8.78 8.68 40.97
N TRP B 47 8.15 8.60 42.14
CA TRP B 47 8.89 8.63 43.38
C TRP B 47 9.64 7.32 43.57
N MET B 48 10.90 7.41 43.96
CA MET B 48 11.73 6.23 44.16
C MET B 48 12.02 5.91 45.62
N GLY B 49 12.28 6.92 46.43
CA GLY B 49 12.64 6.69 47.81
C GLY B 49 13.06 7.99 48.47
N GLY B 50 13.27 7.90 49.78
CA GLY B 50 13.71 9.08 50.52
C GLY B 50 14.60 8.73 51.69
N ILE B 51 15.24 9.78 52.22
CA ILE B 51 16.13 9.68 53.37
C ILE B 51 15.89 10.85 54.32
N VAL B 52 15.90 10.56 55.62
CA VAL B 52 16.06 11.58 56.65
C VAL B 52 17.49 11.47 57.17
N PRO B 53 18.37 12.44 56.91
CA PRO B 53 19.80 12.19 57.18
C PRO B 53 20.11 11.99 58.65
N LEU B 54 19.31 12.59 59.54
CA LEU B 54 19.60 12.64 60.98
C LEU B 54 20.00 11.27 61.54
N PHE B 55 19.16 10.26 61.29
CA PHE B 55 19.50 8.89 61.67
C PHE B 55 19.50 7.95 60.47
N SER B 56 19.62 8.49 59.27
CA SER B 56 19.69 7.71 58.04
C SER B 56 18.51 6.75 57.97
N ILE B 57 17.32 7.27 58.28
CA ILE B 57 16.07 6.56 58.05
C ILE B 57 15.73 6.58 56.57
N VAL B 58 15.50 5.41 55.98
CA VAL B 58 15.24 5.36 54.55
C VAL B 58 13.85 4.80 54.33
N ASN B 59 13.30 5.10 53.16
CA ASN B 59 12.03 4.55 52.73
C ASN B 59 12.17 4.28 51.24
N TYR B 60 12.04 3.02 50.84
CA TYR B 60 12.18 2.66 49.43
C TYR B 60 10.85 2.21 48.84
N GLY B 61 10.56 2.70 47.63
CA GLY B 61 9.45 2.19 46.86
C GLY B 61 9.55 0.69 46.69
N GLN B 62 8.41 0.00 46.63
CA GLN B 62 8.44 -1.45 46.50
C GLN B 62 9.07 -1.89 45.18
N LYS B 63 8.81 -1.14 44.10
CA LYS B 63 9.26 -1.54 42.78
C LYS B 63 10.77 -1.41 42.60
N PHE B 64 11.46 -0.68 43.49
CA PHE B 64 12.90 -0.49 43.41
C PHE B 64 13.68 -1.27 44.44
N GLN B 65 13.00 -1.94 45.38
CA GLN B 65 13.70 -2.66 46.44
C GLN B 65 14.56 -3.77 45.83
N GLY B 66 15.79 -3.88 46.34
CA GLY B 66 16.77 -4.80 45.81
C GLY B 66 17.72 -4.15 44.82
N ARG B 67 17.28 -3.08 44.17
CA ARG B 67 18.07 -2.37 43.18
C ARG B 67 18.44 -0.96 43.61
N LEU B 68 17.73 -0.38 44.57
CA LEU B 68 17.90 1.02 44.95
C LEU B 68 18.59 1.12 46.30
N THR B 69 19.58 2.01 46.39
CA THR B 69 20.14 2.42 47.65
C THR B 69 20.10 3.94 47.72
N ILE B 70 19.72 4.46 48.88
CA ILE B 70 19.78 5.89 49.17
C ILE B 70 20.65 6.11 50.40
N ARG B 71 21.55 7.08 50.31
CA ARG B 71 22.50 7.40 51.35
C ARG B 71 22.52 8.90 51.56
N ALA B 72 23.09 9.32 52.68
CA ALA B 72 23.16 10.74 53.00
C ALA B 72 24.40 11.03 53.84
N ASP B 73 25.07 12.13 53.51
CA ASP B 73 26.31 12.54 54.15
C ASP B 73 26.07 13.86 54.86
N LYS B 74 26.00 13.81 56.19
CA LYS B 74 25.75 15.03 56.97
C LYS B 74 26.98 15.92 57.04
N SER B 75 28.18 15.37 56.87
CA SER B 75 29.39 16.18 56.89
C SER B 75 29.49 17.10 55.68
N THR B 76 28.78 16.80 54.59
CA THR B 76 28.81 17.57 53.36
C THR B 76 27.41 17.85 52.83
N THR B 77 26.38 17.61 53.64
CA THR B 77 24.97 17.82 53.28
C THR B 77 24.68 17.37 51.85
N THR B 78 25.09 16.13 51.56
CA THR B 78 24.95 15.53 50.25
C THR B 78 24.16 14.23 50.39
N VAL B 79 23.19 14.02 49.50
CA VAL B 79 22.40 12.80 49.47
C VAL B 79 22.73 12.05 48.18
N PHE B 80 22.77 10.73 48.27
CA PHE B 80 23.20 9.89 47.17
C PHE B 80 22.08 8.95 46.72
N LEU B 81 22.10 8.63 45.43
CA LEU B 81 21.16 7.71 44.81
C LEU B 81 21.97 6.64 44.08
N ASP B 82 21.76 5.38 44.45
CA ASP B 82 22.44 4.27 43.81
C ASP B 82 21.40 3.33 43.21
N LEU B 83 21.55 3.00 41.94
CA LEU B 83 20.60 2.14 41.25
C LEU B 83 21.38 1.07 40.50
N SER B 84 21.20 -0.17 40.89
CA SER B 84 21.93 -1.30 40.32
C SER B 84 21.07 -2.03 39.31
N GLY B 85 21.68 -2.98 38.60
CA GLY B 85 20.92 -3.80 37.67
C GLY B 85 20.24 -3.00 36.59
N LEU B 86 20.94 -2.03 36.01
CA LEU B 86 20.28 -1.09 35.10
C LEU B 86 19.75 -1.80 33.86
N THR B 87 18.60 -1.32 33.40
CA THR B 87 18.02 -1.71 32.12
C THR B 87 17.50 -0.45 31.44
N SER B 88 17.06 -0.60 30.19
CA SER B 88 16.54 0.54 29.45
C SER B 88 15.33 1.18 30.13
N ALA B 89 14.61 0.44 30.98
CA ALA B 89 13.51 1.04 31.73
C ALA B 89 13.95 2.06 32.77
N ASP B 90 15.24 2.15 33.07
CA ASP B 90 15.74 3.15 34.01
C ASP B 90 16.27 4.41 33.34
N THR B 91 16.23 4.48 32.01
CA THR B 91 16.59 5.73 31.35
C THR B 91 15.59 6.81 31.73
N ALA B 92 16.08 7.88 32.33
CA ALA B 92 15.22 8.93 32.87
C ALA B 92 16.09 10.08 33.32
N THR B 93 15.43 11.22 33.57
CA THR B 93 16.01 12.29 34.38
C THR B 93 15.69 12.04 35.85
N TYR B 94 16.72 12.11 36.69
CA TYR B 94 16.60 11.85 38.12
C TYR B 94 16.64 13.18 38.85
N TYR B 95 15.68 13.39 39.75
CA TYR B 95 15.60 14.62 40.52
C TYR B 95 15.72 14.34 42.02
N CYS B 96 16.48 15.20 42.69
CA CYS B 96 16.57 15.19 44.14
CA CYS B 96 16.60 15.21 44.14
C CYS B 96 15.71 16.32 44.68
N ALA B 97 14.72 15.98 45.50
CA ALA B 97 13.71 16.92 45.94
C ALA B 97 13.58 16.90 47.45
N ARG B 98 13.60 18.08 48.06
CA ARG B 98 13.50 18.24 49.51
C ARG B 98 12.10 18.69 49.89
N GLU B 99 11.61 18.18 51.01
CA GLU B 99 10.32 18.60 51.50
C GLU B 99 10.41 20.07 51.91
N GLY B 100 9.28 20.76 51.91
CA GLY B 100 9.31 22.13 52.36
C GLY B 100 9.35 22.36 53.86
N GLU B 101 9.65 23.61 54.16
CA GLU B 101 9.69 24.20 55.49
C GLU B 101 8.67 25.32 55.53
N GLY B 102 7.89 25.41 56.60
CA GLY B 102 6.87 26.43 56.56
C GLY B 102 7.15 27.61 57.46
N TRP B 103 6.68 27.66 58.69
CA TRP B 103 6.91 28.91 59.40
C TRP B 103 8.11 28.74 60.33
N PHE B 104 7.89 28.52 61.64
CA PHE B 104 9.03 28.41 62.54
C PHE B 104 9.80 27.11 62.34
N GLY B 105 9.29 26.23 61.49
CA GLY B 105 9.98 25.04 61.05
C GLY B 105 9.09 24.16 60.21
N LYS B 106 8.37 23.28 60.89
CA LYS B 106 7.51 22.20 60.41
C LYS B 106 7.74 21.60 59.02
N PRO B 107 7.89 20.29 58.96
CA PRO B 107 8.04 19.58 57.69
C PRO B 107 6.74 19.64 56.89
N LEU B 108 6.82 20.00 55.62
CA LEU B 108 5.60 20.13 54.84
C LEU B 108 5.28 18.85 54.09
N ARG B 109 6.24 17.91 54.04
CA ARG B 109 6.17 16.63 53.34
C ARG B 109 6.18 16.77 51.82
N ALA B 110 5.42 17.72 51.29
CA ALA B 110 5.43 17.98 49.86
C ALA B 110 6.81 18.45 49.41
N PHE B 111 7.14 18.17 48.15
CA PHE B 111 8.49 18.37 47.62
C PHE B 111 8.58 19.79 47.09
N GLU B 112 9.16 20.70 47.88
CA GLU B 112 9.15 22.11 47.54
C GLU B 112 10.39 22.54 46.77
N PHE B 113 11.54 21.94 47.04
CA PHE B 113 12.80 22.34 46.43
C PHE B 113 13.35 21.18 45.63
N TRP B 114 13.73 21.46 44.38
CA TRP B 114 14.17 20.45 43.42
C TRP B 114 15.55 20.77 42.89
N GLY B 115 16.36 19.73 42.71
CA GLY B 115 17.59 19.84 41.95
C GLY B 115 17.32 20.09 40.48
N GLN B 116 18.40 20.33 39.73
CA GLN B 116 18.28 20.61 38.31
C GLN B 116 18.07 19.35 37.48
N GLY B 117 18.22 18.18 38.08
CA GLY B 117 18.02 16.93 37.38
C GLY B 117 19.33 16.36 36.86
N THR B 118 19.38 15.03 36.81
CA THR B 118 20.51 14.30 36.26
C THR B 118 19.99 13.35 35.21
N VAL B 119 20.44 13.51 33.97
CA VAL B 119 19.95 12.70 32.88
C VAL B 119 20.77 11.42 32.81
N ILE B 120 20.12 10.28 33.04
CA ILE B 120 20.77 8.98 32.97
C ILE B 120 20.19 8.25 31.76
N THR B 121 21.06 7.81 30.88
CA THR B 121 20.66 7.03 29.71
C THR B 121 21.29 5.66 29.84
N VAL B 122 20.48 4.62 29.88
CA VAL B 122 21.00 3.26 29.97
C VAL B 122 20.93 2.72 28.56
N SER B 123 22.09 2.44 27.99
CA SER B 123 22.18 2.05 26.59
C SER B 123 23.54 1.42 26.36
N SER B 124 23.94 1.29 25.09
CA SER B 124 25.20 0.64 24.75
C SER B 124 26.03 1.48 23.79
N ALA B 125 25.39 1.97 22.72
CA ALA B 125 26.07 2.55 21.57
C ALA B 125 27.17 3.51 21.99
N SER B 126 28.28 3.49 21.24
CA SER B 126 29.41 4.35 21.51
C SER B 126 29.10 5.78 21.06
N THR B 127 29.83 6.74 21.64
CA THR B 127 29.69 8.12 21.25
C THR B 127 29.97 8.26 19.75
N LYS B 128 29.04 8.92 19.04
CA LYS B 128 29.10 8.95 17.59
C LYS B 128 28.46 10.23 17.06
N GLY B 129 29.17 10.94 16.20
CA GLY B 129 28.62 12.14 15.61
C GLY B 129 27.59 11.77 14.56
N PRO B 130 26.70 12.71 14.23
CA PRO B 130 25.61 12.42 13.31
C PRO B 130 26.00 12.47 11.84
N SER B 131 25.06 12.02 11.01
CA SER B 131 25.06 12.25 9.58
C SER B 131 23.93 13.23 9.28
N VAL B 132 24.26 14.35 8.64
CA VAL B 132 23.31 15.43 8.39
C VAL B 132 22.91 15.39 6.93
N PHE B 133 21.63 15.18 6.67
CA PHE B 133 21.18 15.10 5.29
C PHE B 133 20.20 16.23 5.00
N PRO B 134 20.18 16.76 3.78
CA PRO B 134 19.25 17.84 3.45
C PRO B 134 17.84 17.32 3.22
N LEU B 135 16.86 18.14 3.58
CA LEU B 135 15.47 17.93 3.19
C LEU B 135 15.14 19.02 2.17
N ALA B 136 15.28 18.68 0.89
CA ALA B 136 15.30 19.72 -0.13
C ALA B 136 13.88 20.08 -0.56
N PRO B 137 13.63 21.35 -0.87
CA PRO B 137 12.28 21.76 -1.28
C PRO B 137 11.88 21.13 -2.60
N SER B 138 10.64 20.65 -2.67
CA SER B 138 10.14 20.01 -3.87
C SER B 138 10.16 21.00 -5.02
N SER B 139 10.45 20.52 -6.23
CA SER B 139 10.25 21.37 -7.39
C SER B 139 8.78 21.68 -7.59
N LYS B 140 7.90 20.70 -7.37
CA LYS B 140 6.47 20.87 -7.60
C LYS B 140 5.87 21.80 -6.54
N SER B 141 6.15 23.10 -6.74
CA SER B 141 5.72 24.17 -5.82
C SER B 141 4.19 24.23 -5.71
N THR B 142 3.71 24.98 -4.73
CA THR B 142 2.28 25.16 -4.48
C THR B 142 1.91 26.62 -4.13
N THR B 146 4.46 29.46 0.12
CA THR B 146 5.46 29.12 1.11
C THR B 146 6.03 27.73 0.83
N ALA B 147 7.34 27.57 1.00
CA ALA B 147 8.02 26.29 0.88
C ALA B 147 8.65 25.90 2.21
N ALA B 148 8.80 24.59 2.40
CA ALA B 148 9.47 24.05 3.58
C ALA B 148 10.73 23.30 3.17
N LEU B 149 11.78 23.49 3.96
CA LEU B 149 13.05 22.78 3.77
C LEU B 149 13.62 22.49 5.15
N GLY B 150 14.65 21.65 5.20
CA GLY B 150 15.17 21.24 6.48
C GLY B 150 16.39 20.37 6.35
N CYS B 151 16.80 19.80 7.49
CA CYS B 151 17.92 18.88 7.57
CA CYS B 151 17.91 18.87 7.54
C CYS B 151 17.58 17.75 8.53
N LEU B 152 17.92 16.52 8.14
CA LEU B 152 17.68 15.34 8.94
C LEU B 152 18.98 14.91 9.60
N VAL B 153 18.98 14.84 10.93
CA VAL B 153 20.18 14.60 11.72
C VAL B 153 20.05 13.19 12.27
N LYS B 154 20.70 12.22 11.63
CA LYS B 154 20.40 10.81 11.80
C LYS B 154 21.61 10.09 12.36
N ASP B 155 21.34 9.12 13.24
CA ASP B 155 22.30 8.11 13.68
C ASP B 155 23.41 8.71 14.54
N TYR B 156 23.04 9.37 15.63
CA TYR B 156 24.01 9.89 16.59
C TYR B 156 23.73 9.31 17.96
N PHE B 157 24.72 9.39 18.85
CA PHE B 157 24.51 8.92 20.22
C PHE B 157 25.60 9.50 21.10
N PRO B 158 25.30 9.92 22.34
CA PRO B 158 23.98 10.09 22.96
C PRO B 158 23.36 11.46 22.65
N GLU B 159 22.23 11.75 23.29
CA GLU B 159 21.67 13.08 23.24
C GLU B 159 22.59 14.05 23.98
N PRO B 160 22.50 15.35 23.68
CA PRO B 160 21.63 15.97 22.69
C PRO B 160 22.38 16.54 21.49
N VAL B 161 21.63 16.89 20.46
CA VAL B 161 22.14 17.59 19.27
C VAL B 161 21.45 18.94 19.22
N THR B 162 22.21 19.99 18.90
CA THR B 162 21.60 21.29 18.68
C THR B 162 21.62 21.63 17.20
N VAL B 163 20.57 22.35 16.77
CA VAL B 163 20.43 22.76 15.38
C VAL B 163 20.12 24.25 15.34
N SER B 164 20.83 24.99 14.48
CA SER B 164 20.43 26.34 14.14
C SER B 164 20.34 26.47 12.62
N TRP B 165 19.78 27.59 12.17
CA TRP B 165 19.67 27.91 10.74
C TRP B 165 20.33 29.23 10.43
N ASN B 166 21.11 29.23 9.33
CA ASN B 166 21.84 30.39 8.85
C ASN B 166 22.64 31.06 9.97
N SER B 167 23.30 30.22 10.77
CA SER B 167 24.19 30.68 11.84
C SER B 167 23.45 31.53 12.87
N GLY B 168 22.17 31.27 13.07
CA GLY B 168 21.35 32.01 13.99
C GLY B 168 20.51 33.11 13.36
N ALA B 169 20.80 33.46 12.11
CA ALA B 169 20.11 34.56 11.44
C ALA B 169 18.66 34.23 11.11
N LEU B 170 18.32 32.95 10.98
CA LEU B 170 16.98 32.51 10.62
C LEU B 170 16.34 31.83 11.81
N THR B 171 15.26 32.42 12.33
CA THR B 171 14.55 31.85 13.47
C THR B 171 13.05 31.72 13.21
N SER B 172 12.42 32.76 12.67
CA SER B 172 10.96 32.76 12.53
C SER B 172 10.50 31.65 11.60
N GLY B 173 9.73 30.72 12.14
CA GLY B 173 9.19 29.59 11.41
C GLY B 173 10.01 28.32 11.49
N VAL B 174 11.07 28.31 12.29
CA VAL B 174 11.88 27.10 12.46
C VAL B 174 11.19 26.19 13.46
N HIS B 175 11.10 24.90 13.13
CA HIS B 175 10.72 23.88 14.11
C HIS B 175 11.77 22.79 14.15
N THR B 176 12.39 22.61 15.32
CA THR B 176 13.33 21.53 15.56
C THR B 176 12.67 20.49 16.45
N PHE B 177 12.48 19.29 15.92
CA PHE B 177 11.67 18.25 16.55
C PHE B 177 12.45 17.50 17.62
N PRO B 178 11.73 16.91 18.59
CA PRO B 178 12.38 15.99 19.55
C PRO B 178 13.02 14.82 18.83
N ALA B 179 14.15 14.37 19.39
CA ALA B 179 14.82 13.20 18.83
C ALA B 179 13.98 11.94 19.04
N VAL B 180 14.21 10.97 18.17
CA VAL B 180 13.69 9.61 18.30
C VAL B 180 14.85 8.64 18.49
N LEU B 181 14.61 7.58 19.25
CA LEU B 181 15.57 6.50 19.41
C LEU B 181 15.29 5.44 18.35
N GLN B 182 16.28 5.17 17.51
CA GLN B 182 16.13 4.21 16.43
C GLN B 182 16.38 2.79 16.94
N SER B 183 15.96 1.81 16.13
CA SER B 183 16.16 0.41 16.52
C SER B 183 17.64 0.04 16.60
N SER B 184 18.51 0.83 15.95
CA SER B 184 19.96 0.66 16.05
C SER B 184 20.52 1.13 17.38
N GLY B 185 19.72 1.77 18.23
CA GLY B 185 20.25 2.37 19.44
C GLY B 185 20.80 3.77 19.27
N LEU B 186 20.71 4.35 18.08
CA LEU B 186 21.16 5.71 17.79
C LEU B 186 19.96 6.62 17.64
N TYR B 187 20.14 7.90 17.92
CA TYR B 187 19.04 8.85 17.82
C TYR B 187 18.95 9.47 16.42
N SER B 188 17.88 10.23 16.21
CA SER B 188 17.62 10.88 14.94
C SER B 188 16.55 11.96 15.14
N LEU B 189 16.73 13.10 14.48
CA LEU B 189 15.81 14.21 14.61
C LEU B 189 15.76 14.98 13.31
N SER B 190 14.71 15.79 13.15
CA SER B 190 14.50 16.59 11.95
CA SER B 190 14.51 16.59 11.94
C SER B 190 14.24 18.04 12.34
N SER B 191 14.91 18.96 11.67
CA SER B 191 14.70 20.39 11.85
C SER B 191 14.25 20.97 10.52
N VAL B 192 13.17 21.73 10.53
CA VAL B 192 12.62 22.31 9.31
C VAL B 192 12.40 23.80 9.50
N VAL B 193 12.23 24.49 8.37
CA VAL B 193 11.87 25.89 8.35
C VAL B 193 11.00 26.15 7.13
N THR B 194 9.99 27.01 7.29
CA THR B 194 9.20 27.49 6.17
C THR B 194 9.64 28.91 5.80
N VAL B 195 9.74 29.17 4.50
CA VAL B 195 10.24 30.44 3.97
C VAL B 195 9.44 30.79 2.73
N PRO B 196 9.51 32.05 2.28
CA PRO B 196 8.83 32.41 1.03
C PRO B 196 9.39 31.63 -0.15
N SER B 197 8.48 31.03 -0.93
CA SER B 197 8.85 30.35 -2.16
C SER B 197 9.66 31.23 -3.10
N SER B 198 9.33 32.53 -3.18
CA SER B 198 10.08 33.40 -4.09
C SER B 198 11.54 33.58 -3.67
N SER B 199 11.90 33.18 -2.46
CA SER B 199 13.26 33.28 -1.97
C SER B 199 14.10 32.04 -2.27
N LEU B 200 13.47 30.96 -2.74
CA LEU B 200 14.17 29.70 -2.87
C LEU B 200 15.29 29.78 -3.90
N GLY B 201 15.18 30.69 -4.86
CA GLY B 201 16.19 30.81 -5.88
C GLY B 201 17.31 31.78 -5.50
N THR B 202 17.03 32.68 -4.56
CA THR B 202 17.94 33.76 -4.24
C THR B 202 18.53 33.71 -2.84
N GLN B 203 17.84 33.11 -1.87
CA GLN B 203 18.31 33.12 -0.49
C GLN B 203 18.90 31.76 -0.15
N THR B 204 20.17 31.76 0.26
CA THR B 204 20.85 30.54 0.67
C THR B 204 20.46 30.18 2.09
N TYR B 205 20.20 28.89 2.31
CA TYR B 205 19.81 28.39 3.63
C TYR B 205 20.75 27.28 4.05
N ILE B 206 21.40 27.46 5.20
CA ILE B 206 22.38 26.52 5.73
C ILE B 206 21.94 26.11 7.12
N CYS B 207 21.92 24.80 7.38
CA CYS B 207 21.54 24.25 8.67
CA CYS B 207 21.54 24.25 8.67
C CYS B 207 22.79 23.89 9.46
N ASN B 208 22.85 24.38 10.70
CA ASN B 208 24.04 24.23 11.54
C ASN B 208 23.77 23.22 12.65
N VAL B 209 24.44 22.07 12.59
CA VAL B 209 24.24 20.98 13.54
C VAL B 209 25.48 20.86 14.41
N ASN B 210 25.28 20.73 15.72
CA ASN B 210 26.37 20.55 16.67
C ASN B 210 26.02 19.35 17.54
N HIS B 211 26.94 18.38 17.62
CA HIS B 211 26.81 17.27 18.55
C HIS B 211 28.04 17.31 19.46
N LYS B 212 27.90 17.98 20.61
CA LYS B 212 29.04 18.19 21.52
C LYS B 212 29.69 16.90 22.03
N PRO B 213 28.96 15.83 22.36
CA PRO B 213 29.63 14.62 22.88
C PRO B 213 30.67 14.03 21.93
N SER B 214 30.49 14.18 20.62
CA SER B 214 31.46 13.68 19.67
C SER B 214 32.32 14.79 19.07
N ASN B 215 32.20 16.01 19.60
CA ASN B 215 32.95 17.18 19.12
C ASN B 215 32.75 17.41 17.63
N THR B 216 31.53 17.28 17.16
CA THR B 216 31.21 17.39 15.74
C THR B 216 30.39 18.65 15.47
N LYS B 217 30.70 19.32 14.36
CA LYS B 217 29.79 20.32 13.83
C LYS B 217 29.94 20.35 12.31
N VAL B 218 28.79 20.33 11.62
CA VAL B 218 28.70 20.36 10.16
C VAL B 218 27.65 21.38 9.77
N ASP B 219 27.98 22.25 8.81
CA ASP B 219 27.00 23.17 8.24
C ASP B 219 26.76 22.72 6.80
N LYS B 220 25.51 22.33 6.52
CA LYS B 220 25.11 21.78 5.22
C LYS B 220 24.12 22.66 4.48
N LYS B 221 24.50 23.10 3.28
CA LYS B 221 23.62 23.83 2.37
C LYS B 221 22.51 22.95 1.78
N VAL B 222 21.28 23.47 1.85
CA VAL B 222 20.07 22.80 1.37
C VAL B 222 19.47 23.63 0.24
N GLU B 223 19.38 23.04 -0.95
CA GLU B 223 18.94 23.73 -2.15
C GLU B 223 17.99 22.82 -2.91
N PRO B 224 17.16 23.37 -3.81
CA PRO B 224 16.30 22.53 -4.64
C PRO B 224 17.10 21.50 -5.43
N LYS B 225 16.53 20.30 -5.53
CA LYS B 225 17.20 19.18 -6.20
C LYS B 225 17.20 19.35 -7.71
N ASP C 1 -46.17 29.52 11.06
CA ASP C 1 -45.38 29.05 9.93
C ASP C 1 -44.30 28.07 10.37
N VAL C 2 -44.55 26.79 10.09
CA VAL C 2 -43.62 25.72 10.48
C VAL C 2 -42.33 25.85 9.71
N VAL C 3 -41.21 25.92 10.43
CA VAL C 3 -39.88 26.05 9.83
C VAL C 3 -39.22 24.67 9.81
N MET C 4 -38.70 24.28 8.65
CA MET C 4 -38.00 23.01 8.49
C MET C 4 -36.51 23.30 8.32
N THR C 5 -35.68 22.68 9.17
CA THR C 5 -34.24 22.86 9.17
C THR C 5 -33.59 21.51 8.89
N GLN C 6 -32.85 21.42 7.79
CA GLN C 6 -32.18 20.19 7.41
C GLN C 6 -30.72 20.21 7.82
N SER C 7 -30.18 19.02 8.11
CA SER C 7 -28.82 18.89 8.62
C SER C 7 -28.18 17.58 8.15
N PRO C 8 -26.87 17.59 7.86
CA PRO C 8 -26.00 18.77 7.80
C PRO C 8 -26.32 19.60 6.56
N GLY C 9 -25.77 20.81 6.43
CA GLY C 9 -25.95 21.53 5.18
C GLY C 9 -25.38 20.78 3.99
N THR C 10 -24.16 20.25 4.14
CA THR C 10 -23.56 19.40 3.13
C THR C 10 -23.13 18.09 3.76
N LEU C 11 -23.50 16.97 3.14
CA LEU C 11 -23.09 15.65 3.60
C LEU C 11 -22.23 15.03 2.51
N SER C 12 -20.98 14.75 2.84
CA SER C 12 -20.01 14.24 1.86
C SER C 12 -19.68 12.79 2.19
N LEU C 13 -20.02 11.88 1.28
CA LEU C 13 -19.86 10.46 1.53
C LEU C 13 -19.39 9.76 0.26
N SER C 14 -18.98 8.50 0.42
CA SER C 14 -18.37 7.59 -0.54
C SER C 14 -19.41 6.65 -1.12
N PRO C 15 -19.29 6.27 -2.40
CA PRO C 15 -20.15 5.23 -2.96
C PRO C 15 -20.09 3.96 -2.12
N GLY C 16 -21.26 3.36 -1.87
CA GLY C 16 -21.40 2.15 -1.08
C GLY C 16 -21.55 2.37 0.40
N GLU C 17 -21.34 3.60 0.88
CA GLU C 17 -21.39 3.94 2.29
C GLU C 17 -22.84 4.21 2.69
N ARG C 18 -23.09 4.28 4.00
CA ARG C 18 -24.43 4.59 4.48
C ARG C 18 -24.61 6.09 4.65
N ALA C 19 -25.83 6.56 4.45
CA ALA C 19 -26.15 7.97 4.49
C ALA C 19 -27.31 8.24 5.44
N THR C 20 -27.18 9.31 6.23
CA THR C 20 -28.22 9.72 7.16
C THR C 20 -28.41 11.23 7.06
N LEU C 21 -29.63 11.66 6.79
CA LEU C 21 -29.98 13.06 6.61
C LEU C 21 -31.09 13.42 7.58
N SER C 22 -30.89 14.47 8.36
CA SER C 22 -31.82 14.85 9.42
C SER C 22 -32.67 16.03 8.99
N CYS C 23 -33.95 16.01 9.39
CA CYS C 23 -34.90 17.08 9.14
C CYS C 23 -35.60 17.39 10.45
N ARG C 24 -35.40 18.59 10.97
CA ARG C 24 -36.02 19.01 12.22
C ARG C 24 -37.11 20.03 11.91
N ALA C 25 -38.28 19.85 12.52
CA ALA C 25 -39.38 20.78 12.34
C ALA C 25 -39.43 21.78 13.48
N SER C 26 -39.81 23.03 13.18
CA SER C 26 -39.92 24.02 14.24
C SER C 26 -41.09 23.74 15.17
N GLN C 27 -42.03 22.88 14.75
CA GLN C 27 -43.08 22.39 15.62
C GLN C 27 -43.47 21.01 15.11
N SER C 28 -44.14 20.24 15.96
CA SER C 28 -44.45 18.86 15.63
C SER C 28 -45.27 18.81 14.35
N VAL C 29 -44.91 17.87 13.47
CA VAL C 29 -45.61 17.70 12.20
C VAL C 29 -46.84 16.85 12.45
N SER C 30 -48.01 17.37 12.07
CA SER C 30 -49.24 16.68 12.37
C SER C 30 -49.42 15.46 11.48
N GLY C 31 -49.86 14.37 12.11
CA GLY C 31 -50.13 13.13 11.40
C GLY C 31 -48.93 12.56 10.69
N GLY C 32 -47.72 12.86 11.14
CA GLY C 32 -46.53 12.35 10.49
C GLY C 32 -46.41 12.74 9.04
N ALA C 33 -46.99 13.88 8.66
CA ALA C 33 -47.09 14.31 7.26
C ALA C 33 -45.77 14.92 6.82
N LEU C 34 -44.79 14.04 6.59
CA LEU C 34 -43.42 14.43 6.28
C LEU C 34 -42.98 13.62 5.08
N ALA C 35 -42.49 14.31 4.06
CA ALA C 35 -42.01 13.68 2.84
C ALA C 35 -40.58 14.09 2.55
N TRP C 36 -39.87 13.21 1.84
CA TRP C 36 -38.53 13.46 1.35
C TRP C 36 -38.54 13.38 -0.16
N TYR C 37 -37.79 14.30 -0.78
CA TYR C 37 -37.64 14.42 -2.22
C TYR C 37 -36.16 14.48 -2.57
N GLN C 38 -35.86 13.98 -3.77
CA GLN C 38 -34.54 14.06 -4.38
C GLN C 38 -34.60 14.97 -5.60
N GLN C 39 -33.56 15.78 -5.77
CA GLN C 39 -33.45 16.66 -6.93
C GLN C 39 -32.02 16.63 -7.43
N LYS C 40 -31.88 16.33 -8.68
CA LYS C 40 -30.67 16.37 -9.48
C LYS C 40 -30.63 17.64 -10.31
N PRO C 41 -29.44 18.12 -10.66
CA PRO C 41 -29.33 19.41 -11.34
C PRO C 41 -30.16 19.48 -12.62
N GLY C 42 -30.95 20.56 -12.73
CA GLY C 42 -31.78 20.82 -13.88
C GLY C 42 -33.09 20.06 -13.95
N GLN C 43 -33.33 19.12 -13.05
CA GLN C 43 -34.54 18.30 -13.08
C GLN C 43 -35.49 18.71 -11.96
N ALA C 44 -36.76 18.38 -12.15
CA ALA C 44 -37.75 18.53 -11.08
C ALA C 44 -37.39 17.60 -9.92
N PRO C 45 -37.84 17.93 -8.71
CA PRO C 45 -37.71 16.98 -7.60
C PRO C 45 -38.43 15.65 -7.88
N ARG C 46 -37.95 14.61 -7.19
CA ARG C 46 -38.53 13.28 -7.25
C ARG C 46 -38.90 12.86 -5.83
N LEU C 47 -40.15 12.45 -5.66
CA LEU C 47 -40.60 11.98 -4.35
C LEU C 47 -39.95 10.65 -4.01
N LEU C 48 -39.25 10.61 -2.88
CA LEU C 48 -38.64 9.37 -2.39
C LEU C 48 -39.41 8.74 -1.25
N ILE C 49 -39.95 9.55 -0.35
CA ILE C 49 -40.62 9.04 0.85
C ILE C 49 -41.78 9.96 1.18
N TYR C 50 -42.93 9.39 1.54
CA TYR C 50 -44.04 10.20 1.99
C TYR C 50 -44.58 9.66 3.31
N ASP C 51 -45.35 10.53 3.98
CA ASP C 51 -45.95 10.21 5.28
C ASP C 51 -44.93 9.57 6.22
N THR C 52 -43.76 10.21 6.31
CA THR C 52 -42.64 9.85 7.19
C THR C 52 -41.88 8.61 6.72
N SER C 53 -42.59 7.54 6.38
CA SER C 53 -41.95 6.25 6.22
C SER C 53 -42.44 5.45 5.01
N SER C 54 -43.42 5.96 4.27
CA SER C 54 -44.03 5.20 3.19
C SER C 54 -43.29 5.47 1.88
N ARG C 55 -42.96 4.41 1.17
CA ARG C 55 -42.14 4.48 -0.04
C ARG C 55 -43.00 4.24 -1.27
N PRO C 56 -43.18 5.24 -2.13
CA PRO C 56 -43.98 5.04 -3.34
C PRO C 56 -43.38 3.98 -4.24
N THR C 57 -44.22 3.45 -5.13
CA THR C 57 -43.74 2.49 -6.12
C THR C 57 -42.71 3.16 -7.05
N GLY C 58 -41.67 2.40 -7.37
CA GLY C 58 -40.58 2.89 -8.19
C GLY C 58 -39.38 3.42 -7.42
N VAL C 59 -39.52 3.64 -6.12
CA VAL C 59 -38.39 4.11 -5.32
C VAL C 59 -37.65 2.89 -4.78
N PRO C 60 -36.33 2.81 -4.97
CA PRO C 60 -35.59 1.62 -4.53
C PRO C 60 -35.67 1.41 -3.03
N GLY C 61 -35.62 0.15 -2.61
CA GLY C 61 -35.69 -0.19 -1.20
C GLY C 61 -34.51 0.26 -0.37
N ARG C 62 -33.41 0.70 -1.00
CA ARG C 62 -32.29 1.23 -0.24
C ARG C 62 -32.60 2.55 0.44
N PHE C 63 -33.71 3.19 0.09
CA PHE C 63 -34.15 4.44 0.70
C PHE C 63 -35.16 4.11 1.79
N SER C 64 -34.98 4.70 2.97
CA SER C 64 -35.94 4.50 4.03
C SER C 64 -36.09 5.78 4.85
N GLY C 65 -37.24 5.94 5.47
CA GLY C 65 -37.51 7.11 6.28
C GLY C 65 -38.05 6.72 7.64
N SER C 66 -37.75 7.56 8.62
CA SER C 66 -38.28 7.36 9.97
C SER C 66 -38.34 8.71 10.66
N GLY C 67 -38.84 8.71 11.89
CA GLY C 67 -38.96 9.92 12.67
C GLY C 67 -40.39 10.18 13.08
N SER C 68 -40.55 11.27 13.83
CA SER C 68 -41.83 11.64 14.43
C SER C 68 -41.66 13.00 15.10
N GLY C 69 -42.78 13.68 15.29
CA GLY C 69 -42.75 14.94 16.01
C GLY C 69 -42.01 16.02 15.27
N THR C 70 -40.85 16.39 15.81
CA THR C 70 -39.99 17.40 15.23
C THR C 70 -38.71 16.83 14.65
N ASP C 71 -38.47 15.51 14.72
CA ASP C 71 -37.20 14.95 14.27
C ASP C 71 -37.44 13.79 13.32
N PHE C 72 -36.84 13.89 12.12
CA PHE C 72 -37.08 12.97 11.03
C PHE C 72 -35.74 12.63 10.40
N SER C 73 -35.64 11.44 9.82
CA SER C 73 -34.36 10.99 9.26
C SER C 73 -34.60 10.17 8.00
N LEU C 74 -33.92 10.54 6.93
CA LEU C 74 -33.84 9.71 5.73
C LEU C 74 -32.52 8.96 5.76
N THR C 75 -32.59 7.65 5.58
CA THR C 75 -31.43 6.79 5.55
C THR C 75 -31.29 6.13 4.18
N ILE C 76 -30.07 6.10 3.67
CA ILE C 76 -29.75 5.38 2.45
C ILE C 76 -28.76 4.29 2.82
N SER C 77 -29.18 3.03 2.65
CA SER C 77 -28.42 1.92 3.23
C SER C 77 -27.10 1.73 2.50
N ARG C 78 -27.10 1.90 1.19
CA ARG C 78 -25.93 1.68 0.35
C ARG C 78 -25.97 2.73 -0.75
N LEU C 79 -24.95 3.58 -0.82
CA LEU C 79 -24.98 4.72 -1.73
C LEU C 79 -24.40 4.31 -3.08
N GLU C 80 -25.26 4.21 -4.08
CA GLU C 80 -24.97 4.01 -5.49
C GLU C 80 -24.72 5.35 -6.16
N PRO C 81 -24.07 5.36 -7.33
CA PRO C 81 -23.73 6.65 -7.97
C PRO C 81 -24.94 7.54 -8.22
N GLU C 82 -26.10 6.98 -8.51
CA GLU C 82 -27.30 7.77 -8.79
C GLU C 82 -27.89 8.44 -7.55
N ASP C 83 -27.36 8.20 -6.35
CA ASP C 83 -27.99 8.75 -5.15
C ASP C 83 -27.43 10.09 -4.71
N PHE C 84 -26.35 10.57 -5.33
CA PHE C 84 -25.76 11.86 -5.00
C PHE C 84 -26.55 13.01 -5.63
N ALA C 85 -27.11 13.88 -4.80
CA ALA C 85 -28.16 14.81 -5.22
C ALA C 85 -28.46 15.74 -4.05
N VAL C 86 -29.40 16.65 -4.25
CA VAL C 86 -29.89 17.48 -3.15
C VAL C 86 -31.18 16.86 -2.65
N TYR C 87 -31.37 16.87 -1.34
CA TYR C 87 -32.55 16.25 -0.73
C TYR C 87 -33.32 17.31 0.05
N TYR C 88 -34.65 17.32 -0.12
CA TYR C 88 -35.51 18.24 0.60
C TYR C 88 -36.56 17.49 1.41
N CYS C 89 -36.90 18.02 2.59
CA CYS C 89 -38.00 17.49 3.38
C CYS C 89 -39.13 18.51 3.41
N GLN C 90 -40.36 18.01 3.41
CA GLN C 90 -41.56 18.84 3.31
C GLN C 90 -42.59 18.36 4.31
N GLN C 91 -43.15 19.30 5.09
CA GLN C 91 -44.30 19.02 5.93
C GLN C 91 -45.57 19.54 5.26
N TYR C 92 -46.63 18.76 5.34
CA TYR C 92 -47.93 19.11 4.78
C TYR C 92 -49.09 18.75 5.72
N GLY C 93 -48.83 18.72 7.02
CA GLY C 93 -49.88 18.51 8.02
C GLY C 93 -50.78 19.70 8.28
N THR C 94 -50.31 20.91 7.99
CA THR C 94 -51.10 22.13 8.06
C THR C 94 -51.55 22.54 6.66
N SER C 95 -52.37 23.60 6.57
CA SER C 95 -52.83 24.02 5.26
C SER C 95 -51.81 24.84 4.48
N GLN C 96 -50.66 25.16 5.06
CA GLN C 96 -49.54 25.80 4.35
C GLN C 96 -48.30 24.95 4.53
N SER C 97 -47.86 24.32 3.45
CA SER C 97 -46.71 23.44 3.48
C SER C 97 -45.43 24.26 3.34
N THR C 98 -44.32 23.65 3.76
CA THR C 98 -43.02 24.28 3.69
C THR C 98 -41.96 23.24 3.37
N PHE C 99 -40.89 23.69 2.74
CA PHE C 99 -39.77 22.83 2.39
C PHE C 99 -38.60 23.22 3.28
N GLY C 100 -37.74 22.25 3.57
CA GLY C 100 -36.48 22.57 4.19
C GLY C 100 -35.53 23.24 3.22
N GLN C 101 -34.36 23.64 3.73
CA GLN C 101 -33.43 24.38 2.90
C GLN C 101 -32.56 23.46 2.07
N GLY C 102 -32.65 22.15 2.27
CA GLY C 102 -31.95 21.18 1.47
C GLY C 102 -30.69 20.67 2.16
N THR C 103 -30.38 19.40 1.93
CA THR C 103 -29.09 18.82 2.25
C THR C 103 -28.42 18.35 0.97
N ARG C 104 -27.20 18.80 0.73
CA ARG C 104 -26.44 18.38 -0.44
C ARG C 104 -25.70 17.09 -0.12
N LEU C 105 -25.88 16.07 -0.96
CA LEU C 105 -25.19 14.80 -0.83
C LEU C 105 -24.24 14.70 -2.02
N GLU C 106 -22.95 14.75 -1.72
CA GLU C 106 -21.86 14.80 -2.68
C GLU C 106 -20.88 13.67 -2.42
N ILE C 107 -19.94 13.51 -3.35
CA ILE C 107 -18.96 12.42 -3.33
C ILE C 107 -17.82 12.83 -2.39
N LYS C 108 -16.87 11.92 -2.15
CA LYS C 108 -15.79 12.14 -1.19
C LYS C 108 -14.52 11.53 -1.77
N ARG C 109 -13.54 12.37 -2.09
CA ARG C 109 -12.30 11.92 -2.73
C ARG C 109 -11.11 12.60 -2.07
N THR C 110 -9.92 12.20 -2.49
CA THR C 110 -8.70 12.79 -1.96
C THR C 110 -8.68 14.29 -2.21
N VAL C 111 -8.23 15.05 -1.20
CA VAL C 111 -8.07 16.47 -1.38
C VAL C 111 -7.24 16.73 -2.63
N ALA C 112 -7.69 17.69 -3.44
CA ALA C 112 -7.00 18.10 -4.65
C ALA C 112 -6.95 19.62 -4.70
N ALA C 113 -5.75 20.16 -4.79
CA ALA C 113 -5.57 21.60 -4.89
C ALA C 113 -6.02 22.10 -6.26
N PRO C 114 -6.58 23.31 -6.32
CA PRO C 114 -6.95 23.89 -7.61
C PRO C 114 -5.76 24.30 -8.44
N SER C 115 -5.86 24.08 -9.75
CA SER C 115 -4.94 24.67 -10.71
C SER C 115 -5.48 26.05 -11.08
N VAL C 116 -4.72 27.09 -10.74
CA VAL C 116 -5.18 28.47 -10.87
C VAL C 116 -4.61 29.09 -12.13
N PHE C 117 -5.45 29.80 -12.86
CA PHE C 117 -5.06 30.46 -14.12
C PHE C 117 -5.69 31.84 -14.14
N ILE C 118 -4.93 32.84 -14.57
CA ILE C 118 -5.47 34.19 -14.72
C ILE C 118 -5.47 34.57 -16.20
N PHE C 119 -6.56 35.23 -16.63
CA PHE C 119 -6.74 35.68 -17.99
C PHE C 119 -6.97 37.19 -17.98
N PRO C 120 -6.14 37.96 -18.66
CA PRO C 120 -6.38 39.41 -18.80
C PRO C 120 -7.54 39.66 -19.74
N PRO C 121 -8.11 40.86 -19.75
CA PRO C 121 -9.13 41.18 -20.74
C PRO C 121 -8.55 41.18 -22.15
N SER C 122 -9.39 40.80 -23.11
CA SER C 122 -9.00 40.86 -24.51
C SER C 122 -8.95 42.30 -25.01
N ASP C 123 -8.06 42.54 -25.98
CA ASP C 123 -8.02 43.83 -26.64
C ASP C 123 -9.36 44.17 -27.27
N GLU C 124 -10.07 43.15 -27.76
CA GLU C 124 -11.37 43.41 -28.38
C GLU C 124 -12.33 43.98 -27.36
N GLN C 125 -12.40 43.36 -26.17
CA GLN C 125 -13.29 43.91 -25.15
C GLN C 125 -12.80 45.28 -24.70
N LEU C 126 -11.48 45.46 -24.60
CA LEU C 126 -10.95 46.75 -24.20
C LEU C 126 -11.41 47.85 -25.12
N LYS C 127 -11.66 47.53 -26.40
CA LYS C 127 -12.17 48.56 -27.29
C LYS C 127 -13.61 48.96 -26.96
N SER C 128 -14.33 48.11 -26.22
CA SER C 128 -15.69 48.42 -25.78
C SER C 128 -15.74 49.34 -24.57
N GLY C 129 -14.59 49.65 -23.95
CA GLY C 129 -14.57 50.47 -22.75
C GLY C 129 -14.62 49.70 -21.44
N THR C 130 -14.65 48.37 -21.47
CA THR C 130 -14.73 47.57 -20.26
C THR C 130 -13.64 46.51 -20.30
N ALA C 131 -13.08 46.18 -19.13
CA ALA C 131 -12.11 45.11 -18.97
C ALA C 131 -12.65 44.06 -18.00
N SER C 132 -12.78 42.82 -18.47
CA SER C 132 -13.08 41.68 -17.60
C SER C 132 -11.80 40.87 -17.43
N VAL C 133 -11.45 40.60 -16.17
CA VAL C 133 -10.30 39.77 -15.82
C VAL C 133 -10.84 38.50 -15.17
N VAL C 134 -10.37 37.35 -15.63
CA VAL C 134 -10.94 36.08 -15.22
C VAL C 134 -9.90 35.29 -14.44
N CYS C 135 -10.32 34.70 -13.32
CA CYS C 135 -9.49 33.76 -12.59
C CYS C 135 -10.23 32.43 -12.59
N LEU C 136 -9.51 31.38 -13.00
CA LEU C 136 -10.04 30.02 -13.08
C LEU C 136 -9.38 29.17 -12.01
N LEU C 137 -10.20 28.45 -11.26
CA LEU C 137 -9.75 27.42 -10.32
C LEU C 137 -10.22 26.08 -10.87
N ASN C 138 -9.27 25.24 -11.27
CA ASN C 138 -9.58 24.02 -12.01
C ASN C 138 -9.38 22.81 -11.11
N ASN C 139 -10.41 21.96 -11.06
CA ASN C 139 -10.33 20.58 -10.55
C ASN C 139 -9.84 20.49 -9.11
N PHE C 140 -10.60 21.06 -8.19
CA PHE C 140 -10.23 21.05 -6.78
C PHE C 140 -11.32 20.36 -5.96
N TYR C 141 -10.94 19.96 -4.74
CA TYR C 141 -11.86 19.34 -3.78
C TYR C 141 -11.26 19.51 -2.40
N PRO C 142 -12.03 19.93 -1.38
CA PRO C 142 -13.48 20.16 -1.40
C PRO C 142 -13.90 21.47 -2.04
N ARG C 143 -15.22 21.73 -2.03
CA ARG C 143 -15.77 22.84 -2.80
C ARG C 143 -15.42 24.19 -2.18
N GLU C 144 -15.16 24.24 -0.88
CA GLU C 144 -14.82 25.51 -0.25
C GLU C 144 -13.51 26.04 -0.83
N ALA C 145 -13.52 27.34 -1.18
CA ALA C 145 -12.36 27.98 -1.78
C ALA C 145 -12.53 29.49 -1.64
N LYS C 146 -11.41 30.19 -1.53
CA LYS C 146 -11.40 31.64 -1.41
C LYS C 146 -10.69 32.28 -2.59
N VAL C 147 -11.36 33.24 -3.25
CA VAL C 147 -10.80 33.97 -4.36
C VAL C 147 -10.78 35.43 -3.96
N GLN C 148 -9.59 36.03 -3.95
CA GLN C 148 -9.42 37.44 -3.68
C GLN C 148 -8.79 38.14 -4.87
N TRP C 149 -9.36 39.28 -5.27
CA TRP C 149 -8.79 40.08 -6.34
C TRP C 149 -7.95 41.20 -5.72
N LYS C 150 -6.74 41.38 -6.25
CA LYS C 150 -5.85 42.44 -5.82
C LYS C 150 -5.39 43.22 -7.05
N VAL C 151 -5.52 44.53 -6.99
CA VAL C 151 -5.07 45.37 -8.09
C VAL C 151 -4.01 46.27 -7.49
N ASP C 152 -2.77 46.11 -7.95
CA ASP C 152 -1.62 46.80 -7.36
C ASP C 152 -1.65 46.68 -5.83
N ASN C 153 -1.94 45.47 -5.34
CA ASN C 153 -1.94 45.09 -3.92
C ASN C 153 -3.20 45.60 -3.19
N ALA C 154 -4.13 46.26 -3.87
CA ALA C 154 -5.34 46.78 -3.24
C ALA C 154 -6.44 45.74 -3.40
N LEU C 155 -7.01 45.30 -2.28
CA LEU C 155 -8.09 44.32 -2.31
C LEU C 155 -9.34 44.89 -2.98
N GLN C 156 -10.04 44.02 -3.71
CA GLN C 156 -11.22 44.37 -4.48
C GLN C 156 -12.43 43.62 -3.95
N SER C 157 -13.52 44.35 -3.72
CA SER C 157 -14.78 43.76 -3.29
C SER C 157 -15.92 44.43 -4.04
N GLY C 158 -17.02 43.69 -4.21
CA GLY C 158 -18.19 44.21 -4.87
C GLY C 158 -18.06 44.46 -6.35
N ASN C 159 -16.93 44.13 -6.96
CA ASN C 159 -16.74 44.27 -8.39
C ASN C 159 -16.38 42.96 -9.07
N SER C 160 -16.55 41.84 -8.38
CA SER C 160 -16.30 40.53 -8.94
C SER C 160 -17.52 39.65 -8.74
N GLN C 161 -17.66 38.65 -9.60
CA GLN C 161 -18.68 37.62 -9.45
C GLN C 161 -18.05 36.25 -9.73
N GLU C 162 -18.59 35.21 -9.10
CA GLU C 162 -18.05 33.88 -9.32
C GLU C 162 -19.18 32.87 -9.49
N SER C 163 -18.81 31.74 -10.07
CA SER C 163 -19.71 30.61 -10.23
C SER C 163 -18.91 29.32 -10.15
N VAL C 164 -19.53 28.30 -9.56
CA VAL C 164 -18.88 27.01 -9.34
C VAL C 164 -19.61 25.96 -10.18
N THR C 165 -18.85 25.10 -10.83
CA THR C 165 -19.44 24.02 -11.60
C THR C 165 -20.02 22.96 -10.66
N GLU C 166 -20.86 22.11 -11.22
CA GLU C 166 -21.31 20.94 -10.49
C GLU C 166 -20.16 19.97 -10.29
N GLN C 167 -20.27 19.14 -9.25
CA GLN C 167 -19.24 18.15 -8.97
C GLN C 167 -19.01 17.28 -10.20
N ASP C 168 -17.74 17.15 -10.58
CA ASP C 168 -17.42 16.53 -11.86
C ASP C 168 -17.79 15.06 -11.81
N SER C 169 -18.47 14.58 -12.85
CA SER C 169 -18.97 13.22 -12.88
C SER C 169 -17.89 12.15 -12.97
N LYS C 170 -16.70 12.48 -13.48
CA LYS C 170 -15.63 11.49 -13.58
C LYS C 170 -14.64 11.54 -12.42
N ASP C 171 -14.21 12.72 -11.98
CA ASP C 171 -13.16 12.82 -10.98
C ASP C 171 -13.61 13.48 -9.67
N SER C 172 -14.88 13.89 -9.57
CA SER C 172 -15.48 14.38 -8.33
C SER C 172 -14.87 15.71 -7.87
N THR C 173 -14.25 16.46 -8.76
CA THR C 173 -13.74 17.78 -8.41
C THR C 173 -14.72 18.87 -8.80
N TYR C 174 -14.40 20.09 -8.39
CA TYR C 174 -15.15 21.28 -8.77
C TYR C 174 -14.23 22.23 -9.51
N SER C 175 -14.81 23.11 -10.31
CA SER C 175 -14.10 24.24 -10.87
C SER C 175 -14.90 25.51 -10.63
N LEU C 176 -14.19 26.64 -10.61
CA LEU C 176 -14.81 27.91 -10.25
C LEU C 176 -14.23 29.01 -11.13
N SER C 177 -15.10 29.91 -11.57
CA SER C 177 -14.70 31.05 -12.39
C SER C 177 -15.07 32.32 -11.66
N SER C 178 -14.12 33.26 -11.57
CA SER C 178 -14.39 34.56 -10.99
C SER C 178 -14.01 35.64 -11.99
N THR C 179 -14.90 36.61 -12.18
CA THR C 179 -14.70 37.69 -13.14
C THR C 179 -14.71 39.02 -12.40
N LEU C 180 -13.63 39.78 -12.55
CA LEU C 180 -13.51 41.14 -12.06
C LEU C 180 -13.80 42.07 -13.23
N THR C 181 -14.76 42.98 -13.06
CA THR C 181 -15.15 43.88 -14.14
C THR C 181 -14.79 45.31 -13.76
N LEU C 182 -14.00 45.96 -14.62
CA LEU C 182 -13.57 47.34 -14.46
C LEU C 182 -13.88 48.13 -15.72
N SER C 183 -14.06 49.44 -15.57
CA SER C 183 -14.05 50.30 -16.74
C SER C 183 -12.65 50.28 -17.37
N LYS C 184 -12.60 50.57 -18.68
CA LYS C 184 -11.29 50.64 -19.34
C LYS C 184 -10.39 51.66 -18.67
N ALA C 185 -10.94 52.81 -18.26
CA ALA C 185 -10.11 53.83 -17.65
C ALA C 185 -9.54 53.33 -16.33
N ASP C 186 -10.37 52.64 -15.56
CA ASP C 186 -9.91 52.07 -14.29
C ASP C 186 -8.88 50.98 -14.55
N TYR C 187 -9.11 50.17 -15.58
CA TYR C 187 -8.14 49.12 -15.93
C TYR C 187 -6.78 49.73 -16.24
N GLU C 188 -6.76 50.81 -17.03
CA GLU C 188 -5.52 51.45 -17.40
C GLU C 188 -4.91 52.29 -16.29
N LYS C 189 -5.65 52.52 -15.20
CA LYS C 189 -5.09 53.25 -14.06
C LYS C 189 -4.08 52.44 -13.25
N HIS C 190 -4.02 51.12 -13.42
CA HIS C 190 -3.24 50.25 -12.57
C HIS C 190 -2.34 49.31 -13.37
N LYS C 191 -1.37 48.71 -12.68
CA LYS C 191 -0.30 47.94 -13.31
C LYS C 191 -0.42 46.44 -13.06
N VAL C 192 -0.47 46.01 -11.81
CA VAL C 192 -0.36 44.60 -11.47
C VAL C 192 -1.75 44.07 -11.12
N TYR C 193 -2.20 43.05 -11.83
CA TYR C 193 -3.51 42.46 -11.60
C TYR C 193 -3.31 41.04 -11.10
N ALA C 194 -3.89 40.70 -9.95
CA ALA C 194 -3.61 39.41 -9.32
C ALA C 194 -4.86 38.80 -8.71
N CYS C 195 -4.94 37.48 -8.78
CA CYS C 195 -5.97 36.72 -8.08
CA CYS C 195 -5.97 36.69 -8.12
C CYS C 195 -5.30 35.72 -7.15
N GLU C 196 -5.76 35.71 -5.91
CA GLU C 196 -5.19 34.91 -4.83
C GLU C 196 -6.20 33.88 -4.35
N VAL C 197 -5.79 32.62 -4.34
CA VAL C 197 -6.67 31.49 -4.12
C VAL C 197 -6.21 30.79 -2.85
N THR C 198 -7.08 30.76 -1.85
CA THR C 198 -6.86 30.06 -0.61
C THR C 198 -7.71 28.80 -0.61
N HIS C 199 -7.06 27.64 -0.58
CA HIS C 199 -7.77 26.38 -0.59
C HIS C 199 -7.11 25.41 0.37
N GLN C 200 -7.92 24.49 0.91
CA GLN C 200 -7.45 23.54 1.89
C GLN C 200 -6.32 22.67 1.34
N GLY C 201 -6.41 22.27 0.08
CA GLY C 201 -5.38 21.51 -0.60
C GLY C 201 -4.14 22.30 -0.97
N LEU C 202 -4.13 23.60 -0.67
CA LEU C 202 -3.00 24.47 -0.97
C LEU C 202 -2.28 24.78 0.34
N SER C 203 -1.02 24.37 0.44
CA SER C 203 -0.24 24.58 1.65
C SER C 203 -0.30 26.03 2.11
N SER C 204 -0.13 26.96 1.17
CA SER C 204 -0.29 28.37 1.40
C SER C 204 -0.98 28.95 0.18
N PRO C 205 -1.52 30.17 0.25
CA PRO C 205 -2.36 30.66 -0.84
C PRO C 205 -1.52 30.81 -2.10
N VAL C 206 -2.17 30.63 -3.25
CA VAL C 206 -1.51 30.75 -4.56
C VAL C 206 -1.95 32.06 -5.19
N THR C 207 -0.99 32.85 -5.64
CA THR C 207 -1.29 34.08 -6.35
C THR C 207 -0.83 33.96 -7.79
N LYS C 208 -1.73 34.27 -8.72
CA LYS C 208 -1.41 34.42 -10.13
C LYS C 208 -1.63 35.88 -10.52
N SER C 209 -0.72 36.42 -11.32
CA SER C 209 -0.77 37.84 -11.62
C SER C 209 -0.26 38.09 -13.02
N PHE C 210 -0.53 39.29 -13.51
CA PHE C 210 0.07 39.76 -14.75
C PHE C 210 0.28 41.27 -14.64
N ASN C 211 1.17 41.77 -15.50
CA ASN C 211 1.40 43.20 -15.63
C ASN C 211 0.68 43.70 -16.88
N ARG C 212 -0.11 44.76 -16.70
CA ARG C 212 -0.90 45.29 -17.80
C ARG C 212 -0.01 45.77 -18.94
N GLY C 213 -0.19 45.18 -20.11
CA GLY C 213 0.56 45.55 -21.29
C GLY C 213 1.83 44.77 -21.52
N GLU C 214 2.08 43.72 -20.75
CA GLU C 214 3.25 42.88 -20.97
C GLU C 214 2.84 41.47 -21.41
N GLU D 1 -50.00 6.18 -18.23
CA GLU D 1 -48.93 7.00 -17.69
C GLU D 1 -49.42 8.44 -17.45
N VAL D 2 -49.02 9.02 -16.32
CA VAL D 2 -49.35 10.40 -16.00
C VAL D 2 -48.28 11.31 -16.60
N GLN D 3 -48.71 12.38 -17.27
CA GLN D 3 -47.78 13.33 -17.86
C GLN D 3 -48.30 14.74 -17.67
N LEU D 4 -47.44 15.63 -17.17
CA LEU D 4 -47.74 17.04 -17.00
C LEU D 4 -46.84 17.85 -17.90
N VAL D 5 -47.43 18.75 -18.68
CA VAL D 5 -46.71 19.53 -19.68
C VAL D 5 -47.03 21.00 -19.47
N GLN D 6 -46.02 21.79 -19.15
CA GLN D 6 -46.18 23.19 -18.81
C GLN D 6 -45.94 24.09 -20.00
N SER D 7 -46.43 25.32 -19.90
CA SER D 7 -46.21 26.34 -20.92
C SER D 7 -44.74 26.78 -20.93
N GLY D 8 -44.40 27.51 -21.99
CA GLY D 8 -43.02 27.85 -22.26
C GLY D 8 -42.52 28.98 -21.38
N GLY D 9 -41.20 29.10 -21.30
CA GLY D 9 -40.63 30.15 -20.48
C GLY D 9 -40.90 31.52 -21.07
N GLU D 10 -40.78 32.55 -20.24
CA GLU D 10 -41.11 33.89 -20.69
C GLU D 10 -40.34 34.92 -19.88
N VAL D 11 -40.09 36.07 -20.50
CA VAL D 11 -39.65 37.28 -19.81
C VAL D 11 -40.85 38.17 -19.50
N LYS D 12 -40.94 38.61 -18.25
CA LYS D 12 -42.00 39.51 -17.80
C LYS D 12 -41.39 40.80 -17.26
N ARG D 13 -42.04 41.94 -17.55
CA ARG D 13 -41.54 43.22 -17.08
C ARG D 13 -42.08 43.53 -15.68
N PRO D 14 -41.36 44.31 -14.88
CA PRO D 14 -41.77 44.51 -13.49
C PRO D 14 -43.11 45.21 -13.38
N GLY D 15 -43.96 44.69 -12.49
CA GLY D 15 -45.28 45.21 -12.27
C GLY D 15 -46.38 44.51 -13.04
N SER D 16 -46.02 43.68 -14.02
CA SER D 16 -47.00 42.98 -14.83
C SER D 16 -47.48 41.71 -14.13
N SER D 17 -48.33 40.96 -14.81
CA SER D 17 -48.85 39.69 -14.32
C SER D 17 -48.58 38.60 -15.34
N VAL D 18 -48.28 37.39 -14.87
CA VAL D 18 -47.94 36.26 -15.71
C VAL D 18 -48.91 35.12 -15.43
N THR D 19 -49.29 34.41 -16.48
CA THR D 19 -50.09 33.19 -16.38
C THR D 19 -49.27 32.01 -16.91
N VAL D 20 -49.21 30.94 -16.12
CA VAL D 20 -48.59 29.68 -16.53
C VAL D 20 -49.67 28.60 -16.52
N SER D 21 -49.65 27.76 -17.55
CA SER D 21 -50.60 26.66 -17.69
C SER D 21 -49.89 25.32 -17.58
N CYS D 22 -50.67 24.31 -17.21
CA CYS D 22 -50.16 22.96 -17.00
C CYS D 22 -51.20 21.98 -17.54
N LYS D 23 -50.88 21.31 -18.64
CA LYS D 23 -51.77 20.34 -19.25
C LYS D 23 -51.49 18.95 -18.71
N ALA D 24 -52.49 18.36 -18.04
CA ALA D 24 -52.36 17.05 -17.43
C ALA D 24 -53.09 16.01 -18.28
N THR D 25 -52.37 14.95 -18.65
CA THR D 25 -52.95 13.86 -19.42
C THR D 25 -52.56 12.55 -18.77
N GLY D 26 -53.43 11.55 -18.93
CA GLY D 26 -53.04 10.19 -18.58
C GLY D 26 -53.35 9.82 -17.15
N GLY D 27 -54.60 9.97 -16.73
CA GLY D 27 -54.93 9.63 -15.36
C GLY D 27 -55.92 10.55 -14.67
N THR D 28 -56.26 10.22 -13.43
CA THR D 28 -57.22 11.00 -12.65
C THR D 28 -56.85 12.47 -12.58
N PHE D 29 -57.84 13.33 -12.83
CA PHE D 29 -57.68 14.78 -12.83
C PHE D 29 -58.48 15.47 -11.74
N SER D 30 -59.82 15.32 -11.76
CA SER D 30 -60.69 16.25 -11.06
C SER D 30 -60.62 16.10 -9.54
N THR D 31 -60.30 14.90 -9.05
CA THR D 31 -60.39 14.58 -7.63
C THR D 31 -59.03 14.51 -6.94
N LEU D 32 -57.98 15.04 -7.57
CA LEU D 32 -56.67 15.08 -6.94
C LEU D 32 -56.17 16.52 -6.88
N ALA D 33 -55.22 16.76 -5.98
CA ALA D 33 -54.63 18.08 -5.84
C ALA D 33 -53.51 18.30 -6.84
N PHE D 34 -53.55 19.44 -7.53
CA PHE D 34 -52.43 19.95 -8.30
C PHE D 34 -51.82 21.13 -7.55
N ASN D 35 -50.51 21.16 -7.43
CA ASN D 35 -49.84 22.19 -6.65
C ASN D 35 -48.86 22.93 -7.55
N TRP D 36 -48.61 24.19 -7.23
CA TRP D 36 -47.54 24.96 -7.85
C TRP D 36 -46.39 25.19 -6.87
N VAL D 37 -45.18 24.89 -7.33
CA VAL D 37 -43.96 25.01 -6.56
C VAL D 37 -42.94 25.74 -7.42
N ARG D 38 -42.26 26.74 -6.86
CA ARG D 38 -41.28 27.47 -7.63
C ARG D 38 -39.91 27.32 -6.97
N GLN D 39 -38.87 27.55 -7.77
CA GLN D 39 -37.50 27.39 -7.31
C GLN D 39 -36.64 28.45 -7.98
N ALA D 40 -36.13 29.37 -7.18
CA ALA D 40 -35.28 30.43 -7.70
C ALA D 40 -33.89 29.88 -7.97
N PRO D 41 -33.13 30.49 -8.89
CA PRO D 41 -31.77 30.00 -9.18
C PRO D 41 -30.93 29.79 -7.93
N GLY D 42 -30.41 28.58 -7.76
CA GLY D 42 -29.54 28.26 -6.65
C GLY D 42 -30.26 27.95 -5.36
N GLN D 43 -31.60 28.05 -5.34
CA GLN D 43 -32.40 27.93 -4.13
C GLN D 43 -33.14 26.61 -4.10
N GLY D 44 -33.91 26.42 -3.04
CA GLY D 44 -34.74 25.24 -2.89
C GLY D 44 -36.16 25.51 -3.36
N PRO D 45 -36.95 24.44 -3.48
CA PRO D 45 -38.35 24.61 -3.87
C PRO D 45 -39.17 25.31 -2.79
N GLU D 46 -40.16 26.07 -3.24
CA GLU D 46 -41.08 26.77 -2.36
C GLU D 46 -42.50 26.51 -2.86
N TRP D 47 -43.33 25.95 -1.99
CA TRP D 47 -44.74 25.75 -2.34
C TRP D 47 -45.47 27.09 -2.37
N MET D 48 -46.28 27.28 -3.40
CA MET D 48 -47.05 28.51 -3.56
C MET D 48 -48.53 28.32 -3.30
N GLY D 49 -49.10 27.20 -3.75
CA GLY D 49 -50.52 26.98 -3.59
C GLY D 49 -50.93 25.74 -4.36
N GLY D 50 -52.19 25.35 -4.15
CA GLY D 50 -52.75 24.21 -4.84
C GLY D 50 -54.23 24.36 -5.09
N ILE D 51 -54.75 23.49 -5.94
CA ILE D 51 -56.17 23.46 -6.28
C ILE D 51 -56.62 22.00 -6.36
N VAL D 52 -57.82 21.72 -5.87
CA VAL D 52 -58.53 20.48 -6.18
C VAL D 52 -59.60 20.79 -7.20
N PRO D 53 -59.48 20.31 -8.45
CA PRO D 53 -60.34 20.84 -9.52
C PRO D 53 -61.82 20.54 -9.34
N LEU D 54 -62.17 19.46 -8.65
CA LEU D 54 -63.56 18.99 -8.60
C LEU D 54 -64.54 20.13 -8.33
N PHE D 55 -64.29 20.91 -7.28
CA PHE D 55 -65.06 22.11 -6.98
C PHE D 55 -64.17 23.34 -6.90
N SER D 56 -62.97 23.26 -7.50
CA SER D 56 -62.03 24.39 -7.55
C SER D 56 -61.76 24.91 -6.15
N ILE D 57 -61.51 23.97 -5.23
CA ILE D 57 -61.03 24.33 -3.90
C ILE D 57 -59.57 24.74 -4.01
N VAL D 58 -59.24 25.92 -3.51
CA VAL D 58 -57.88 26.41 -3.63
C VAL D 58 -57.30 26.60 -2.23
N ASN D 59 -55.98 26.60 -2.18
CA ASN D 59 -55.22 26.87 -0.97
C ASN D 59 -54.03 27.71 -1.37
N TYR D 60 -53.92 28.92 -0.83
CA TYR D 60 -52.84 29.83 -1.19
C TYR D 60 -51.89 29.99 -0.02
N GLY D 61 -50.58 29.93 -0.31
CA GLY D 61 -49.57 30.29 0.65
C GLY D 61 -49.81 31.66 1.23
N GLN D 62 -49.59 31.81 2.54
CA GLN D 62 -49.84 33.10 3.18
C GLN D 62 -49.01 34.21 2.56
N LYS D 63 -47.82 33.90 2.04
CA LYS D 63 -46.95 34.91 1.50
C LYS D 63 -47.35 35.35 0.09
N PHE D 64 -48.22 34.60 -0.59
CA PHE D 64 -48.65 34.95 -1.93
C PHE D 64 -50.07 35.48 -2.05
N GLN D 65 -50.85 35.49 -0.97
CA GLN D 65 -52.24 35.94 -1.07
C GLN D 65 -52.33 37.40 -1.48
N GLY D 66 -53.27 37.68 -2.39
CA GLY D 66 -53.44 38.97 -3.00
C GLY D 66 -52.78 39.08 -4.36
N ARG D 67 -51.74 38.28 -4.60
CA ARG D 67 -51.01 38.28 -5.86
C ARG D 67 -51.16 36.97 -6.62
N LEU D 68 -51.58 35.90 -5.96
CA LEU D 68 -51.61 34.57 -6.56
C LEU D 68 -53.05 34.18 -6.85
N THR D 69 -53.29 33.65 -8.05
CA THR D 69 -54.53 32.98 -8.40
C THR D 69 -54.19 31.61 -8.98
N ILE D 70 -54.96 30.60 -8.58
CA ILE D 70 -54.86 29.27 -9.15
C ILE D 70 -56.23 28.88 -9.71
N ARG D 71 -56.23 28.34 -10.94
CA ARG D 71 -57.44 27.97 -11.63
C ARG D 71 -57.27 26.58 -12.22
N ALA D 72 -58.40 25.98 -12.60
CA ALA D 72 -58.40 24.64 -13.18
C ALA D 72 -59.57 24.50 -14.15
N ASP D 73 -59.28 24.02 -15.36
CA ASP D 73 -60.30 23.75 -16.36
C ASP D 73 -60.43 22.23 -16.48
N LYS D 74 -61.58 21.70 -16.05
CA LYS D 74 -61.77 20.25 -16.05
C LYS D 74 -61.99 19.72 -17.46
N SER D 75 -62.70 20.49 -18.30
CA SER D 75 -62.99 20.01 -19.66
C SER D 75 -61.72 19.82 -20.47
N THR D 76 -60.70 20.64 -20.25
CA THR D 76 -59.42 20.52 -20.92
C THR D 76 -58.31 20.03 -20.01
N THR D 77 -58.67 19.55 -18.82
CA THR D 77 -57.73 19.01 -17.82
C THR D 77 -56.45 19.83 -17.72
N THR D 78 -56.61 21.15 -17.59
CA THR D 78 -55.48 22.07 -17.54
C THR D 78 -55.56 22.90 -16.26
N VAL D 79 -54.42 23.06 -15.59
CA VAL D 79 -54.32 23.84 -14.36
C VAL D 79 -53.53 25.11 -14.67
N PHE D 80 -53.94 26.21 -14.05
CA PHE D 80 -53.40 27.53 -14.36
C PHE D 80 -52.86 28.20 -13.10
N LEU D 81 -51.78 28.96 -13.27
CA LEU D 81 -51.14 29.74 -12.22
C LEU D 81 -51.09 31.19 -12.67
N ASP D 82 -51.53 32.11 -11.80
CA ASP D 82 -51.47 33.53 -12.12
C ASP D 82 -50.77 34.28 -11.01
N LEU D 83 -49.75 35.07 -11.36
CA LEU D 83 -48.98 35.83 -10.38
C LEU D 83 -48.83 37.26 -10.85
N SER D 84 -49.40 38.19 -10.10
CA SER D 84 -49.42 39.60 -10.45
C SER D 84 -48.35 40.35 -9.66
N GLY D 85 -48.17 41.62 -9.99
CA GLY D 85 -47.24 42.45 -9.24
C GLY D 85 -45.81 41.95 -9.24
N LEU D 86 -45.32 41.51 -10.39
CA LEU D 86 -44.03 40.83 -10.45
C LEU D 86 -42.89 41.75 -10.06
N THR D 87 -41.89 41.15 -9.40
CA THR D 87 -40.62 41.80 -9.12
C THR D 87 -39.51 40.80 -9.41
N SER D 88 -38.26 41.26 -9.35
CA SER D 88 -37.14 40.38 -9.62
C SER D 88 -37.08 39.20 -8.66
N ALA D 89 -37.70 39.31 -7.48
CA ALA D 89 -37.78 38.18 -6.57
C ALA D 89 -38.67 37.06 -7.07
N ASP D 90 -39.45 37.27 -8.12
CA ASP D 90 -40.29 36.22 -8.67
C ASP D 90 -39.66 35.50 -9.85
N THR D 91 -38.44 35.89 -10.25
CA THR D 91 -37.72 35.14 -11.26
C THR D 91 -37.39 33.76 -10.71
N ALA D 92 -37.86 32.72 -11.39
CA ALA D 92 -37.72 31.36 -10.89
C ALA D 92 -38.18 30.40 -11.96
N THR D 93 -37.86 29.13 -11.78
CA THR D 93 -38.54 28.06 -12.48
C THR D 93 -39.77 27.63 -11.69
N TYR D 94 -40.91 27.58 -12.38
CA TYR D 94 -42.20 27.24 -11.79
C TYR D 94 -42.55 25.82 -12.20
N TYR D 95 -42.92 24.99 -11.22
CA TYR D 95 -43.29 23.60 -11.47
C TYR D 95 -44.73 23.33 -11.05
N CYS D 96 -45.47 22.68 -11.93
CA CYS D 96 -46.80 22.17 -11.60
CA CYS D 96 -46.80 22.16 -11.63
C CYS D 96 -46.65 20.71 -11.21
N ALA D 97 -47.01 20.40 -9.96
CA ALA D 97 -46.82 19.07 -9.42
C ALA D 97 -48.14 18.53 -8.90
N ARG D 98 -48.45 17.29 -9.30
CA ARG D 98 -49.67 16.61 -8.91
C ARG D 98 -49.36 15.59 -7.83
N GLU D 99 -50.28 15.45 -6.89
CA GLU D 99 -50.10 14.44 -5.87
C GLU D 99 -50.17 13.06 -6.51
N GLY D 100 -49.57 12.09 -5.84
CA GLY D 100 -49.61 10.73 -6.31
C GLY D 100 -50.92 10.02 -6.01
N GLU D 101 -51.04 8.83 -6.61
CA GLU D 101 -52.19 7.97 -6.38
C GLU D 101 -51.68 6.71 -5.74
N GLY D 102 -52.32 6.29 -4.66
CA GLY D 102 -51.89 5.13 -3.94
C GLY D 102 -52.81 3.95 -4.06
N TRP D 103 -53.02 3.30 -2.91
CA TRP D 103 -53.79 2.08 -2.81
C TRP D 103 -55.21 2.26 -3.34
N PHE D 104 -55.55 1.57 -4.42
CA PHE D 104 -56.86 1.70 -5.07
C PHE D 104 -57.25 3.18 -5.22
N GLY D 105 -56.28 3.98 -5.65
CA GLY D 105 -56.48 5.37 -6.02
C GLY D 105 -56.36 6.36 -4.88
N LYS D 106 -56.05 5.90 -3.67
CA LYS D 106 -56.03 6.77 -2.50
C LYS D 106 -55.09 7.96 -2.71
N PRO D 107 -55.55 9.19 -2.48
CA PRO D 107 -54.66 10.34 -2.63
C PRO D 107 -53.55 10.29 -1.58
N LEU D 108 -52.31 10.48 -2.03
CA LEU D 108 -51.16 10.36 -1.13
C LEU D 108 -50.71 11.70 -0.57
N ARG D 109 -51.23 12.81 -1.12
CA ARG D 109 -50.90 14.19 -0.78
C ARG D 109 -49.50 14.64 -1.19
N ALA D 110 -48.49 13.79 -0.97
CA ALA D 110 -47.14 14.10 -1.41
C ALA D 110 -47.07 14.26 -2.92
N PHE D 111 -46.11 15.08 -3.38
CA PHE D 111 -46.06 15.50 -4.78
C PHE D 111 -45.24 14.47 -5.55
N GLU D 112 -45.92 13.55 -6.24
CA GLU D 112 -45.26 12.44 -6.89
C GLU D 112 -44.92 12.72 -8.34
N PHE D 113 -45.74 13.49 -9.04
CA PHE D 113 -45.57 13.75 -10.46
C PHE D 113 -45.35 15.23 -10.68
N TRP D 114 -44.33 15.56 -11.47
CA TRP D 114 -43.91 16.94 -11.68
C TRP D 114 -43.88 17.25 -13.17
N GLY D 115 -44.31 18.47 -13.51
CA GLY D 115 -44.11 19.02 -14.83
C GLY D 115 -42.65 19.28 -15.13
N GLN D 116 -42.39 19.66 -16.39
CA GLN D 116 -41.03 19.92 -16.83
C GLN D 116 -40.52 21.29 -16.39
N GLY D 117 -41.38 22.14 -15.85
CA GLY D 117 -40.96 23.44 -15.39
C GLY D 117 -41.16 24.53 -16.43
N THR D 118 -41.42 25.74 -15.93
CA THR D 118 -41.54 26.92 -16.77
C THR D 118 -40.59 27.97 -16.21
N VAL D 119 -39.65 28.42 -17.03
CA VAL D 119 -38.66 29.37 -16.57
C VAL D 119 -39.22 30.76 -16.78
N ILE D 120 -39.42 31.50 -15.68
CA ILE D 120 -39.92 32.86 -15.73
C ILE D 120 -38.81 33.76 -15.25
N THR D 121 -38.47 34.76 -16.06
CA THR D 121 -37.47 35.74 -15.68
C THR D 121 -38.17 37.08 -15.61
N VAL D 122 -38.15 37.71 -14.44
CA VAL D 122 -38.78 38.99 -14.25
C VAL D 122 -37.66 40.02 -14.30
N SER D 123 -37.71 40.89 -15.31
CA SER D 123 -36.64 41.84 -15.57
C SER D 123 -37.20 42.91 -16.49
N SER D 124 -36.32 43.77 -16.99
CA SER D 124 -36.75 44.85 -17.86
C SER D 124 -35.89 44.91 -19.11
N ALA D 125 -34.68 44.37 -19.03
CA ALA D 125 -33.69 44.51 -20.08
C ALA D 125 -34.24 44.01 -21.42
N SER D 126 -33.91 44.75 -22.47
CA SER D 126 -34.33 44.34 -23.80
C SER D 126 -33.48 43.16 -24.28
N THR D 127 -34.07 42.34 -25.16
CA THR D 127 -33.36 41.19 -25.70
C THR D 127 -32.08 41.64 -26.42
N LYS D 128 -30.96 41.01 -26.08
CA LYS D 128 -29.62 41.38 -26.51
C LYS D 128 -28.70 40.15 -26.58
N GLY D 129 -28.07 39.96 -27.73
CA GLY D 129 -27.12 38.89 -27.89
C GLY D 129 -25.81 39.21 -27.20
N PRO D 130 -25.06 38.17 -26.91
CA PRO D 130 -23.83 38.35 -26.14
C PRO D 130 -22.66 38.81 -26.99
N SER D 131 -21.65 39.32 -26.29
CA SER D 131 -20.34 39.59 -26.87
C SER D 131 -19.37 38.51 -26.41
N VAL D 132 -18.72 37.85 -27.37
CA VAL D 132 -17.84 36.72 -27.07
C VAL D 132 -16.40 37.18 -27.17
N PHE D 133 -15.66 37.10 -26.06
CA PHE D 133 -14.29 37.54 -26.01
C PHE D 133 -13.39 36.34 -25.73
N PRO D 134 -12.18 36.33 -26.26
CA PRO D 134 -11.29 35.20 -26.00
C PRO D 134 -10.67 35.26 -24.61
N LEU D 135 -10.47 34.08 -24.04
CA LEU D 135 -9.65 33.88 -22.85
C LEU D 135 -8.41 33.16 -23.36
N ALA D 136 -7.36 33.90 -23.62
CA ALA D 136 -6.28 33.35 -24.40
C ALA D 136 -5.35 32.58 -23.49
N PRO D 137 -4.76 31.49 -23.97
CA PRO D 137 -3.90 30.69 -23.10
C PRO D 137 -2.68 31.48 -22.67
N SER D 138 -2.35 31.35 -21.39
CA SER D 138 -1.23 32.08 -20.84
C SER D 138 0.06 31.69 -21.54
N SER D 139 0.96 32.67 -21.72
CA SER D 139 2.30 32.34 -22.17
C SER D 139 3.05 31.55 -21.11
N LYS D 140 2.86 31.89 -19.83
CA LYS D 140 3.61 31.25 -18.76
C LYS D 140 3.21 29.80 -18.49
N SER D 141 2.48 29.19 -19.42
CA SER D 141 2.03 27.81 -19.23
C SER D 141 3.22 26.87 -19.08
N THR D 142 3.00 25.77 -18.36
CA THR D 142 4.07 24.81 -18.11
C THR D 142 4.53 24.19 -19.43
N SER D 143 5.85 24.09 -19.61
CA SER D 143 6.40 23.50 -20.82
C SER D 143 6.18 21.98 -20.77
N GLY D 144 5.28 21.50 -21.63
CA GLY D 144 4.87 20.11 -21.61
C GLY D 144 3.74 19.80 -20.66
N GLY D 145 3.35 20.74 -19.81
CA GLY D 145 2.25 20.53 -18.88
C GLY D 145 0.90 20.83 -19.50
N THR D 146 0.04 21.53 -18.75
CA THR D 146 -1.32 21.82 -19.17
C THR D 146 -1.53 23.32 -19.26
N ALA D 147 -2.25 23.74 -20.29
CA ALA D 147 -2.65 25.13 -20.48
C ALA D 147 -4.16 25.23 -20.44
N ALA D 148 -4.66 26.40 -20.03
CA ALA D 148 -6.09 26.68 -20.03
C ALA D 148 -6.42 27.83 -20.96
N LEU D 149 -7.53 27.68 -21.70
CA LEU D 149 -8.05 28.72 -22.57
C LEU D 149 -9.57 28.65 -22.50
N GLY D 150 -10.23 29.67 -23.04
CA GLY D 150 -11.67 29.74 -22.92
C GLY D 150 -12.25 30.91 -23.67
N CYS D 151 -13.55 31.10 -23.50
CA CYS D 151 -14.28 32.22 -24.08
CA CYS D 151 -14.24 32.25 -24.06
C CYS D 151 -15.21 32.81 -23.03
N LEU D 152 -15.34 34.13 -23.05
CA LEU D 152 -16.18 34.86 -22.12
C LEU D 152 -17.43 35.36 -22.85
N VAL D 153 -18.59 34.94 -22.37
CA VAL D 153 -19.85 35.21 -23.05
C VAL D 153 -20.57 36.24 -22.19
N LYS D 154 -20.46 37.51 -22.58
CA LYS D 154 -20.77 38.62 -21.70
C LYS D 154 -21.94 39.43 -22.25
N ASP D 155 -22.79 39.90 -21.34
CA ASP D 155 -23.77 40.94 -21.62
C ASP D 155 -24.88 40.45 -22.56
N TYR D 156 -25.58 39.38 -22.20
CA TYR D 156 -26.72 38.92 -22.98
C TYR D 156 -27.97 38.87 -22.13
N PHE D 157 -29.12 38.81 -22.79
CA PHE D 157 -30.40 38.69 -22.11
C PHE D 157 -31.45 38.20 -23.09
N PRO D 158 -32.36 37.30 -22.67
CA PRO D 158 -32.41 36.53 -21.44
C PRO D 158 -31.58 35.24 -21.56
N GLU D 159 -31.67 34.37 -20.56
CA GLU D 159 -31.09 33.04 -20.69
C GLU D 159 -31.90 32.24 -21.72
N PRO D 160 -31.31 31.19 -22.31
CA PRO D 160 -29.96 30.68 -22.12
C PRO D 160 -29.03 30.86 -23.31
N VAL D 161 -27.76 30.52 -23.08
CA VAL D 161 -26.74 30.47 -24.12
C VAL D 161 -26.09 29.09 -24.06
N THR D 162 -25.89 28.48 -25.22
CA THR D 162 -25.18 27.21 -25.26
C THR D 162 -23.77 27.44 -25.80
N VAL D 163 -22.83 26.64 -25.30
CA VAL D 163 -21.44 26.73 -25.71
C VAL D 163 -20.97 25.33 -26.08
N SER D 164 -20.31 25.20 -27.23
CA SER D 164 -19.56 24.02 -27.59
C SER D 164 -18.14 24.42 -27.97
N TRP D 165 -17.27 23.43 -28.12
CA TRP D 165 -15.90 23.66 -28.55
C TRP D 165 -15.69 22.82 -29.80
N ASN D 166 -15.09 23.42 -30.83
CA ASN D 166 -14.84 22.75 -32.11
C ASN D 166 -16.09 22.04 -32.62
N SER D 167 -17.22 22.72 -32.53
CA SER D 167 -18.51 22.24 -33.06
C SER D 167 -18.96 20.93 -32.41
N GLY D 168 -18.59 20.70 -31.15
CA GLY D 168 -18.94 19.48 -30.47
C GLY D 168 -17.86 18.42 -30.45
N ALA D 169 -16.82 18.57 -31.28
CA ALA D 169 -15.76 17.57 -31.40
C ALA D 169 -14.90 17.47 -30.16
N LEU D 170 -14.83 18.55 -29.37
CA LEU D 170 -14.01 18.63 -28.17
C LEU D 170 -14.91 18.64 -26.95
N THR D 171 -14.80 17.59 -26.12
CA THR D 171 -15.62 17.51 -24.90
C THR D 171 -14.81 17.28 -23.64
N SER D 172 -13.63 16.67 -23.74
CA SER D 172 -12.84 16.41 -22.54
C SER D 172 -12.23 17.70 -22.01
N GLY D 173 -12.25 17.85 -20.68
CA GLY D 173 -11.68 18.98 -20.00
C GLY D 173 -12.43 20.28 -20.12
N VAL D 174 -13.61 20.28 -20.74
CA VAL D 174 -14.41 21.49 -20.86
C VAL D 174 -15.18 21.72 -19.56
N HIS D 175 -15.15 22.95 -19.07
CA HIS D 175 -16.06 23.41 -18.02
C HIS D 175 -16.77 24.68 -18.49
N THR D 176 -18.10 24.61 -18.58
CA THR D 176 -18.93 25.76 -18.89
C THR D 176 -19.64 26.17 -17.62
N PHE D 177 -19.35 27.37 -17.14
CA PHE D 177 -19.77 27.79 -15.81
C PHE D 177 -21.22 28.28 -15.84
N PRO D 178 -21.91 28.22 -14.71
CA PRO D 178 -23.24 28.85 -14.63
C PRO D 178 -23.14 30.35 -14.90
N ALA D 179 -24.17 30.89 -15.55
CA ALA D 179 -24.18 32.32 -15.79
C ALA D 179 -24.38 33.06 -14.49
N VAL D 180 -23.90 34.30 -14.45
CA VAL D 180 -24.21 35.22 -13.37
C VAL D 180 -25.02 36.39 -13.92
N LEU D 181 -25.90 36.92 -13.10
CA LEU D 181 -26.64 38.13 -13.43
C LEU D 181 -25.82 39.27 -12.85
N GLN D 182 -25.40 40.20 -13.71
CA GLN D 182 -24.59 41.33 -13.30
C GLN D 182 -25.47 42.43 -12.73
N SER D 183 -24.83 43.40 -12.07
CA SER D 183 -25.60 44.49 -11.47
C SER D 183 -26.32 45.29 -12.53
N SER D 184 -25.89 45.17 -13.79
CA SER D 184 -26.62 45.76 -14.90
C SER D 184 -27.86 44.92 -15.11
N GLY D 185 -28.12 44.48 -16.34
CA GLY D 185 -29.35 43.78 -16.61
C GLY D 185 -29.11 42.63 -17.57
N LEU D 186 -27.84 42.45 -17.91
CA LEU D 186 -27.38 41.39 -18.79
C LEU D 186 -26.63 40.32 -18.00
N TYR D 187 -26.64 39.10 -18.54
CA TYR D 187 -25.98 37.95 -17.92
C TYR D 187 -24.54 37.83 -18.42
N SER D 188 -23.79 36.92 -17.79
CA SER D 188 -22.39 36.71 -18.16
C SER D 188 -21.96 35.32 -17.68
N LEU D 189 -21.30 34.58 -18.56
CA LEU D 189 -20.76 33.26 -18.20
C LEU D 189 -19.41 33.07 -18.88
N SER D 190 -18.68 32.08 -18.38
CA SER D 190 -17.39 31.71 -18.95
C SER D 190 -17.39 30.23 -19.26
N SER D 191 -16.76 29.86 -20.37
CA SER D 191 -16.50 28.47 -20.70
C SER D 191 -15.01 28.31 -20.97
N VAL D 192 -14.38 27.34 -20.32
CA VAL D 192 -12.95 27.10 -20.45
C VAL D 192 -12.70 25.64 -20.76
N VAL D 193 -11.49 25.36 -21.24
CA VAL D 193 -11.02 24.00 -21.46
C VAL D 193 -9.52 23.97 -21.17
N THR D 194 -9.05 22.87 -20.58
CA THR D 194 -7.62 22.63 -20.42
C THR D 194 -7.14 21.63 -21.46
N VAL D 195 -5.97 21.91 -22.02
CA VAL D 195 -5.42 21.12 -23.12
C VAL D 195 -3.91 21.00 -22.95
N PRO D 196 -3.27 20.06 -23.65
CA PRO D 196 -1.81 19.96 -23.61
C PRO D 196 -1.15 21.23 -24.14
N SER D 197 -0.19 21.75 -23.36
CA SER D 197 0.61 22.89 -23.79
C SER D 197 1.26 22.68 -25.16
N SER D 198 1.69 21.46 -25.46
CA SER D 198 2.32 21.20 -26.75
C SER D 198 1.38 21.40 -27.94
N SER D 199 0.07 21.51 -27.71
CA SER D 199 -0.87 21.71 -28.80
C SER D 199 -1.12 23.18 -29.14
N LEU D 200 -0.66 24.10 -28.29
CA LEU D 200 -1.00 25.52 -28.45
C LEU D 200 -0.44 26.10 -29.74
N GLY D 201 0.62 25.50 -30.27
CA GLY D 201 1.29 25.93 -31.48
C GLY D 201 0.62 25.33 -32.69
N THR D 202 -0.12 24.24 -32.48
CA THR D 202 -0.66 23.45 -33.57
C THR D 202 -2.18 23.51 -33.64
N GLN D 203 -2.86 22.81 -32.71
CA GLN D 203 -4.31 22.71 -32.73
C GLN D 203 -4.99 24.07 -32.77
N THR D 204 -6.11 24.12 -33.50
CA THR D 204 -7.00 25.28 -33.53
C THR D 204 -8.17 25.03 -32.60
N TYR D 205 -8.40 25.97 -31.67
CA TYR D 205 -9.48 25.88 -30.71
C TYR D 205 -10.49 26.99 -31.00
N ILE D 206 -11.74 26.61 -31.26
CA ILE D 206 -12.82 27.53 -31.57
C ILE D 206 -13.99 27.25 -30.66
N CYS D 207 -14.51 28.28 -30.01
CA CYS D 207 -15.65 28.18 -29.13
CA CYS D 207 -15.65 28.17 -29.13
C CYS D 207 -16.90 28.66 -29.87
N ASN D 208 -17.94 27.84 -29.86
CA ASN D 208 -19.18 28.13 -30.59
C ASN D 208 -20.26 28.52 -29.61
N VAL D 209 -20.70 29.77 -29.68
CA VAL D 209 -21.68 30.34 -28.76
C VAL D 209 -22.97 30.54 -29.54
N ASN D 210 -24.09 30.14 -28.96
CA ASN D 210 -25.40 30.29 -29.56
C ASN D 210 -26.32 30.96 -28.53
N HIS D 211 -26.95 32.06 -28.94
CA HIS D 211 -27.99 32.73 -28.15
C HIS D 211 -29.29 32.76 -28.95
N LYS D 212 -30.14 31.76 -28.73
CA LYS D 212 -31.37 31.62 -29.50
C LYS D 212 -32.31 32.83 -29.40
N PRO D 213 -32.50 33.48 -28.24
CA PRO D 213 -33.45 34.61 -28.20
C PRO D 213 -33.16 35.76 -29.15
N SER D 214 -31.89 36.04 -29.46
CA SER D 214 -31.54 37.11 -30.38
C SER D 214 -31.08 36.63 -31.75
N ASN D 215 -31.21 35.33 -32.04
CA ASN D 215 -30.77 34.77 -33.32
C ASN D 215 -29.29 35.07 -33.56
N THR D 216 -28.48 34.84 -32.53
CA THR D 216 -27.06 35.13 -32.56
C THR D 216 -26.27 33.83 -32.51
N LYS D 217 -25.44 33.58 -33.52
CA LYS D 217 -24.44 32.53 -33.46
C LYS D 217 -23.07 33.17 -33.68
N VAL D 218 -22.11 32.82 -32.82
CA VAL D 218 -20.75 33.33 -32.90
C VAL D 218 -19.76 32.18 -32.75
N ASP D 219 -18.77 32.11 -33.65
CA ASP D 219 -17.65 31.19 -33.51
C ASP D 219 -16.40 32.04 -33.30
N LYS D 220 -15.77 31.88 -32.14
CA LYS D 220 -14.61 32.70 -31.78
C LYS D 220 -13.35 31.85 -31.68
N LYS D 221 -12.36 32.14 -32.53
CA LYS D 221 -11.04 31.52 -32.42
C LYS D 221 -10.25 32.06 -31.22
N VAL D 222 -9.69 31.14 -30.43
CA VAL D 222 -8.93 31.49 -29.24
C VAL D 222 -7.49 31.02 -29.42
N GLU D 223 -6.55 31.95 -29.42
CA GLU D 223 -5.16 31.62 -29.71
C GLU D 223 -4.25 32.36 -28.75
N PRO D 224 -3.02 31.88 -28.56
CA PRO D 224 -2.06 32.61 -27.72
C PRO D 224 -1.79 34.03 -28.21
N LYS D 225 -1.68 34.96 -27.27
CA LYS D 225 -1.46 36.35 -27.63
C LYS D 225 -0.02 36.55 -28.08
N SER D 226 0.23 37.65 -28.79
CA SER D 226 1.59 37.96 -29.23
C SER D 226 2.20 39.08 -28.38
N ASP E 1 43.44 1.44 -11.02
CA ASP E 1 42.84 0.12 -10.87
C ASP E 1 41.33 0.22 -10.69
N VAL E 2 40.69 1.01 -11.56
CA VAL E 2 39.26 1.27 -11.54
C VAL E 2 38.51 -0.01 -11.92
N VAL E 3 37.20 -0.05 -11.66
CA VAL E 3 36.36 -1.20 -11.94
C VAL E 3 35.06 -0.71 -12.58
N MET E 4 34.68 -1.31 -13.72
CA MET E 4 33.44 -0.97 -14.40
C MET E 4 32.44 -2.10 -14.18
N THR E 5 31.27 -1.76 -13.65
CA THR E 5 30.21 -2.72 -13.36
C THR E 5 28.97 -2.36 -14.15
N GLN E 6 28.53 -3.26 -15.03
CA GLN E 6 27.35 -2.99 -15.83
C GLN E 6 26.11 -3.65 -15.25
N SER E 7 24.94 -3.16 -15.68
CA SER E 7 23.68 -3.59 -15.12
C SER E 7 22.57 -3.42 -16.16
N PRO E 8 21.73 -4.45 -16.36
CA PRO E 8 21.82 -5.81 -15.82
C PRO E 8 22.80 -6.66 -16.63
N GLY E 9 23.13 -7.87 -16.16
CA GLY E 9 23.93 -8.76 -16.98
C GLY E 9 23.24 -9.11 -18.28
N THR E 10 21.95 -9.43 -18.21
CA THR E 10 21.13 -9.67 -19.38
C THR E 10 19.92 -8.76 -19.26
N LEU E 11 19.62 -8.04 -20.34
CA LEU E 11 18.45 -7.16 -20.43
C LEU E 11 17.53 -7.73 -21.49
N SER E 12 16.32 -8.13 -21.10
CA SER E 12 15.42 -8.78 -22.05
C SER E 12 14.23 -7.89 -22.36
N LEU E 13 14.13 -7.47 -23.62
CA LEU E 13 13.11 -6.52 -24.05
C LEU E 13 12.61 -6.91 -25.42
N SER E 14 11.51 -6.26 -25.84
CA SER E 14 10.74 -6.49 -27.05
C SER E 14 11.15 -5.52 -28.15
N PRO E 15 11.13 -5.96 -29.41
CA PRO E 15 11.34 -5.02 -30.52
C PRO E 15 10.37 -3.84 -30.41
N GLY E 16 10.90 -2.63 -30.63
CA GLY E 16 10.10 -1.44 -30.53
C GLY E 16 10.06 -0.81 -29.15
N GLU E 17 10.57 -1.50 -28.13
CA GLU E 17 10.50 -1.02 -26.76
C GLU E 17 11.68 -0.07 -26.49
N ARG E 18 11.61 0.62 -25.36
CA ARG E 18 12.66 1.54 -24.94
C ARG E 18 13.64 0.82 -24.02
N ALA E 19 14.93 1.02 -24.26
CA ALA E 19 15.98 0.32 -23.53
C ALA E 19 16.90 1.30 -22.81
N THR E 20 17.30 0.93 -21.58
CA THR E 20 18.26 1.70 -20.81
C THR E 20 19.25 0.74 -20.16
N LEU E 21 20.54 1.02 -20.32
CA LEU E 21 21.63 0.17 -19.84
C LEU E 21 22.50 1.00 -18.91
N SER E 22 22.83 0.44 -17.73
CA SER E 22 23.53 1.16 -16.68
C SER E 22 24.98 0.72 -16.58
N CYS E 23 25.86 1.68 -16.31
CA CYS E 23 27.29 1.44 -16.12
C CYS E 23 27.75 2.25 -14.92
N ARG E 24 28.42 1.59 -13.97
CA ARG E 24 28.86 2.23 -12.75
C ARG E 24 30.37 2.10 -12.62
N ALA E 25 31.03 3.21 -12.29
CA ALA E 25 32.48 3.23 -12.09
C ALA E 25 32.83 3.15 -10.61
N SER E 26 33.93 2.45 -10.30
CA SER E 26 34.37 2.39 -8.91
C SER E 26 34.94 3.71 -8.40
N GLN E 27 35.25 4.66 -9.29
CA GLN E 27 35.61 6.02 -8.91
C GLN E 27 35.21 6.97 -10.02
N SER E 28 35.13 8.25 -9.70
CA SER E 28 34.63 9.24 -10.65
C SER E 28 35.49 9.25 -11.92
N VAL E 29 34.81 9.30 -13.06
CA VAL E 29 35.48 9.32 -14.36
C VAL E 29 35.86 10.75 -14.72
N SER E 30 37.13 10.98 -15.00
CA SER E 30 37.60 12.34 -15.27
C SER E 30 37.18 12.79 -16.65
N GLY E 31 36.72 14.04 -16.73
CA GLY E 31 36.34 14.65 -18.00
C GLY E 31 35.25 13.95 -18.77
N GLY E 32 34.39 13.20 -18.09
CA GLY E 32 33.31 12.49 -18.78
C GLY E 32 33.79 11.51 -19.83
N ALA E 33 35.00 10.98 -19.68
CA ALA E 33 35.63 10.14 -20.70
C ALA E 33 35.06 8.73 -20.62
N LEU E 34 33.85 8.59 -21.11
CA LEU E 34 33.08 7.35 -21.02
C LEU E 34 32.51 7.06 -22.40
N ALA E 35 32.74 5.85 -22.90
CA ALA E 35 32.25 5.44 -24.19
C ALA E 35 31.42 4.17 -24.07
N TRP E 36 30.50 4.02 -25.02
CA TRP E 36 29.67 2.84 -25.16
C TRP E 36 29.94 2.24 -26.54
N TYR E 37 30.00 0.90 -26.57
CA TYR E 37 30.23 0.12 -27.77
C TYR E 37 29.17 -0.96 -27.88
N GLN E 38 28.85 -1.32 -29.12
CA GLN E 38 27.98 -2.42 -29.46
C GLN E 38 28.80 -3.51 -30.14
N GLN E 39 28.49 -4.76 -29.82
CA GLN E 39 29.15 -5.91 -30.42
C GLN E 39 28.12 -6.97 -30.75
N LYS E 40 28.15 -7.40 -31.99
CA LYS E 40 27.45 -8.51 -32.61
C LYS E 40 28.37 -9.72 -32.72
N PRO E 41 27.81 -10.92 -32.65
CA PRO E 41 28.65 -12.13 -32.74
C PRO E 41 29.53 -12.15 -33.98
N GLY E 42 30.81 -12.42 -33.75
CA GLY E 42 31.82 -12.53 -34.78
C GLY E 42 32.39 -11.22 -35.31
N GLN E 43 31.83 -10.07 -34.92
CA GLN E 43 32.30 -8.79 -35.41
C GLN E 43 33.07 -8.06 -34.32
N ALA E 44 33.92 -7.13 -34.76
CA ALA E 44 34.57 -6.23 -33.82
C ALA E 44 33.49 -5.36 -33.15
N PRO E 45 33.77 -4.83 -31.96
CA PRO E 45 32.85 -3.82 -31.41
C PRO E 45 32.74 -2.61 -32.33
N ARG E 46 31.63 -1.92 -32.20
CA ARG E 46 31.37 -0.69 -32.95
C ARG E 46 31.07 0.41 -31.93
N LEU E 47 31.80 1.52 -32.05
CA LEU E 47 31.61 2.65 -31.15
C LEU E 47 30.27 3.32 -31.41
N LEU E 48 29.46 3.41 -30.34
CA LEU E 48 28.17 4.07 -30.38
C LEU E 48 28.18 5.45 -29.73
N ILE E 49 28.92 5.60 -28.63
CA ILE E 49 28.91 6.84 -27.87
C ILE E 49 30.29 7.08 -27.31
N TYR E 50 30.77 8.32 -27.37
CA TYR E 50 32.02 8.67 -26.74
C TYR E 50 31.82 9.93 -25.91
N ASP E 51 32.75 10.16 -24.98
CA ASP E 51 32.70 11.30 -24.08
C ASP E 51 31.31 11.49 -23.47
N THR E 52 30.76 10.38 -22.95
CA THR E 52 29.47 10.33 -22.24
C THR E 52 28.27 10.46 -23.16
N SER E 53 28.29 11.44 -24.07
CA SER E 53 27.08 11.83 -24.77
C SER E 53 27.28 12.10 -26.25
N SER E 54 28.49 12.03 -26.77
CA SER E 54 28.77 12.42 -28.14
C SER E 54 28.63 11.22 -29.06
N ARG E 55 27.85 11.40 -30.13
CA ARG E 55 27.52 10.32 -31.05
C ARG E 55 28.39 10.43 -32.30
N PRO E 56 29.22 9.44 -32.61
CA PRO E 56 30.02 9.52 -33.84
C PRO E 56 29.14 9.53 -35.07
N THR E 57 29.73 9.99 -36.17
CA THR E 57 29.02 9.96 -37.44
C THR E 57 28.73 8.52 -37.86
N GLY E 58 27.53 8.30 -38.40
CA GLY E 58 27.09 6.99 -38.79
C GLY E 58 26.29 6.23 -37.77
N VAL E 59 26.25 6.70 -36.52
CA VAL E 59 25.46 6.05 -35.48
C VAL E 59 24.05 6.64 -35.46
N PRO E 60 23.01 5.81 -35.51
CA PRO E 60 21.64 6.34 -35.58
C PRO E 60 21.29 7.15 -34.34
N GLY E 61 20.39 8.13 -34.55
CA GLY E 61 19.97 9.00 -33.47
C GLY E 61 19.17 8.32 -32.38
N ARG E 62 18.73 7.08 -32.58
CA ARG E 62 18.04 6.36 -31.52
C ARG E 62 18.95 6.01 -30.36
N PHE E 63 20.26 6.16 -30.52
CA PHE E 63 21.24 5.89 -29.48
C PHE E 63 21.58 7.19 -28.77
N SER E 64 21.57 7.18 -27.43
CA SER E 64 21.98 8.35 -26.69
C SER E 64 22.69 7.93 -25.42
N GLY E 65 23.56 8.80 -24.93
CA GLY E 65 24.32 8.53 -23.73
C GLY E 65 24.22 9.68 -22.75
N SER E 66 24.01 9.35 -21.48
CA SER E 66 23.93 10.35 -20.43
C SER E 66 24.63 9.81 -19.19
N GLY E 67 24.68 10.62 -18.15
CA GLY E 67 25.33 10.24 -16.92
C GLY E 67 26.46 11.19 -16.56
N SER E 68 27.08 10.89 -15.42
CA SER E 68 28.11 11.74 -14.84
C SER E 68 28.67 11.03 -13.62
N GLY E 69 29.90 11.42 -13.25
CA GLY E 69 30.49 10.89 -12.05
C GLY E 69 30.80 9.42 -12.17
N THR E 70 30.05 8.62 -11.41
CA THR E 70 30.19 7.17 -11.43
C THR E 70 29.02 6.46 -12.08
N ASP E 71 28.00 7.17 -12.57
CA ASP E 71 26.81 6.51 -13.09
C ASP E 71 26.46 7.01 -14.47
N PHE E 72 26.37 6.09 -15.43
CA PHE E 72 26.18 6.42 -16.84
C PHE E 72 25.12 5.48 -17.41
N SER E 73 24.42 5.96 -18.44
CA SER E 73 23.31 5.21 -19.01
C SER E 73 23.26 5.40 -20.52
N LEU E 74 23.17 4.28 -21.23
CA LEU E 74 22.91 4.29 -22.67
C LEU E 74 21.43 4.02 -22.88
N THR E 75 20.77 4.87 -23.67
CA THR E 75 19.35 4.71 -23.97
C THR E 75 19.15 4.47 -25.46
N ILE E 76 18.29 3.51 -25.77
CA ILE E 76 17.86 3.24 -27.14
C ILE E 76 16.36 3.46 -27.21
N SER E 77 15.95 4.44 -28.01
CA SER E 77 14.57 4.93 -27.95
C SER E 77 13.61 3.89 -28.50
N ARG E 78 13.89 3.38 -29.70
CA ARG E 78 13.07 2.38 -30.38
C ARG E 78 13.99 1.21 -30.76
N LEU E 79 13.90 0.12 -30.01
CA LEU E 79 14.76 -1.03 -30.25
C LEU E 79 14.45 -1.65 -31.61
N GLU E 80 15.36 -1.50 -32.55
CA GLU E 80 15.26 -2.14 -33.85
C GLU E 80 15.84 -3.55 -33.77
N PRO E 81 15.49 -4.44 -34.71
CA PRO E 81 15.97 -5.83 -34.58
C PRO E 81 17.49 -5.92 -34.50
N GLU E 82 18.20 -5.04 -35.20
CA GLU E 82 19.66 -5.03 -35.21
C GLU E 82 20.27 -4.51 -33.92
N ASP E 83 19.48 -4.04 -32.96
CA ASP E 83 20.05 -3.44 -31.76
C ASP E 83 20.24 -4.45 -30.63
N PHE E 84 19.74 -5.67 -30.79
CA PHE E 84 19.93 -6.71 -29.79
C PHE E 84 21.33 -7.29 -29.96
N ALA E 85 22.17 -7.14 -28.92
CA ALA E 85 23.61 -7.32 -29.05
C ALA E 85 24.21 -7.22 -27.66
N VAL E 86 25.53 -7.35 -27.56
CA VAL E 86 26.19 -7.12 -26.29
C VAL E 86 26.73 -5.70 -26.30
N TYR E 87 26.63 -5.01 -25.17
CA TYR E 87 27.06 -3.63 -25.05
C TYR E 87 28.13 -3.53 -23.97
N TYR E 88 29.18 -2.79 -24.26
CA TYR E 88 30.26 -2.57 -23.29
C TYR E 88 30.45 -1.09 -23.03
N CYS E 89 30.75 -0.75 -21.77
CA CYS E 89 31.11 0.61 -21.40
C CYS E 89 32.59 0.65 -21.03
N GLN E 90 33.27 1.68 -21.51
CA GLN E 90 34.70 1.84 -21.38
C GLN E 90 35.02 3.20 -20.80
N GLN E 91 35.87 3.24 -19.78
CA GLN E 91 36.40 4.51 -19.31
C GLN E 91 37.82 4.68 -19.86
N TYR E 92 38.11 5.89 -20.31
CA TYR E 92 39.43 6.21 -20.83
C TYR E 92 39.91 7.59 -20.36
N GLY E 93 39.43 8.06 -19.21
CA GLY E 93 39.91 9.30 -18.64
C GLY E 93 41.26 9.23 -17.95
N THR E 94 41.68 8.04 -17.54
CA THR E 94 43.02 7.81 -17.00
C THR E 94 43.90 7.15 -18.06
N SER E 95 45.18 6.98 -17.70
CA SER E 95 46.14 6.35 -18.60
C SER E 95 46.03 4.83 -18.62
N GLN E 96 45.13 4.25 -17.82
CA GLN E 96 44.84 2.82 -17.84
C GLN E 96 43.35 2.64 -18.07
N SER E 97 42.97 2.39 -19.32
CA SER E 97 41.57 2.23 -19.67
C SER E 97 41.08 0.83 -19.27
N THR E 98 39.79 0.75 -18.96
CA THR E 98 39.17 -0.51 -18.56
C THR E 98 37.78 -0.62 -19.17
N PHE E 99 37.34 -1.86 -19.39
CA PHE E 99 36.03 -2.17 -19.94
C PHE E 99 35.15 -2.79 -18.86
N GLY E 100 33.84 -2.57 -18.98
CA GLY E 100 32.88 -3.32 -18.19
C GLY E 100 32.73 -4.75 -18.65
N GLN E 101 31.93 -5.50 -17.90
CA GLN E 101 31.78 -6.94 -18.14
C GLN E 101 30.73 -7.23 -19.20
N GLY E 102 30.02 -6.23 -19.68
CA GLY E 102 29.06 -6.36 -20.76
C GLY E 102 27.64 -6.49 -20.26
N THR E 103 26.71 -5.93 -21.02
CA THR E 103 25.28 -6.17 -20.86
C THR E 103 24.74 -6.83 -22.12
N ARG E 104 24.07 -7.96 -21.97
CA ARG E 104 23.44 -8.64 -23.09
C ARG E 104 22.04 -8.08 -23.27
N LEU E 105 21.75 -7.55 -24.47
CA LEU E 105 20.42 -7.07 -24.83
C LEU E 105 19.81 -8.08 -25.79
N GLU E 106 18.78 -8.78 -25.33
CA GLU E 106 18.17 -9.88 -26.06
C GLU E 106 16.66 -9.67 -26.17
N ILE E 107 16.05 -10.52 -26.99
CA ILE E 107 14.62 -10.46 -27.28
C ILE E 107 13.88 -11.16 -26.17
N LYS E 108 12.82 -10.52 -25.66
CA LYS E 108 11.94 -11.13 -24.67
C LYS E 108 10.84 -11.90 -25.38
N ARG E 109 10.44 -13.03 -24.78
CA ARG E 109 9.43 -13.87 -25.40
C ARG E 109 8.79 -14.81 -24.38
N THR E 110 7.79 -15.54 -24.87
CA THR E 110 7.04 -16.50 -24.08
C THR E 110 7.91 -17.64 -23.56
N VAL E 111 7.69 -18.02 -22.31
CA VAL E 111 8.37 -19.18 -21.72
C VAL E 111 8.19 -20.39 -22.64
N ALA E 112 9.28 -21.13 -22.89
CA ALA E 112 9.25 -22.34 -23.72
C ALA E 112 10.03 -23.48 -23.10
N ALA E 113 9.39 -24.63 -22.87
CA ALA E 113 10.10 -25.78 -22.33
C ALA E 113 11.04 -26.38 -23.40
N PRO E 114 12.17 -26.90 -22.95
CA PRO E 114 13.12 -27.56 -23.85
C PRO E 114 12.62 -28.91 -24.35
N SER E 115 12.74 -29.11 -25.66
CA SER E 115 12.59 -30.44 -26.26
C SER E 115 13.89 -31.20 -26.01
N VAL E 116 13.84 -32.20 -25.13
CA VAL E 116 15.05 -32.87 -24.66
C VAL E 116 15.26 -34.17 -25.41
N PHE E 117 16.50 -34.42 -25.81
CA PHE E 117 16.86 -35.63 -26.55
C PHE E 117 18.19 -36.15 -26.03
N ILE E 118 18.30 -37.46 -25.84
CA ILE E 118 19.58 -38.06 -25.44
C ILE E 118 20.11 -38.96 -26.54
N PHE E 119 21.42 -38.88 -26.79
CA PHE E 119 22.09 -39.69 -27.80
C PHE E 119 23.22 -40.50 -27.17
N PRO E 120 23.17 -41.82 -27.28
CA PRO E 120 24.28 -42.68 -26.81
C PRO E 120 25.51 -42.55 -27.69
N PRO E 121 26.67 -42.98 -27.22
CA PRO E 121 27.84 -43.02 -28.09
C PRO E 121 27.68 -44.05 -29.20
N SER E 122 28.28 -43.74 -30.35
CA SER E 122 28.33 -44.67 -31.46
C SER E 122 29.32 -45.80 -31.18
N ASP E 123 29.05 -46.97 -31.75
CA ASP E 123 30.02 -48.08 -31.67
C ASP E 123 31.36 -47.68 -32.26
N GLU E 124 31.36 -46.82 -33.28
CA GLU E 124 32.61 -46.41 -33.89
C GLU E 124 33.46 -45.66 -32.87
N GLN E 125 32.85 -44.72 -32.16
CA GLN E 125 33.62 -44.00 -31.15
C GLN E 125 34.02 -44.94 -30.03
N LEU E 126 33.13 -45.88 -29.65
CA LEU E 126 33.45 -46.82 -28.60
C LEU E 126 34.72 -47.59 -28.93
N LYS E 127 34.98 -47.80 -30.23
CA LYS E 127 36.21 -48.47 -30.63
C LYS E 127 37.46 -47.62 -30.39
N SER E 128 37.29 -46.30 -30.23
CA SER E 128 38.41 -45.41 -29.93
C SER E 128 38.84 -45.40 -28.46
N GLY E 129 38.09 -46.06 -27.58
CA GLY E 129 38.39 -46.05 -26.16
C GLY E 129 37.70 -44.97 -25.35
N THR E 130 36.87 -44.13 -25.97
CA THR E 130 36.18 -43.05 -25.26
C THR E 130 34.70 -43.12 -25.62
N ALA E 131 33.85 -42.76 -24.67
CA ALA E 131 32.41 -42.67 -24.88
C ALA E 131 31.94 -41.25 -24.63
N SER E 132 31.34 -40.63 -25.64
CA SER E 132 30.65 -39.36 -25.47
C SER E 132 29.15 -39.60 -25.48
N VAL E 133 28.48 -39.11 -24.47
CA VAL E 133 27.02 -39.17 -24.35
C VAL E 133 26.51 -37.75 -24.47
N VAL E 134 25.49 -37.54 -25.32
CA VAL E 134 25.08 -36.18 -25.63
C VAL E 134 23.65 -35.98 -25.14
N CYS E 135 23.42 -34.84 -24.50
CA CYS E 135 22.07 -34.42 -24.14
C CYS E 135 21.81 -33.09 -24.86
N LEU E 136 20.70 -33.03 -25.59
CA LEU E 136 20.28 -31.86 -26.34
C LEU E 136 19.03 -31.25 -25.72
N LEU E 137 19.07 -29.92 -25.51
CA LEU E 137 17.91 -29.13 -25.12
C LEU E 137 17.57 -28.22 -26.29
N ASN E 138 16.41 -28.42 -26.91
CA ASN E 138 16.06 -27.77 -28.17
C ASN E 138 15.00 -26.71 -27.93
N ASN E 139 15.26 -25.50 -28.43
CA ASN E 139 14.26 -24.44 -28.61
C ASN E 139 13.56 -24.09 -27.30
N PHE E 140 14.34 -23.58 -26.35
CA PHE E 140 13.83 -23.22 -25.04
C PHE E 140 14.08 -21.74 -24.77
N TYR E 141 13.36 -21.22 -23.77
CA TYR E 141 13.50 -19.84 -23.31
C TYR E 141 12.96 -19.74 -21.89
N PRO E 142 13.68 -19.09 -20.97
CA PRO E 142 14.88 -18.28 -21.14
C PRO E 142 16.17 -19.10 -21.23
N ARG E 143 17.31 -18.41 -21.34
CA ARG E 143 18.57 -19.06 -21.64
C ARG E 143 19.10 -19.88 -20.48
N GLU E 144 18.71 -19.55 -19.24
CA GLU E 144 19.15 -20.36 -18.12
C GLU E 144 18.50 -21.73 -18.17
N ALA E 145 19.27 -22.74 -17.81
CA ALA E 145 18.84 -24.13 -17.86
C ALA E 145 19.83 -24.94 -17.02
N LYS E 146 19.34 -26.01 -16.42
CA LYS E 146 20.19 -26.88 -15.62
C LYS E 146 20.27 -28.26 -16.24
N VAL E 147 21.49 -28.72 -16.46
CA VAL E 147 21.77 -30.05 -17.01
C VAL E 147 22.60 -30.77 -15.97
N GLN E 148 22.09 -31.90 -15.50
CA GLN E 148 22.80 -32.75 -14.55
C GLN E 148 23.02 -34.12 -15.16
N TRP E 149 24.24 -34.63 -15.07
CA TRP E 149 24.55 -35.99 -15.52
C TRP E 149 24.48 -36.93 -14.33
N LYS E 150 23.83 -38.07 -14.53
CA LYS E 150 23.72 -39.10 -13.52
C LYS E 150 24.16 -40.42 -14.13
N VAL E 151 25.07 -41.10 -13.44
CA VAL E 151 25.55 -42.41 -13.87
C VAL E 151 25.18 -43.35 -12.74
N ASP E 152 24.29 -44.30 -13.05
CA ASP E 152 23.72 -45.19 -12.03
C ASP E 152 23.25 -44.36 -10.83
N ASN E 153 22.59 -43.23 -11.12
CA ASN E 153 21.97 -42.31 -10.17
C ASN E 153 23.00 -41.43 -9.45
N ALA E 154 24.28 -41.56 -9.75
CA ALA E 154 25.32 -40.77 -9.09
C ALA E 154 25.62 -39.53 -9.92
N LEU E 155 25.47 -38.35 -9.31
CA LEU E 155 25.77 -37.08 -9.96
C LEU E 155 27.25 -36.99 -10.27
N GLN E 156 27.59 -36.96 -11.55
CA GLN E 156 28.98 -36.90 -12.00
C GLN E 156 29.39 -35.44 -12.15
N SER E 157 30.37 -35.03 -11.33
CA SER E 157 30.86 -33.66 -11.32
C SER E 157 32.26 -33.62 -11.94
N GLY E 158 32.47 -32.70 -12.86
CA GLY E 158 33.77 -32.54 -13.48
C GLY E 158 34.03 -33.48 -14.63
N ASN E 159 33.02 -33.77 -15.45
CA ASN E 159 33.22 -34.65 -16.60
C ASN E 159 32.19 -34.40 -17.69
N SER E 160 31.64 -33.18 -17.75
CA SER E 160 30.78 -32.80 -18.85
C SER E 160 31.11 -31.37 -19.26
N GLN E 161 30.81 -31.05 -20.52
CA GLN E 161 30.91 -29.68 -21.02
C GLN E 161 29.69 -29.35 -21.86
N GLU E 162 29.33 -28.07 -21.90
CA GLU E 162 28.16 -27.68 -22.69
C GLU E 162 28.45 -26.41 -23.47
N SER E 163 27.52 -26.10 -24.36
CA SER E 163 27.54 -24.85 -25.13
C SER E 163 26.12 -24.50 -25.55
N VAL E 164 25.88 -23.20 -25.74
CA VAL E 164 24.58 -22.66 -26.09
C VAL E 164 24.68 -21.91 -27.41
N THR E 165 23.60 -21.93 -28.18
CA THR E 165 23.56 -21.14 -29.40
C THR E 165 23.12 -19.71 -29.08
N GLU E 166 23.36 -18.82 -30.03
CA GLU E 166 22.81 -17.48 -29.95
C GLU E 166 21.29 -17.53 -30.10
N GLN E 167 20.62 -16.51 -29.55
CA GLN E 167 19.18 -16.44 -29.66
C GLN E 167 18.74 -16.50 -31.12
N ASP E 168 17.81 -17.40 -31.41
CA ASP E 168 17.49 -17.71 -32.81
C ASP E 168 16.82 -16.50 -33.46
N SER E 169 17.26 -16.18 -34.66
CA SER E 169 16.77 -14.99 -35.36
C SER E 169 15.31 -15.09 -35.79
N LYS E 170 14.77 -16.29 -35.93
CA LYS E 170 13.37 -16.46 -36.33
C LYS E 170 12.42 -16.66 -35.16
N ASP E 171 12.77 -17.48 -34.18
CA ASP E 171 11.84 -17.82 -33.11
C ASP E 171 12.29 -17.38 -31.73
N SER E 172 13.45 -16.74 -31.61
CA SER E 172 13.92 -16.14 -30.36
C SER E 172 14.17 -17.18 -29.27
N THR E 173 14.40 -18.44 -29.63
CA THR E 173 14.74 -19.46 -28.66
C THR E 173 16.24 -19.68 -28.59
N TYR E 174 16.63 -20.51 -27.63
CA TYR E 174 18.00 -20.97 -27.46
C TYR E 174 18.02 -22.49 -27.61
N SER E 175 19.19 -23.02 -27.95
CA SER E 175 19.43 -24.45 -27.85
C SER E 175 20.74 -24.69 -27.12
N LEU E 176 20.85 -25.87 -26.52
CA LEU E 176 21.99 -26.18 -25.66
C LEU E 176 22.40 -27.64 -25.90
N SER E 177 23.71 -27.86 -25.94
CA SER E 177 24.28 -29.20 -26.10
C SER E 177 25.23 -29.47 -24.95
N SER E 178 25.11 -30.66 -24.35
CA SER E 178 26.01 -31.07 -23.29
C SER E 178 26.57 -32.44 -23.60
N THR E 179 27.88 -32.59 -23.45
CA THR E 179 28.59 -33.83 -23.75
C THR E 179 29.26 -34.33 -22.49
N LEU E 180 28.94 -35.56 -22.11
CA LEU E 180 29.58 -36.28 -21.01
C LEU E 180 30.63 -37.19 -21.64
N THR E 181 31.88 -37.06 -21.20
CA THR E 181 32.97 -37.85 -21.76
C THR E 181 33.49 -38.80 -20.70
N LEU E 182 33.49 -40.09 -21.01
CA LEU E 182 33.98 -41.13 -20.13
C LEU E 182 34.98 -41.99 -20.88
N SER E 183 35.91 -42.60 -20.16
CA SER E 183 36.69 -43.66 -20.81
C SER E 183 35.78 -44.83 -21.14
N LYS E 184 36.17 -45.61 -22.15
CA LYS E 184 35.39 -46.79 -22.50
C LYS E 184 35.29 -47.75 -21.31
N ALA E 185 36.38 -47.90 -20.55
CA ALA E 185 36.37 -48.82 -19.43
C ALA E 185 35.39 -48.34 -18.36
N ASP E 186 35.38 -47.03 -18.11
CA ASP E 186 34.44 -46.44 -17.17
C ASP E 186 33.02 -46.56 -17.71
N TYR E 187 32.86 -46.35 -19.02
CA TYR E 187 31.56 -46.46 -19.67
C TYR E 187 30.95 -47.84 -19.46
N GLU E 188 31.72 -48.90 -19.70
CA GLU E 188 31.20 -50.25 -19.66
C GLU E 188 31.17 -50.84 -18.25
N LYS E 189 31.48 -50.04 -17.23
CA LYS E 189 31.29 -50.41 -15.84
C LYS E 189 29.87 -50.15 -15.34
N HIS E 190 29.08 -49.38 -16.08
CA HIS E 190 27.80 -48.90 -15.59
C HIS E 190 26.70 -49.17 -16.61
N LYS E 191 25.44 -49.12 -16.13
CA LYS E 191 24.29 -49.53 -16.92
C LYS E 191 23.43 -48.35 -17.34
N VAL E 192 22.97 -47.53 -16.39
CA VAL E 192 21.95 -46.51 -16.66
C VAL E 192 22.64 -45.16 -16.76
N TYR E 193 22.46 -44.49 -17.90
CA TYR E 193 23.05 -43.18 -18.17
C TYR E 193 21.91 -42.18 -18.31
N ALA E 194 21.96 -41.08 -17.56
CA ALA E 194 20.81 -40.17 -17.54
C ALA E 194 21.24 -38.71 -17.52
N CYS E 195 20.44 -37.87 -18.18
CA CYS E 195 20.61 -36.42 -18.14
CA CYS E 195 20.60 -36.43 -18.18
C CYS E 195 19.31 -35.79 -17.67
N GLU E 196 19.42 -34.90 -16.69
CA GLU E 196 18.31 -34.28 -16.00
C GLU E 196 18.29 -32.78 -16.27
N VAL E 197 17.14 -32.29 -16.74
CA VAL E 197 16.99 -30.94 -17.25
C VAL E 197 15.98 -30.23 -16.37
N THR E 198 16.41 -29.13 -15.75
CA THR E 198 15.55 -28.27 -14.96
C THR E 198 15.45 -26.92 -15.65
N HIS E 199 14.22 -26.44 -15.83
CA HIS E 199 14.01 -25.19 -16.57
C HIS E 199 12.75 -24.51 -16.06
N GLN E 200 12.67 -23.21 -16.30
CA GLN E 200 11.51 -22.42 -15.90
C GLN E 200 10.24 -22.92 -16.58
N GLY E 201 10.35 -23.41 -17.81
CA GLY E 201 9.23 -23.90 -18.58
C GLY E 201 8.78 -25.31 -18.29
N LEU E 202 9.45 -26.01 -17.37
CA LEU E 202 9.09 -27.37 -17.01
C LEU E 202 8.46 -27.37 -15.61
N SER E 203 7.36 -28.12 -15.48
CA SER E 203 6.68 -28.21 -14.19
C SER E 203 7.56 -28.92 -13.16
N SER E 204 8.10 -30.08 -13.51
CA SER E 204 9.09 -30.79 -12.72
C SER E 204 10.22 -31.20 -13.66
N PRO E 205 11.37 -31.58 -13.12
CA PRO E 205 12.53 -31.79 -14.00
C PRO E 205 12.29 -32.97 -14.93
N VAL E 206 12.87 -32.90 -16.12
CA VAL E 206 12.74 -33.97 -17.11
C VAL E 206 14.05 -34.73 -17.15
N THR E 207 13.97 -36.05 -17.02
CA THR E 207 15.14 -36.91 -17.15
C THR E 207 15.00 -37.79 -18.38
N LYS E 208 16.02 -37.80 -19.22
CA LYS E 208 16.13 -38.76 -20.31
C LYS E 208 17.31 -39.68 -20.04
N SER E 209 17.14 -40.97 -20.29
CA SER E 209 18.15 -41.94 -19.92
C SER E 209 18.15 -43.08 -20.92
N PHE E 210 19.21 -43.88 -20.87
CA PHE E 210 19.25 -45.14 -21.60
C PHE E 210 20.04 -46.16 -20.80
N ASN E 211 19.81 -47.43 -21.13
CA ASN E 211 20.57 -48.53 -20.58
C ASN E 211 21.60 -49.00 -21.60
N ARG E 212 22.80 -49.29 -21.11
CA ARG E 212 23.91 -49.66 -22.00
C ARG E 212 23.63 -50.98 -22.70
N GLY E 213 23.72 -50.98 -24.03
CA GLY E 213 23.53 -52.20 -24.79
C GLY E 213 22.11 -52.48 -25.21
N GLU E 214 21.19 -51.55 -25.02
CA GLU E 214 19.81 -51.73 -25.46
C GLU E 214 19.43 -50.79 -26.59
N GLU F 1 37.86 6.05 -46.23
CA GLU F 1 37.52 5.27 -45.06
C GLU F 1 38.74 4.53 -44.52
N VAL F 2 38.97 4.65 -43.21
CA VAL F 2 40.13 4.04 -42.58
C VAL F 2 39.89 2.53 -42.44
N GLN F 3 40.84 1.74 -42.91
CA GLN F 3 40.72 0.29 -42.89
C GLN F 3 41.96 -0.31 -42.26
N LEU F 4 41.77 -1.10 -41.20
CA LEU F 4 42.85 -1.77 -40.50
C LEU F 4 42.83 -3.24 -40.88
N VAL F 5 43.94 -3.73 -41.44
CA VAL F 5 44.06 -5.11 -41.90
C VAL F 5 45.11 -5.80 -41.05
N GLN F 6 44.70 -6.82 -40.30
CA GLN F 6 45.58 -7.48 -39.35
C GLN F 6 46.18 -8.73 -39.96
N SER F 7 47.26 -9.19 -39.35
CA SER F 7 47.90 -10.43 -39.75
C SER F 7 47.03 -11.64 -39.39
N GLY F 8 47.41 -12.79 -39.95
CA GLY F 8 46.59 -13.96 -39.87
C GLY F 8 46.66 -14.62 -38.50
N GLY F 9 45.67 -15.47 -38.23
CA GLY F 9 45.65 -16.17 -36.97
C GLY F 9 46.79 -17.17 -36.87
N GLU F 10 47.08 -17.58 -35.63
CA GLU F 10 48.22 -18.47 -35.41
C GLU F 10 47.97 -19.29 -34.16
N VAL F 11 48.55 -20.50 -34.14
CA VAL F 11 48.73 -21.26 -32.91
C VAL F 11 50.13 -20.99 -32.39
N LYS F 12 50.25 -20.63 -31.12
CA LYS F 12 51.54 -20.40 -30.50
C LYS F 12 51.70 -21.33 -29.31
N ARG F 13 52.82 -22.04 -29.23
CA ARG F 13 52.99 -23.02 -28.18
C ARG F 13 53.19 -22.33 -26.82
N PRO F 14 52.79 -22.98 -25.73
CA PRO F 14 52.89 -22.33 -24.41
C PRO F 14 54.33 -21.97 -24.08
N GLY F 15 54.51 -20.75 -23.58
CA GLY F 15 55.81 -20.24 -23.22
C GLY F 15 56.44 -19.38 -24.30
N SER F 16 55.89 -19.41 -25.51
CA SER F 16 56.42 -18.65 -26.63
C SER F 16 55.92 -17.21 -26.58
N SER F 17 56.08 -16.50 -27.69
CA SER F 17 55.62 -15.13 -27.83
C SER F 17 54.99 -14.97 -29.21
N VAL F 18 53.94 -14.15 -29.28
CA VAL F 18 53.21 -13.92 -30.52
C VAL F 18 53.40 -12.47 -30.95
N THR F 19 53.54 -12.27 -32.26
CA THR F 19 53.55 -10.94 -32.86
C THR F 19 52.34 -10.82 -33.77
N VAL F 20 51.58 -9.75 -33.59
CA VAL F 20 50.45 -9.41 -34.44
C VAL F 20 50.72 -8.07 -35.10
N SER F 21 50.41 -7.98 -36.38
CA SER F 21 50.61 -6.74 -37.13
C SER F 21 49.26 -6.19 -37.55
N CYS F 22 49.23 -4.88 -37.78
CA CYS F 22 48.01 -4.19 -38.16
C CYS F 22 48.39 -3.15 -39.21
N LYS F 23 47.96 -3.39 -40.45
CA LYS F 23 48.25 -2.48 -41.54
C LYS F 23 47.11 -1.48 -41.67
N ALA F 24 47.44 -0.20 -41.49
CA ALA F 24 46.44 0.85 -41.55
C ALA F 24 46.60 1.62 -42.86
N THR F 25 45.50 1.72 -43.61
CA THR F 25 45.50 2.45 -44.86
C THR F 25 44.28 3.35 -44.84
N GLY F 26 44.38 4.47 -45.52
CA GLY F 26 43.19 5.26 -45.76
C GLY F 26 43.03 6.26 -44.64
N GLY F 27 43.60 7.44 -44.76
CA GLY F 27 43.48 8.44 -43.72
C GLY F 27 44.71 8.61 -42.85
N THR F 28 44.57 9.58 -41.95
CA THR F 28 45.57 10.02 -40.99
C THR F 28 46.16 8.90 -40.13
N PHE F 29 47.50 8.90 -40.02
CA PHE F 29 48.24 7.91 -39.24
C PHE F 29 48.98 8.57 -38.08
N SER F 30 50.31 8.70 -38.21
CA SER F 30 51.29 9.22 -37.23
C SER F 30 50.77 9.85 -35.94
N THR F 31 49.85 10.82 -36.06
CA THR F 31 49.46 11.68 -34.94
C THR F 31 48.22 11.18 -34.20
N LEU F 32 47.84 9.93 -34.37
CA LEU F 32 46.70 9.38 -33.64
C LEU F 32 47.12 8.14 -32.85
N ALA F 33 46.32 7.80 -31.84
CA ALA F 33 46.60 6.63 -31.02
C ALA F 33 46.04 5.38 -31.66
N PHE F 34 46.87 4.35 -31.75
CA PHE F 34 46.45 2.99 -32.03
C PHE F 34 46.53 2.13 -30.77
N ASN F 35 45.49 1.36 -30.50
CA ASN F 35 45.40 0.57 -29.29
C ASN F 35 45.25 -0.90 -29.66
N TRP F 36 45.74 -1.78 -28.80
CA TRP F 36 45.46 -3.20 -28.91
C TRP F 36 44.50 -3.63 -27.81
N VAL F 37 43.44 -4.34 -28.21
CA VAL F 37 42.41 -4.82 -27.31
C VAL F 37 42.19 -6.29 -27.63
N ARG F 38 42.14 -7.13 -26.59
CA ARG F 38 41.94 -8.55 -26.81
C ARG F 38 40.65 -8.99 -26.13
N GLN F 39 40.13 -10.12 -26.60
CA GLN F 39 38.88 -10.67 -26.12
C GLN F 39 39.00 -12.19 -26.12
N ALA F 40 38.99 -12.78 -24.93
CA ALA F 40 39.08 -14.22 -24.88
C ALA F 40 37.72 -14.82 -25.21
N PRO F 41 37.69 -16.06 -25.73
CA PRO F 41 36.40 -16.69 -26.07
C PRO F 41 35.38 -16.58 -24.95
N GLY F 42 34.22 -16.01 -25.27
CA GLY F 42 33.14 -15.88 -24.31
C GLY F 42 33.28 -14.72 -23.36
N GLN F 43 34.33 -13.92 -23.48
CA GLN F 43 34.65 -12.86 -22.54
C GLN F 43 34.40 -11.49 -23.17
N GLY F 44 34.59 -10.46 -22.35
CA GLY F 44 34.49 -9.09 -22.80
C GLY F 44 35.83 -8.56 -23.27
N PRO F 45 35.84 -7.40 -23.90
CA PRO F 45 37.10 -6.79 -24.33
C PRO F 45 37.93 -6.36 -23.13
N GLU F 46 39.25 -6.42 -23.32
CA GLU F 46 40.22 -5.98 -22.32
C GLU F 46 41.22 -5.10 -23.05
N TRP F 47 41.36 -3.86 -22.58
CA TRP F 47 42.37 -2.97 -23.16
C TRP F 47 43.76 -3.43 -22.74
N MET F 48 44.69 -3.46 -23.70
CA MET F 48 46.05 -3.87 -23.39
C MET F 48 47.05 -2.73 -23.41
N GLY F 49 46.94 -1.83 -24.38
CA GLY F 49 47.91 -0.77 -24.50
C GLY F 49 47.71 0.00 -25.78
N GLY F 50 48.46 1.09 -25.90
CA GLY F 50 48.39 1.89 -27.11
C GLY F 50 49.71 2.55 -27.44
N ILE F 51 49.81 3.06 -28.67
CA ILE F 51 50.98 3.77 -29.16
C ILE F 51 50.52 4.97 -29.97
N VAL F 52 51.22 6.10 -29.83
CA VAL F 52 51.12 7.22 -30.76
C VAL F 52 52.36 7.20 -31.66
N PRO F 53 52.24 6.89 -32.95
CA PRO F 53 53.44 6.60 -33.76
C PRO F 53 54.39 7.78 -33.92
N LEU F 54 53.88 9.02 -33.87
CA LEU F 54 54.68 10.20 -34.21
C LEU F 54 56.05 10.18 -33.55
N PHE F 55 56.09 9.97 -32.22
CA PHE F 55 57.32 9.79 -31.48
C PHE F 55 57.31 8.46 -30.72
N SER F 56 56.45 7.53 -31.14
CA SER F 56 56.37 6.20 -30.55
C SER F 56 56.16 6.30 -29.05
N ILE F 57 55.24 7.18 -28.66
CA ILE F 57 54.79 7.24 -27.27
C ILE F 57 53.89 6.04 -27.02
N VAL F 58 54.22 5.25 -25.99
CA VAL F 58 53.46 4.04 -25.73
C VAL F 58 52.83 4.14 -24.36
N ASN F 59 51.77 3.34 -24.18
CA ASN F 59 51.08 3.18 -22.92
C ASN F 59 50.72 1.72 -22.78
N TYR F 60 51.22 1.05 -21.75
CA TYR F 60 50.97 -0.36 -21.54
C TYR F 60 50.08 -0.55 -20.33
N GLY F 61 49.08 -1.42 -20.46
CA GLY F 61 48.29 -1.85 -19.32
C GLY F 61 49.16 -2.38 -18.19
N GLN F 62 48.71 -2.19 -16.95
CA GLN F 62 49.52 -2.55 -15.79
C GLN F 62 49.79 -4.06 -15.75
N LYS F 63 48.73 -4.86 -15.83
CA LYS F 63 48.88 -6.31 -15.72
C LYS F 63 49.68 -6.91 -16.88
N PHE F 64 49.90 -6.16 -17.95
CA PHE F 64 50.63 -6.71 -19.08
C PHE F 64 52.06 -6.17 -19.21
N GLN F 65 52.44 -5.18 -18.39
CA GLN F 65 53.78 -4.64 -18.53
C GLN F 65 54.79 -5.73 -18.20
N GLY F 66 55.82 -5.86 -19.02
CA GLY F 66 56.77 -6.95 -18.87
C GLY F 66 56.44 -8.10 -19.80
N ARG F 67 55.17 -8.23 -20.17
CA ARG F 67 54.67 -9.27 -21.05
C ARG F 67 54.18 -8.69 -22.36
N LEU F 68 53.91 -7.39 -22.38
CA LEU F 68 53.31 -6.68 -23.51
C LEU F 68 54.37 -5.81 -24.17
N THR F 69 54.46 -5.86 -25.49
CA THR F 69 55.21 -4.86 -26.24
C THR F 69 54.29 -4.32 -27.32
N ILE F 70 54.30 -3.00 -27.51
CA ILE F 70 53.62 -2.37 -28.62
C ILE F 70 54.60 -1.54 -29.43
N ARG F 71 54.54 -1.70 -30.75
CA ARG F 71 55.46 -1.03 -31.66
C ARG F 71 54.67 -0.42 -32.81
N ALA F 72 55.31 0.50 -33.53
CA ALA F 72 54.68 1.16 -34.66
C ALA F 72 55.74 1.54 -35.68
N ASP F 73 55.43 1.30 -36.96
CA ASP F 73 56.32 1.62 -38.06
C ASP F 73 55.58 2.56 -39.01
N LYS F 74 56.15 3.74 -39.25
CA LYS F 74 55.49 4.74 -40.07
C LYS F 74 55.69 4.52 -41.56
N SER F 75 56.78 3.85 -41.95
CA SER F 75 57.05 3.62 -43.37
C SER F 75 55.92 2.81 -44.00
N THR F 76 55.51 1.73 -43.35
CA THR F 76 54.42 0.87 -43.81
C THR F 76 53.13 1.11 -43.04
N THR F 77 53.05 2.19 -42.26
CA THR F 77 51.88 2.55 -41.46
C THR F 77 51.25 1.34 -40.79
N THR F 78 52.09 0.58 -40.10
CA THR F 78 51.69 -0.66 -39.45
C THR F 78 52.00 -0.60 -37.96
N VAL F 79 51.09 -1.15 -37.15
CA VAL F 79 51.22 -1.21 -35.70
C VAL F 79 51.38 -2.67 -35.30
N PHE F 80 52.26 -2.94 -34.34
CA PHE F 80 52.61 -4.29 -33.94
C PHE F 80 52.30 -4.54 -32.47
N LEU F 81 52.03 -5.80 -32.16
CA LEU F 81 51.68 -6.24 -30.82
C LEU F 81 52.47 -7.50 -30.49
N ASP F 82 53.36 -7.41 -29.50
CA ASP F 82 54.14 -8.55 -29.05
C ASP F 82 53.75 -8.90 -27.62
N LEU F 83 53.44 -10.17 -27.40
CA LEU F 83 53.01 -10.66 -26.10
C LEU F 83 53.83 -11.92 -25.84
N SER F 84 54.68 -11.89 -24.83
CA SER F 84 55.59 -12.99 -24.54
C SER F 84 55.07 -13.87 -23.42
N GLY F 85 55.78 -14.97 -23.20
CA GLY F 85 55.43 -15.85 -22.10
C GLY F 85 54.02 -16.38 -22.23
N LEU F 86 53.62 -16.79 -23.43
CA LEU F 86 52.22 -17.09 -23.66
C LEU F 86 51.80 -18.27 -22.79
N THR F 87 50.56 -18.19 -22.30
CA THR F 87 49.86 -19.26 -21.61
C THR F 87 48.43 -19.28 -22.14
N SER F 88 47.66 -20.28 -21.69
CA SER F 88 46.29 -20.37 -22.14
C SER F 88 45.49 -19.13 -21.80
N ALA F 89 45.91 -18.34 -20.81
CA ALA F 89 45.22 -17.09 -20.57
C ALA F 89 45.40 -16.07 -21.68
N ASP F 90 46.34 -16.31 -22.62
CA ASP F 90 46.52 -15.41 -23.75
C ASP F 90 45.80 -15.88 -25.01
N THR F 91 45.12 -17.02 -24.96
CA THR F 91 44.29 -17.42 -26.10
C THR F 91 43.16 -16.42 -26.24
N ALA F 92 43.08 -15.76 -27.39
CA ALA F 92 42.11 -14.69 -27.58
C ALA F 92 42.14 -14.25 -29.03
N THR F 93 41.12 -13.49 -29.41
CA THR F 93 41.17 -12.66 -30.61
C THR F 93 41.74 -11.30 -30.24
N TYR F 94 42.74 -10.86 -30.99
CA TYR F 94 43.44 -9.61 -30.74
C TYR F 94 42.97 -8.59 -31.77
N TYR F 95 42.58 -7.40 -31.32
CA TYR F 95 42.11 -6.35 -32.20
C TYR F 95 42.99 -5.12 -32.11
N CYS F 96 43.26 -4.53 -33.26
CA CYS F 96 43.94 -3.24 -33.36
CA CYS F 96 43.94 -3.25 -33.38
C CYS F 96 42.89 -2.18 -33.64
N ALA F 97 42.72 -1.25 -32.70
CA ALA F 97 41.67 -0.25 -32.79
C ALA F 97 42.27 1.15 -32.72
N ARG F 98 41.87 1.99 -33.66
CA ARG F 98 42.32 3.37 -33.76
C ARG F 98 41.22 4.29 -33.24
N GLU F 99 41.63 5.36 -32.57
CA GLU F 99 40.70 6.36 -32.06
C GLU F 99 40.03 7.11 -33.21
N GLY F 100 38.84 7.67 -32.92
CA GLY F 100 38.18 8.45 -33.94
C GLY F 100 38.73 9.86 -34.11
N GLU F 101 38.28 10.48 -35.19
CA GLU F 101 38.61 11.86 -35.53
C GLU F 101 37.35 12.70 -35.60
N GLY F 102 37.37 13.88 -34.98
CA GLY F 102 36.15 14.66 -35.02
C GLY F 102 36.42 15.81 -35.97
N TRP F 103 36.00 17.05 -35.69
CA TRP F 103 36.24 18.01 -36.76
C TRP F 103 37.71 18.22 -37.14
N PHE F 104 38.07 17.78 -38.34
CA PHE F 104 39.42 17.86 -38.89
C PHE F 104 40.51 17.53 -37.87
N GLY F 105 40.29 16.47 -37.11
CA GLY F 105 41.38 16.02 -36.28
C GLY F 105 40.97 15.64 -34.87
N LYS F 106 40.58 16.65 -34.05
CA LYS F 106 40.28 16.56 -32.62
C LYS F 106 40.16 15.09 -32.27
N PRO F 107 41.21 14.51 -31.69
CA PRO F 107 41.18 13.09 -31.32
C PRO F 107 40.13 12.79 -30.27
N LEU F 108 39.36 11.73 -30.53
CA LEU F 108 38.24 11.38 -29.68
C LEU F 108 38.62 10.36 -28.62
N ARG F 109 39.80 9.74 -28.73
CA ARG F 109 40.32 8.71 -27.82
C ARG F 109 39.57 7.40 -27.93
N ALA F 110 38.23 7.48 -28.01
CA ALA F 110 37.42 6.28 -28.18
C ALA F 110 37.77 5.57 -29.48
N PHE F 111 37.57 4.25 -29.48
CA PHE F 111 38.06 3.38 -30.54
C PHE F 111 37.02 3.26 -31.65
N GLU F 112 37.20 4.03 -32.72
CA GLU F 112 36.18 4.11 -33.76
C GLU F 112 36.41 3.10 -34.90
N PHE F 113 37.67 2.81 -35.22
CA PHE F 113 38.00 1.95 -36.35
C PHE F 113 38.73 0.73 -35.82
N TRP F 114 38.29 -0.45 -36.26
CA TRP F 114 38.79 -1.71 -35.75
C TRP F 114 39.28 -2.58 -36.90
N GLY F 115 40.39 -3.29 -36.66
CA GLY F 115 40.80 -4.36 -37.55
C GLY F 115 39.82 -5.52 -37.49
N GLN F 116 40.05 -6.49 -38.37
CA GLN F 116 39.15 -7.65 -38.42
C GLN F 116 39.44 -8.64 -37.30
N GLY F 117 40.54 -8.45 -36.59
CA GLY F 117 40.90 -9.33 -35.49
C GLY F 117 41.86 -10.41 -35.93
N THR F 118 42.72 -10.83 -35.00
CA THR F 118 43.65 -11.92 -35.24
C THR F 118 43.45 -12.93 -34.13
N VAL F 119 43.09 -14.15 -34.49
CA VAL F 119 42.79 -15.19 -33.52
C VAL F 119 44.09 -15.88 -33.16
N ILE F 120 44.49 -15.78 -31.91
CA ILE F 120 45.70 -16.44 -31.41
C ILE F 120 45.25 -17.50 -30.42
N THR F 121 45.69 -18.73 -30.64
CA THR F 121 45.39 -19.84 -29.75
C THR F 121 46.71 -20.31 -29.18
N VAL F 122 46.84 -20.28 -27.86
CA VAL F 122 48.06 -20.72 -27.20
C VAL F 122 47.80 -22.13 -26.68
N SER F 123 48.53 -23.09 -27.24
CA SER F 123 48.32 -24.49 -26.97
C SER F 123 49.56 -25.24 -27.43
N SER F 124 49.78 -26.40 -26.84
CA SER F 124 50.89 -27.26 -27.26
C SER F 124 50.49 -28.27 -28.33
N ALA F 125 49.21 -28.30 -28.69
CA ALA F 125 48.70 -29.31 -29.60
C ALA F 125 49.26 -29.14 -31.01
N SER F 126 49.14 -30.21 -31.79
CA SER F 126 49.50 -30.23 -33.20
C SER F 126 48.22 -30.27 -34.04
N THR F 127 48.36 -29.85 -35.30
CA THR F 127 47.22 -29.83 -36.20
C THR F 127 46.68 -31.24 -36.39
N LYS F 128 45.37 -31.40 -36.23
CA LYS F 128 44.72 -32.70 -36.21
C LYS F 128 43.30 -32.58 -36.70
N GLY F 129 42.94 -33.41 -37.67
CA GLY F 129 41.58 -33.43 -38.17
C GLY F 129 40.65 -34.11 -37.19
N PRO F 130 39.36 -33.84 -37.30
CA PRO F 130 38.39 -34.38 -36.34
C PRO F 130 37.98 -35.82 -36.65
N SER F 131 37.31 -36.41 -35.68
CA SER F 131 36.58 -37.67 -35.85
C SER F 131 35.09 -37.36 -35.79
N VAL F 132 34.34 -37.79 -36.80
CA VAL F 132 32.93 -37.48 -36.92
C VAL F 132 32.12 -38.73 -36.58
N PHE F 133 31.32 -38.64 -35.53
CA PHE F 133 30.51 -39.76 -35.07
C PHE F 133 29.04 -39.40 -35.19
N PRO F 134 28.18 -40.39 -35.47
CA PRO F 134 26.75 -40.10 -35.60
C PRO F 134 26.06 -39.93 -34.25
N LEU F 135 25.06 -39.05 -34.25
CA LEU F 135 24.11 -38.92 -33.17
C LEU F 135 22.79 -39.46 -33.72
N ALA F 136 22.52 -40.74 -33.44
CA ALA F 136 21.48 -41.41 -34.20
C ALA F 136 20.11 -41.12 -33.60
N PRO F 137 19.07 -40.99 -34.44
CA PRO F 137 17.74 -40.69 -33.92
C PRO F 137 17.19 -41.83 -33.09
N SER F 138 16.58 -41.47 -31.96
CA SER F 138 16.02 -42.46 -31.06
C SER F 138 14.94 -43.28 -31.75
N SER F 139 14.88 -44.58 -31.43
CA SER F 139 13.72 -45.34 -31.86
C SER F 139 12.46 -44.86 -31.15
N LYS F 140 12.57 -44.54 -29.86
CA LYS F 140 11.43 -44.15 -29.04
C LYS F 140 10.88 -42.76 -29.39
N SER F 141 11.26 -42.22 -30.55
CA SER F 141 10.81 -40.90 -30.94
C SER F 141 9.29 -40.83 -31.03
N THR F 142 8.75 -39.62 -30.81
CA THR F 142 7.31 -39.41 -30.81
C THR F 142 6.77 -39.71 -32.21
N SER F 143 6.12 -40.86 -32.39
CA SER F 143 5.63 -41.25 -33.70
C SER F 143 4.60 -40.25 -34.20
N GLY F 144 4.77 -39.81 -35.44
CA GLY F 144 3.95 -38.74 -35.97
C GLY F 144 4.31 -37.36 -35.46
N GLY F 145 5.56 -37.17 -35.01
CA GLY F 145 5.99 -35.90 -34.47
C GLY F 145 7.32 -35.44 -35.03
N THR F 146 8.33 -35.29 -34.16
CA THR F 146 9.63 -34.79 -34.59
C THR F 146 10.74 -35.62 -33.96
N ALA F 147 11.78 -35.88 -34.75
CA ALA F 147 12.98 -36.57 -34.28
C ALA F 147 14.20 -35.66 -34.43
N ALA F 148 15.20 -35.88 -33.58
CA ALA F 148 16.47 -35.16 -33.67
C ALA F 148 17.62 -36.13 -33.96
N LEU F 149 18.53 -35.69 -34.84
CA LEU F 149 19.74 -36.43 -35.15
C LEU F 149 20.86 -35.42 -35.39
N GLY F 150 22.09 -35.91 -35.45
CA GLY F 150 23.22 -35.00 -35.54
C GLY F 150 24.53 -35.75 -35.71
N CYS F 151 25.62 -34.98 -35.73
CA CYS F 151 26.97 -35.49 -35.83
CA CYS F 151 26.96 -35.51 -35.82
C CYS F 151 27.85 -34.85 -34.77
N LEU F 152 28.67 -35.66 -34.12
CA LEU F 152 29.60 -35.20 -33.09
C LEU F 152 30.98 -35.04 -33.71
N VAL F 153 31.53 -33.84 -33.65
CA VAL F 153 32.78 -33.53 -34.32
C VAL F 153 33.82 -33.36 -33.21
N LYS F 154 34.61 -34.41 -32.98
CA LYS F 154 35.38 -34.54 -31.75
C LYS F 154 36.87 -34.57 -32.05
N ASP F 155 37.64 -33.92 -31.17
CA ASP F 155 39.09 -34.09 -31.11
C ASP F 155 39.79 -33.51 -32.32
N TYR F 156 39.59 -32.22 -32.59
CA TYR F 156 40.30 -31.55 -33.67
C TYR F 156 41.06 -30.34 -33.12
N PHE F 157 42.03 -29.87 -33.91
CA PHE F 157 42.80 -28.70 -33.56
C PHE F 157 43.47 -28.17 -34.81
N PRO F 158 43.55 -26.84 -35.00
CA PRO F 158 42.89 -25.78 -34.23
C PRO F 158 41.48 -25.51 -34.73
N GLU F 159 40.85 -24.46 -34.20
CA GLU F 159 39.59 -24.00 -34.73
C GLU F 159 39.81 -23.42 -36.13
N PRO F 160 38.77 -23.35 -36.97
CA PRO F 160 37.39 -23.78 -36.76
C PRO F 160 37.01 -25.00 -37.59
N VAL F 161 35.79 -25.49 -37.38
CA VAL F 161 35.21 -26.56 -38.18
C VAL F 161 33.85 -26.07 -38.68
N THR F 162 33.60 -26.21 -39.97
CA THR F 162 32.30 -25.87 -40.51
C THR F 162 31.48 -27.13 -40.73
N VAL F 163 30.17 -27.01 -40.56
CA VAL F 163 29.25 -28.12 -40.74
C VAL F 163 28.11 -27.65 -41.64
N SER F 164 27.78 -28.47 -42.64
CA SER F 164 26.55 -28.32 -43.38
C SER F 164 25.81 -29.64 -43.34
N TRP F 165 24.56 -29.63 -43.78
CA TRP F 165 23.76 -30.84 -43.85
C TRP F 165 23.27 -31.04 -45.28
N ASN F 166 23.41 -32.26 -45.78
CA ASN F 166 23.00 -32.63 -47.13
C ASN F 166 23.53 -31.64 -48.17
N SER F 167 24.80 -31.26 -48.01
CA SER F 167 25.48 -30.39 -48.98
C SER F 167 24.80 -29.03 -49.12
N GLY F 168 24.17 -28.54 -48.05
CA GLY F 168 23.47 -27.27 -48.10
C GLY F 168 21.98 -27.38 -48.30
N ALA F 169 21.48 -28.57 -48.67
CA ALA F 169 20.08 -28.78 -48.98
C ALA F 169 19.19 -28.69 -47.74
N LEU F 170 19.77 -28.93 -46.56
CA LEU F 170 19.06 -28.92 -45.28
C LEU F 170 19.53 -27.70 -44.51
N THR F 171 18.60 -26.77 -44.25
CA THR F 171 18.93 -25.56 -43.51
C THR F 171 18.01 -25.32 -42.31
N SER F 172 16.70 -25.31 -42.53
CA SER F 172 15.77 -25.00 -41.43
C SER F 172 15.84 -26.08 -40.36
N GLY F 173 15.97 -25.64 -39.10
CA GLY F 173 16.03 -26.51 -37.95
C GLY F 173 17.40 -27.02 -37.59
N VAL F 174 18.46 -26.57 -38.28
CA VAL F 174 19.82 -26.99 -37.97
C VAL F 174 20.32 -26.13 -36.81
N HIS F 175 20.95 -26.78 -35.82
CA HIS F 175 21.74 -26.07 -34.82
C HIS F 175 23.14 -26.65 -34.76
N THR F 176 24.13 -25.81 -35.07
CA THR F 176 25.54 -26.19 -34.93
C THR F 176 26.10 -25.44 -33.74
N PHE F 177 26.51 -26.17 -32.71
CA PHE F 177 26.86 -25.55 -31.44
C PHE F 177 28.28 -25.00 -31.46
N PRO F 178 28.56 -24.00 -30.62
CA PRO F 178 29.94 -23.56 -30.44
C PRO F 178 30.80 -24.72 -29.94
N ALA F 179 32.06 -24.73 -30.40
CA ALA F 179 32.97 -25.75 -29.93
C ALA F 179 33.31 -25.54 -28.46
N VAL F 180 33.67 -26.63 -27.80
CA VAL F 180 34.25 -26.59 -26.46
C VAL F 180 35.68 -27.11 -26.55
N LEU F 181 36.53 -26.55 -25.70
CA LEU F 181 37.90 -27.05 -25.59
C LEU F 181 37.95 -28.08 -24.47
N GLN F 182 38.35 -29.30 -24.81
CA GLN F 182 38.41 -30.35 -23.81
C GLN F 182 39.74 -30.27 -23.07
N SER F 183 39.82 -30.97 -21.94
CA SER F 183 41.05 -30.95 -21.15
C SER F 183 42.23 -31.55 -21.89
N SER F 184 41.98 -32.33 -22.95
CA SER F 184 43.07 -32.84 -23.79
C SER F 184 43.71 -31.77 -24.66
N GLY F 185 43.16 -30.56 -24.72
CA GLY F 185 43.63 -29.55 -25.63
C GLY F 185 43.06 -29.60 -27.04
N LEU F 186 42.14 -30.52 -27.31
CA LEU F 186 41.50 -30.62 -28.61
C LEU F 186 40.06 -30.13 -28.49
N TYR F 187 39.53 -29.63 -29.61
CA TYR F 187 38.17 -29.11 -29.62
C TYR F 187 37.14 -30.18 -29.97
N SER F 188 35.89 -29.88 -29.64
CA SER F 188 34.76 -30.78 -29.88
C SER F 188 33.49 -29.95 -29.98
N LEU F 189 32.59 -30.37 -30.86
CA LEU F 189 31.33 -29.66 -31.05
C LEU F 189 30.27 -30.65 -31.52
N SER F 190 29.02 -30.17 -31.53
CA SER F 190 27.89 -30.97 -31.97
CA SER F 190 27.88 -30.96 -31.96
C SER F 190 27.01 -30.14 -32.89
N SER F 191 26.57 -30.75 -33.98
CA SER F 191 25.60 -30.15 -34.89
C SER F 191 24.41 -31.08 -34.96
N VAL F 192 23.20 -30.54 -34.76
CA VAL F 192 21.99 -31.33 -34.75
C VAL F 192 20.95 -30.71 -35.68
N VAL F 193 19.95 -31.52 -36.03
CA VAL F 193 18.80 -31.05 -36.79
C VAL F 193 17.57 -31.84 -36.34
N THR F 194 16.43 -31.15 -36.27
CA THR F 194 15.14 -31.81 -36.04
C THR F 194 14.36 -31.91 -37.34
N VAL F 195 13.74 -33.07 -37.56
CA VAL F 195 13.03 -33.36 -38.82
C VAL F 195 11.78 -34.16 -38.49
N PRO F 196 10.83 -34.25 -39.44
CA PRO F 196 9.65 -35.10 -39.21
C PRO F 196 10.04 -36.57 -39.04
N SER F 197 9.55 -37.17 -37.96
CA SER F 197 9.73 -38.61 -37.73
C SER F 197 9.27 -39.48 -38.90
N SER F 198 8.16 -39.14 -39.55
CA SER F 198 7.70 -39.99 -40.66
C SER F 198 8.65 -39.99 -41.86
N SER F 199 9.59 -39.06 -41.94
CA SER F 199 10.55 -38.99 -43.04
C SER F 199 11.83 -39.77 -42.76
N LEU F 200 12.01 -40.23 -41.52
CA LEU F 200 13.26 -40.82 -41.06
C LEU F 200 13.62 -42.13 -41.74
N GLY F 201 12.63 -42.86 -42.27
CA GLY F 201 12.90 -44.13 -42.90
C GLY F 201 13.27 -44.03 -44.37
N THR F 202 12.88 -42.93 -45.01
CA THR F 202 13.01 -42.79 -46.46
C THR F 202 14.01 -41.74 -46.89
N GLN F 203 14.28 -40.73 -46.08
CA GLN F 203 15.16 -39.63 -46.45
C GLN F 203 16.51 -39.81 -45.77
N THR F 204 17.57 -39.78 -46.56
CA THR F 204 18.94 -39.94 -46.09
C THR F 204 19.47 -38.59 -45.62
N TYR F 205 20.10 -38.54 -44.46
CA TYR F 205 20.71 -37.29 -44.01
C TYR F 205 22.21 -37.49 -43.85
N ILE F 206 22.98 -36.54 -44.38
CA ILE F 206 24.43 -36.59 -44.38
C ILE F 206 24.95 -35.30 -43.80
N CYS F 207 25.91 -35.42 -42.87
CA CYS F 207 26.54 -34.27 -42.24
CA CYS F 207 26.55 -34.27 -42.23
C CYS F 207 27.91 -34.06 -42.87
N ASN F 208 28.14 -32.85 -43.39
CA ASN F 208 29.37 -32.52 -44.10
C ASN F 208 30.24 -31.63 -43.23
N VAL F 209 31.38 -32.16 -42.79
CA VAL F 209 32.29 -31.48 -41.89
C VAL F 209 33.54 -31.11 -42.67
N ASN F 210 34.01 -29.88 -42.49
CA ASN F 210 35.22 -29.41 -43.15
C ASN F 210 36.11 -28.80 -42.08
N HIS F 211 37.35 -29.29 -41.99
CA HIS F 211 38.39 -28.69 -41.15
C HIS F 211 39.55 -28.26 -42.03
N LYS F 212 39.54 -26.99 -42.46
CA LYS F 212 40.55 -26.51 -43.37
C LYS F 212 41.98 -26.61 -42.84
N PRO F 213 42.27 -26.35 -41.54
CA PRO F 213 43.67 -26.43 -41.09
C PRO F 213 44.33 -27.78 -41.30
N SER F 214 43.57 -28.87 -41.25
CA SER F 214 44.10 -30.21 -41.47
C SER F 214 43.75 -30.79 -42.83
N ASN F 215 43.16 -30.01 -43.74
CA ASN F 215 42.75 -30.50 -45.05
C ASN F 215 41.81 -31.70 -44.93
N THR F 216 40.86 -31.60 -44.00
CA THR F 216 39.94 -32.70 -43.68
C THR F 216 38.52 -32.31 -44.06
N LYS F 217 37.92 -33.09 -44.94
CA LYS F 217 36.48 -33.04 -45.17
C LYS F 217 35.93 -34.45 -44.95
N VAL F 218 34.84 -34.56 -44.20
CA VAL F 218 34.18 -35.82 -43.90
C VAL F 218 32.69 -35.70 -44.13
N ASP F 219 32.11 -36.66 -44.86
CA ASP F 219 30.66 -36.76 -45.00
C ASP F 219 30.21 -38.04 -44.29
N LYS F 220 29.39 -37.89 -43.26
CA LYS F 220 28.94 -39.00 -42.42
C LYS F 220 27.43 -39.21 -42.54
N LYS F 221 27.02 -40.38 -43.03
CA LYS F 221 25.61 -40.75 -43.02
C LYS F 221 25.13 -41.07 -41.61
N VAL F 222 24.00 -40.50 -41.22
CA VAL F 222 23.42 -40.69 -39.90
C VAL F 222 22.07 -41.36 -40.05
N GLU F 223 21.93 -42.56 -39.49
CA GLU F 223 20.70 -43.32 -39.69
C GLU F 223 20.28 -43.95 -38.37
N PRO F 224 19.00 -44.32 -38.23
CA PRO F 224 18.56 -45.03 -37.03
C PRO F 224 19.30 -46.34 -36.80
N LYS F 225 19.61 -46.62 -35.53
CA LYS F 225 20.35 -47.83 -35.21
C LYS F 225 19.42 -49.04 -35.34
N SER F 226 19.97 -50.17 -35.78
CA SER F 226 19.16 -51.37 -35.99
C SER F 226 19.19 -52.21 -34.71
N CYS F 227 18.18 -52.01 -33.87
CA CYS F 227 18.07 -52.74 -32.61
C CYS F 227 16.86 -53.67 -32.62
N ASP G 1 -25.09 -45.29 -2.61
CA ASP G 1 -24.70 -44.05 -1.94
C ASP G 1 -24.19 -43.01 -2.92
N VAL G 2 -25.03 -42.01 -3.17
CA VAL G 2 -24.72 -40.94 -4.12
C VAL G 2 -23.59 -40.09 -3.60
N VAL G 3 -22.55 -39.92 -4.43
CA VAL G 3 -21.37 -39.14 -4.10
C VAL G 3 -21.52 -37.79 -4.77
N MET G 4 -21.30 -36.72 -3.99
CA MET G 4 -21.38 -35.35 -4.49
C MET G 4 -19.97 -34.79 -4.60
N THR G 5 -19.63 -34.31 -5.80
CA THR G 5 -18.32 -33.75 -6.10
C THR G 5 -18.50 -32.29 -6.50
N GLN G 6 -17.89 -31.40 -5.73
CA GLN G 6 -17.96 -29.97 -5.97
C GLN G 6 -16.71 -29.49 -6.70
N SER G 7 -16.85 -28.36 -7.40
CA SER G 7 -15.75 -27.82 -8.19
C SER G 7 -15.86 -26.30 -8.29
N PRO G 8 -14.73 -25.58 -8.24
CA PRO G 8 -13.39 -26.14 -8.01
C PRO G 8 -13.14 -26.45 -6.54
N GLY G 9 -12.03 -27.13 -6.23
CA GLY G 9 -11.67 -27.31 -4.82
C GLY G 9 -11.42 -26.00 -4.12
N THR G 10 -10.68 -25.10 -4.76
CA THR G 10 -10.46 -23.76 -4.25
C THR G 10 -10.86 -22.78 -5.35
N LEU G 11 -11.68 -21.79 -5.00
CA LEU G 11 -12.08 -20.76 -5.94
C LEU G 11 -11.57 -19.40 -5.48
N SER G 12 -10.72 -18.78 -6.28
CA SER G 12 -10.08 -17.51 -5.94
C SER G 12 -10.67 -16.43 -6.84
N LEU G 13 -11.37 -15.47 -6.25
CA LEU G 13 -12.06 -14.45 -7.03
C LEU G 13 -11.95 -13.10 -6.35
N SER G 14 -12.35 -12.06 -7.08
CA SER G 14 -12.25 -10.66 -6.72
C SER G 14 -13.57 -10.17 -6.14
N PRO G 15 -13.54 -9.27 -5.16
CA PRO G 15 -14.79 -8.64 -4.72
C PRO G 15 -15.55 -8.04 -5.89
N GLY G 16 -16.86 -8.28 -5.92
CA GLY G 16 -17.71 -7.78 -6.97
C GLY G 16 -17.84 -8.66 -8.20
N GLU G 17 -17.04 -9.72 -8.31
CA GLU G 17 -17.07 -10.57 -9.50
C GLU G 17 -18.17 -11.61 -9.40
N ARG G 18 -18.74 -11.95 -10.55
CA ARG G 18 -19.71 -13.02 -10.64
C ARG G 18 -19.03 -14.36 -10.39
N ALA G 19 -19.69 -15.24 -9.63
CA ALA G 19 -19.14 -16.53 -9.26
C ALA G 19 -20.08 -17.65 -9.66
N THR G 20 -19.51 -18.77 -10.13
CA THR G 20 -20.27 -19.98 -10.39
C THR G 20 -19.53 -21.17 -9.82
N LEU G 21 -20.26 -22.01 -9.07
CA LEU G 21 -19.72 -23.15 -8.35
C LEU G 21 -20.48 -24.39 -8.78
N SER G 22 -19.76 -25.40 -9.25
CA SER G 22 -20.38 -26.59 -9.81
C SER G 22 -20.54 -27.68 -8.76
N CYS G 23 -21.66 -28.40 -8.83
CA CYS G 23 -21.94 -29.54 -7.97
C CYS G 23 -22.44 -30.67 -8.85
N ARG G 24 -21.88 -31.87 -8.68
CA ARG G 24 -22.24 -32.99 -9.53
C ARG G 24 -22.50 -34.22 -8.68
N ALA G 25 -23.59 -34.92 -8.97
CA ALA G 25 -23.95 -36.13 -8.27
C ALA G 25 -23.53 -37.38 -9.03
N SER G 26 -23.13 -38.41 -8.28
CA SER G 26 -22.76 -39.70 -8.85
C SER G 26 -23.95 -40.45 -9.42
N GLN G 27 -25.17 -40.01 -9.10
CA GLN G 27 -26.38 -40.53 -9.72
C GLN G 27 -27.41 -39.43 -9.74
N SER G 28 -28.43 -39.59 -10.59
CA SER G 28 -29.42 -38.54 -10.78
C SER G 28 -30.10 -38.21 -9.46
N VAL G 29 -30.26 -36.92 -9.18
CA VAL G 29 -30.88 -36.49 -7.94
C VAL G 29 -32.39 -36.56 -8.14
N SER G 30 -33.08 -37.30 -7.27
CA SER G 30 -34.51 -37.49 -7.44
C SER G 30 -35.27 -36.24 -7.02
N GLY G 31 -36.27 -35.88 -7.84
CA GLY G 31 -37.12 -34.74 -7.52
C GLY G 31 -36.40 -33.42 -7.36
N GLY G 32 -35.25 -33.25 -7.98
CA GLY G 32 -34.51 -31.99 -7.87
C GLY G 32 -34.13 -31.61 -6.46
N ALA G 33 -33.96 -32.60 -5.57
CA ALA G 33 -33.75 -32.39 -4.14
C ALA G 33 -32.29 -32.03 -3.87
N LEU G 34 -31.93 -30.78 -4.19
CA LEU G 34 -30.56 -30.31 -4.13
C LEU G 34 -30.53 -28.98 -3.41
N ALA G 35 -29.68 -28.88 -2.39
CA ALA G 35 -29.54 -27.67 -1.60
C ALA G 35 -28.09 -27.19 -1.57
N TRP G 36 -27.94 -25.88 -1.39
CA TRP G 36 -26.66 -25.22 -1.20
C TRP G 36 -26.66 -24.53 0.16
N TYR G 37 -25.51 -24.62 0.84
CA TYR G 37 -25.29 -24.04 2.15
C TYR G 37 -24.01 -23.22 2.16
N GLN G 38 -24.00 -22.19 3.00
CA GLN G 38 -22.83 -21.36 3.26
C GLN G 38 -22.36 -21.58 4.68
N GLN G 39 -21.04 -21.65 4.88
CA GLN G 39 -20.47 -21.80 6.20
C GLN G 39 -19.25 -20.90 6.33
N LYS G 40 -19.25 -20.10 7.36
CA LYS G 40 -18.11 -19.34 7.84
C LYS G 40 -17.35 -20.17 8.87
N PRO G 41 -16.05 -19.97 8.99
CA PRO G 41 -15.29 -20.66 10.05
C PRO G 41 -15.92 -20.45 11.42
N GLY G 42 -16.12 -21.55 12.13
CA GLY G 42 -16.68 -21.51 13.47
C GLY G 42 -18.19 -21.38 13.54
N GLN G 43 -18.87 -21.17 12.42
CA GLN G 43 -20.31 -20.98 12.42
C GLN G 43 -21.00 -22.23 11.89
N ALA G 44 -22.28 -22.39 12.25
CA ALA G 44 -23.09 -23.43 11.65
C ALA G 44 -23.27 -23.12 10.16
N PRO G 45 -23.53 -24.13 9.33
CA PRO G 45 -23.93 -23.83 7.94
C PRO G 45 -25.20 -22.99 7.92
N ARG G 46 -25.37 -22.24 6.84
CA ARG G 46 -26.57 -21.44 6.64
C ARG G 46 -27.14 -21.85 5.27
N LEU G 47 -28.41 -22.23 5.25
CA LEU G 47 -29.07 -22.62 4.02
C LEU G 47 -29.25 -21.43 3.08
N LEU G 48 -28.71 -21.57 1.87
CA LEU G 48 -28.85 -20.58 0.81
C LEU G 48 -29.86 -20.98 -0.26
N ILE G 49 -29.91 -22.27 -0.62
CA ILE G 49 -30.77 -22.72 -1.72
C ILE G 49 -31.31 -24.10 -1.40
N TYR G 50 -32.59 -24.30 -1.68
CA TYR G 50 -33.20 -25.63 -1.55
C TYR G 50 -33.95 -25.94 -2.83
N ASP G 51 -34.23 -27.24 -3.02
CA ASP G 51 -34.93 -27.75 -4.19
C ASP G 51 -34.38 -27.14 -5.49
N THR G 52 -33.05 -27.18 -5.61
CA THR G 52 -32.27 -26.73 -6.76
C THR G 52 -32.21 -25.22 -6.91
N SER G 53 -33.36 -24.55 -6.82
CA SER G 53 -33.43 -23.15 -7.23
C SER G 53 -34.24 -22.26 -6.30
N SER G 54 -34.85 -22.80 -5.25
CA SER G 54 -35.74 -22.02 -4.40
C SER G 54 -34.96 -21.41 -3.25
N ARG G 55 -35.14 -20.11 -3.05
CA ARG G 55 -34.33 -19.35 -2.11
C ARG G 55 -35.12 -19.08 -0.85
N PRO G 56 -34.63 -19.49 0.33
CA PRO G 56 -35.37 -19.21 1.56
C PRO G 56 -35.48 -17.72 1.82
N THR G 57 -36.45 -17.35 2.65
CA THR G 57 -36.59 -15.96 3.06
C THR G 57 -35.36 -15.51 3.83
N GLY G 58 -34.94 -14.27 3.57
CA GLY G 58 -33.76 -13.70 4.20
C GLY G 58 -32.47 -13.87 3.42
N VAL G 59 -32.46 -14.69 2.37
CA VAL G 59 -31.27 -14.86 1.56
C VAL G 59 -31.31 -13.86 0.42
N PRO G 60 -30.24 -13.08 0.21
CA PRO G 60 -30.26 -12.04 -0.82
C PRO G 60 -30.43 -12.60 -2.22
N GLY G 61 -31.05 -11.80 -3.08
CA GLY G 61 -31.31 -12.20 -4.45
C GLY G 61 -30.08 -12.38 -5.30
N ARG G 62 -28.90 -11.96 -4.82
CA ARG G 62 -27.67 -12.21 -5.55
C ARG G 62 -27.31 -13.69 -5.60
N PHE G 63 -27.97 -14.52 -4.81
CA PHE G 63 -27.75 -15.96 -4.80
C PHE G 63 -28.76 -16.59 -5.74
N SER G 64 -28.31 -17.47 -6.62
CA SER G 64 -29.20 -18.18 -7.50
C SER G 64 -28.68 -19.59 -7.71
N GLY G 65 -29.60 -20.50 -8.04
CA GLY G 65 -29.24 -21.88 -8.27
C GLY G 65 -29.82 -22.36 -9.58
N SER G 66 -29.14 -23.34 -10.17
CA SER G 66 -29.60 -23.89 -11.43
C SER G 66 -29.14 -25.33 -11.52
N GLY G 67 -29.65 -26.02 -12.52
CA GLY G 67 -29.26 -27.38 -12.82
C GLY G 67 -30.42 -28.34 -12.76
N SER G 68 -30.12 -29.59 -13.06
CA SER G 68 -31.10 -30.66 -13.18
C SER G 68 -30.34 -31.95 -13.43
N GLY G 69 -30.99 -33.07 -13.12
CA GLY G 69 -30.37 -34.33 -13.43
C GLY G 69 -29.14 -34.60 -12.61
N THR G 70 -27.99 -34.55 -13.29
CA THR G 70 -26.69 -34.76 -12.67
C THR G 70 -25.83 -33.50 -12.55
N ASP G 71 -26.30 -32.34 -13.02
CA ASP G 71 -25.43 -31.16 -13.02
C ASP G 71 -26.14 -29.96 -12.39
N PHE G 72 -25.51 -29.37 -11.38
CA PHE G 72 -26.11 -28.32 -10.57
C PHE G 72 -25.07 -27.22 -10.37
N SER G 73 -25.55 -26.01 -10.08
CA SER G 73 -24.63 -24.88 -9.97
C SER G 73 -25.20 -23.80 -9.07
N LEU G 74 -24.33 -23.23 -8.25
CA LEU G 74 -24.61 -22.02 -7.46
C LEU G 74 -23.96 -20.81 -8.12
N THR G 75 -24.76 -19.77 -8.35
CA THR G 75 -24.25 -18.54 -8.94
C THR G 75 -24.43 -17.41 -7.93
N ILE G 76 -23.39 -16.59 -7.79
CA ILE G 76 -23.46 -15.39 -6.99
C ILE G 76 -23.21 -14.22 -7.92
N SER G 77 -24.23 -13.36 -8.08
CA SER G 77 -24.19 -12.37 -9.15
C SER G 77 -23.14 -11.30 -8.85
N ARG G 78 -22.93 -11.01 -7.58
CA ARG G 78 -22.07 -9.91 -7.14
C ARG G 78 -21.51 -10.31 -5.78
N LEU G 79 -20.27 -10.81 -5.78
CA LEU G 79 -19.68 -11.30 -4.53
C LEU G 79 -19.44 -10.13 -3.58
N GLU G 80 -20.22 -10.10 -2.51
CA GLU G 80 -20.06 -9.16 -1.41
C GLU G 80 -19.06 -9.73 -0.42
N PRO G 81 -18.48 -8.88 0.44
CA PRO G 81 -17.44 -9.38 1.36
C PRO G 81 -17.89 -10.54 2.21
N GLU G 82 -19.16 -10.57 2.62
CA GLU G 82 -19.71 -11.62 3.46
C GLU G 82 -19.91 -12.94 2.72
N ASP G 83 -19.65 -13.01 1.42
CA ASP G 83 -19.91 -14.22 0.65
C ASP G 83 -18.69 -15.11 0.54
N PHE G 84 -17.53 -14.66 1.03
CA PHE G 84 -16.33 -15.47 1.02
C PHE G 84 -16.40 -16.47 2.16
N ALA G 85 -16.43 -17.75 1.82
CA ALA G 85 -16.84 -18.79 2.77
C ALA G 85 -16.67 -20.16 2.15
N VAL G 86 -17.00 -21.22 2.86
CA VAL G 86 -17.02 -22.55 2.27
C VAL G 86 -18.47 -22.84 1.92
N TYR G 87 -18.70 -23.46 0.78
CA TYR G 87 -20.04 -23.76 0.30
C TYR G 87 -20.18 -25.26 0.15
N TYR G 88 -21.30 -25.80 0.63
CA TYR G 88 -21.57 -27.22 0.51
C TYR G 88 -22.87 -27.47 -0.24
N CYS G 89 -22.90 -28.53 -1.05
CA CYS G 89 -24.14 -28.96 -1.69
C CYS G 89 -24.56 -30.33 -1.15
N GLN G 90 -25.87 -30.49 -1.03
CA GLN G 90 -26.49 -31.64 -0.38
C GLN G 90 -27.63 -32.17 -1.23
N GLN G 91 -27.65 -33.48 -1.46
CA GLN G 91 -28.80 -34.14 -2.05
C GLN G 91 -29.61 -34.83 -0.96
N TYR G 92 -30.93 -34.73 -1.06
CA TYR G 92 -31.84 -35.38 -0.13
C TYR G 92 -33.03 -36.00 -0.84
N GLY G 93 -32.87 -36.36 -2.12
CA GLY G 93 -33.94 -37.05 -2.84
C GLY G 93 -34.09 -38.51 -2.50
N THR G 94 -33.06 -39.13 -1.97
CA THR G 94 -33.13 -40.49 -1.46
C THR G 94 -33.20 -40.47 0.07
N SER G 95 -33.36 -41.65 0.64
CA SER G 95 -33.44 -41.83 2.09
C SER G 95 -32.06 -41.79 2.74
N GLN G 96 -31.01 -41.65 1.93
CA GLN G 96 -29.64 -41.48 2.40
C GLN G 96 -29.10 -40.18 1.81
N SER G 97 -29.14 -39.11 2.60
CA SER G 97 -28.65 -37.82 2.17
C SER G 97 -27.13 -37.75 2.30
N THR G 98 -26.50 -37.04 1.37
CA THR G 98 -25.04 -36.92 1.34
C THR G 98 -24.64 -35.47 1.07
N PHE G 99 -23.47 -35.10 1.58
CA PHE G 99 -22.91 -33.77 1.38
C PHE G 99 -21.71 -33.81 0.46
N GLY G 100 -21.50 -32.74 -0.29
CA GLY G 100 -20.23 -32.57 -0.99
C GLY G 100 -19.10 -32.22 -0.04
N GLN G 101 -17.90 -32.16 -0.60
CA GLN G 101 -16.70 -31.92 0.20
C GLN G 101 -16.43 -30.43 0.41
N GLY G 102 -17.20 -29.55 -0.21
CA GLY G 102 -17.08 -28.11 -0.01
C GLY G 102 -16.26 -27.46 -1.12
N THR G 103 -16.65 -26.23 -1.45
CA THR G 103 -15.83 -25.34 -2.29
C THR G 103 -15.45 -24.11 -1.49
N ARG G 104 -14.16 -23.80 -1.49
CA ARG G 104 -13.62 -22.66 -0.76
C ARG G 104 -13.67 -21.42 -1.63
N LEU G 105 -14.33 -20.37 -1.15
CA LEU G 105 -14.45 -19.10 -1.85
C LEU G 105 -13.65 -18.08 -1.04
N GLU G 106 -12.54 -17.61 -1.63
CA GLU G 106 -11.59 -16.73 -0.98
C GLU G 106 -11.38 -15.49 -1.83
N ILE G 107 -10.68 -14.52 -1.25
CA ILE G 107 -10.44 -13.23 -1.89
C ILE G 107 -9.26 -13.33 -2.85
N LYS G 108 -9.31 -12.56 -3.93
CA LYS G 108 -8.20 -12.43 -4.87
C LYS G 108 -7.49 -11.12 -4.58
N ARG G 109 -6.18 -11.20 -4.31
CA ARG G 109 -5.43 -9.99 -3.98
C ARG G 109 -4.00 -10.08 -4.53
N THR G 110 -3.27 -8.97 -4.36
CA THR G 110 -1.90 -8.88 -4.82
C THR G 110 -1.01 -9.91 -4.14
N VAL G 111 -0.11 -10.52 -4.92
CA VAL G 111 0.88 -11.44 -4.37
C VAL G 111 1.63 -10.73 -3.25
N ALA G 112 1.81 -11.42 -2.12
CA ALA G 112 2.57 -10.89 -1.00
C ALA G 112 3.49 -11.97 -0.46
N ALA G 113 4.79 -11.72 -0.45
CA ALA G 113 5.71 -12.70 0.10
C ALA G 113 5.57 -12.74 1.61
N PRO G 114 5.73 -13.90 2.23
CA PRO G 114 5.69 -13.99 3.69
C PRO G 114 6.92 -13.37 4.33
N SER G 115 6.75 -12.91 5.56
CA SER G 115 7.88 -12.58 6.41
C SER G 115 8.22 -13.83 7.22
N VAL G 116 9.42 -14.37 7.03
CA VAL G 116 9.79 -15.64 7.66
C VAL G 116 10.67 -15.37 8.86
N PHE G 117 10.37 -16.07 9.95
CA PHE G 117 11.11 -15.94 11.20
C PHE G 117 11.28 -17.33 11.80
N ILE G 118 12.46 -17.63 12.32
CA ILE G 118 12.67 -18.90 13.00
C ILE G 118 12.95 -18.61 14.48
N PHE G 119 12.36 -19.44 15.34
CA PHE G 119 12.53 -19.33 16.78
C PHE G 119 13.07 -20.63 17.31
N PRO G 120 14.24 -20.61 17.96
CA PRO G 120 14.77 -21.79 18.62
C PRO G 120 13.96 -22.10 19.86
N PRO G 121 14.07 -23.30 20.42
CA PRO G 121 13.41 -23.58 21.71
C PRO G 121 13.98 -22.75 22.85
N SER G 122 13.11 -22.42 23.79
CA SER G 122 13.48 -21.73 25.02
C SER G 122 14.26 -22.67 25.94
N ASP G 123 15.16 -22.07 26.74
CA ASP G 123 15.85 -22.84 27.76
C ASP G 123 14.87 -23.52 28.71
N GLU G 124 13.74 -22.87 28.98
CA GLU G 124 12.76 -23.46 29.89
C GLU G 124 12.21 -24.75 29.33
N GLN G 125 11.82 -24.73 28.04
CA GLN G 125 11.32 -25.96 27.45
C GLN G 125 12.42 -27.01 27.37
N LEU G 126 13.65 -26.58 27.07
CA LEU G 126 14.76 -27.53 27.00
C LEU G 126 14.91 -28.29 28.31
N LYS G 127 14.54 -27.65 29.43
CA LYS G 127 14.61 -28.37 30.70
C LYS G 127 13.56 -29.48 30.83
N SER G 128 12.50 -29.46 30.02
CA SER G 128 11.49 -30.50 30.02
C SER G 128 11.87 -31.75 29.24
N GLY G 129 12.98 -31.74 28.52
CA GLY G 129 13.40 -32.85 27.69
C GLY G 129 12.93 -32.84 26.24
N THR G 130 12.20 -31.81 25.81
CA THR G 130 11.72 -31.73 24.44
C THR G 130 12.10 -30.36 23.88
N ALA G 131 12.42 -30.30 22.60
CA ALA G 131 12.69 -29.05 21.90
C ALA G 131 11.72 -28.85 20.73
N SER G 132 10.96 -27.77 20.77
CA SER G 132 10.17 -27.34 19.63
C SER G 132 10.85 -26.14 18.98
N VAL G 133 11.07 -26.23 17.67
CA VAL G 133 11.62 -25.13 16.87
C VAL G 133 10.51 -24.67 15.93
N VAL G 134 10.29 -23.37 15.88
CA VAL G 134 9.13 -22.83 15.17
C VAL G 134 9.59 -21.98 14.00
N CYS G 135 8.92 -22.16 12.85
CA CYS G 135 9.12 -21.30 11.70
C CYS G 135 7.77 -20.63 11.42
N LEU G 136 7.80 -19.31 11.31
CA LEU G 136 6.64 -18.47 11.05
C LEU G 136 6.71 -17.87 9.66
N LEU G 137 5.62 -18.00 8.91
CA LEU G 137 5.40 -17.31 7.65
C LEU G 137 4.28 -16.32 7.89
N ASN G 138 4.58 -15.02 7.80
CA ASN G 138 3.66 -13.97 8.22
C ASN G 138 3.10 -13.27 7.00
N ASN G 139 1.76 -13.17 6.95
CA ASN G 139 1.03 -12.26 6.05
C ASN G 139 1.39 -12.50 4.58
N PHE G 140 1.06 -13.69 4.10
CA PHE G 140 1.37 -14.07 2.73
C PHE G 140 0.09 -14.40 1.97
N TYR G 141 0.22 -14.42 0.65
CA TYR G 141 -0.84 -14.78 -0.29
C TYR G 141 -0.17 -15.18 -1.59
N PRO G 142 -0.57 -16.30 -2.22
CA PRO G 142 -1.71 -17.17 -1.87
C PRO G 142 -1.43 -18.12 -0.71
N ARG G 143 -2.41 -18.95 -0.39
CA ARG G 143 -2.34 -19.76 0.83
C ARG G 143 -1.30 -20.87 0.72
N GLU G 144 -1.09 -21.40 -0.48
CA GLU G 144 -0.12 -22.47 -0.65
C GLU G 144 1.29 -21.98 -0.31
N ALA G 145 2.03 -22.81 0.40
CA ALA G 145 3.40 -22.51 0.79
C ALA G 145 4.09 -23.81 1.11
N LYS G 146 5.39 -23.87 0.89
CA LYS G 146 6.18 -25.06 1.19
C LYS G 146 7.20 -24.72 2.26
N VAL G 147 7.21 -25.51 3.32
CA VAL G 147 8.14 -25.34 4.44
C VAL G 147 8.97 -26.62 4.53
N GLN G 148 10.28 -26.47 4.43
CA GLN G 148 11.22 -27.59 4.59
C GLN G 148 12.11 -27.32 5.79
N TRP G 149 12.25 -28.32 6.65
CA TRP G 149 13.14 -28.26 7.81
C TRP G 149 14.47 -28.94 7.46
N LYS G 150 15.58 -28.29 7.80
CA LYS G 150 16.88 -28.90 7.59
C LYS G 150 17.69 -28.85 8.88
N VAL G 151 18.22 -29.99 9.28
CA VAL G 151 19.06 -30.11 10.47
C VAL G 151 20.40 -30.65 9.95
N ASP G 152 21.45 -29.85 10.08
CA ASP G 152 22.76 -30.18 9.51
C ASP G 152 22.61 -30.67 8.06
N ASN G 153 21.78 -29.97 7.29
CA ASN G 153 21.53 -30.19 5.86
C ASN G 153 20.66 -31.41 5.59
N ALA G 154 20.19 -32.12 6.62
CA ALA G 154 19.38 -33.32 6.42
C ALA G 154 17.90 -32.96 6.49
N LEU G 155 17.18 -33.27 5.41
CA LEU G 155 15.75 -33.04 5.32
C LEU G 155 14.98 -33.90 6.32
N SER G 160 7.65 -32.57 11.87
CA SER G 160 7.07 -31.24 11.93
C SER G 160 5.57 -31.28 11.65
N GLN G 161 4.86 -30.28 12.16
CA GLN G 161 3.45 -30.07 11.86
C GLN G 161 3.22 -28.59 11.59
N GLU G 162 2.21 -28.27 10.78
CA GLU G 162 1.94 -26.87 10.48
C GLU G 162 0.44 -26.57 10.54
N SER G 163 0.15 -25.28 10.65
CA SER G 163 -1.21 -24.79 10.83
C SER G 163 -1.32 -23.39 10.23
N VAL G 164 -2.43 -23.13 9.53
CA VAL G 164 -2.63 -21.90 8.80
C VAL G 164 -3.83 -21.16 9.37
N THR G 165 -3.70 -19.85 9.55
CA THR G 165 -4.81 -19.03 9.96
C THR G 165 -5.81 -18.88 8.83
N GLU G 166 -7.01 -18.43 9.18
CA GLU G 166 -8.00 -18.03 8.19
C GLU G 166 -7.53 -16.77 7.47
N GLN G 167 -8.03 -16.59 6.25
CA GLN G 167 -7.68 -15.41 5.46
C GLN G 167 -7.99 -14.16 6.28
N ASP G 168 -7.01 -13.27 6.38
CA ASP G 168 -7.12 -12.16 7.32
C ASP G 168 -8.23 -11.22 6.86
N SER G 169 -9.07 -10.82 7.82
CA SER G 169 -10.24 -10.01 7.51
C SER G 169 -9.91 -8.59 7.07
N LYS G 170 -8.72 -8.07 7.41
CA LYS G 170 -8.33 -6.74 7.01
C LYS G 170 -7.48 -6.68 5.74
N ASP G 171 -6.49 -7.57 5.61
CA ASP G 171 -5.54 -7.49 4.49
C ASP G 171 -5.57 -8.69 3.57
N SER G 172 -6.42 -9.68 3.81
CA SER G 172 -6.65 -10.81 2.92
C SER G 172 -5.43 -11.71 2.75
N THR G 173 -4.50 -11.69 3.71
CA THR G 173 -3.36 -12.58 3.69
C THR G 173 -3.60 -13.80 4.59
N TYR G 174 -2.65 -14.72 4.52
CA TYR G 174 -2.59 -15.90 5.37
C TYR G 174 -1.30 -15.87 6.17
N SER G 175 -1.30 -16.58 7.30
CA SER G 175 -0.09 -16.87 8.04
C SER G 175 -0.02 -18.36 8.33
N LEU G 176 1.20 -18.85 8.55
CA LEU G 176 1.47 -20.27 8.71
C LEU G 176 2.51 -20.47 9.80
N SER G 177 2.27 -21.44 10.66
CA SER G 177 3.15 -21.77 11.76
C SER G 177 3.51 -23.25 11.66
N SER G 178 4.82 -23.53 11.62
CA SER G 178 5.29 -24.91 11.55
C SER G 178 6.23 -25.18 12.72
N THR G 179 6.02 -26.32 13.39
CA THR G 179 6.80 -26.70 14.56
C THR G 179 7.50 -28.03 14.29
N LEU G 180 8.82 -28.03 14.43
CA LEU G 180 9.63 -29.24 14.37
C LEU G 180 9.92 -29.65 15.82
N THR G 181 9.58 -30.88 16.18
CA THR G 181 9.76 -31.36 17.56
C THR G 181 10.80 -32.48 17.62
N LEU G 182 11.82 -32.28 18.46
CA LEU G 182 12.88 -33.26 18.69
C LEU G 182 13.04 -33.48 20.18
N SER G 183 13.54 -34.65 20.57
CA SER G 183 13.98 -34.82 21.94
C SER G 183 15.20 -33.91 22.18
N LYS G 184 15.41 -33.54 23.45
CA LYS G 184 16.57 -32.72 23.78
C LYS G 184 17.87 -33.42 23.37
N ALA G 185 17.96 -34.73 23.56
CA ALA G 185 19.20 -35.42 23.22
C ALA G 185 19.44 -35.36 21.72
N ASP G 186 18.38 -35.54 20.91
CA ASP G 186 18.51 -35.43 19.47
C ASP G 186 18.80 -33.98 19.08
N TYR G 187 18.13 -33.03 19.74
CA TYR G 187 18.33 -31.62 19.46
C TYR G 187 19.79 -31.21 19.66
N GLU G 188 20.42 -31.68 20.72
CA GLU G 188 21.80 -31.30 21.02
C GLU G 188 22.83 -32.15 20.30
N LYS G 189 22.43 -32.92 19.30
CA LYS G 189 23.38 -33.63 18.47
C LYS G 189 23.82 -32.83 17.26
N HIS G 190 23.10 -31.75 16.94
CA HIS G 190 23.32 -31.01 15.71
C HIS G 190 23.43 -29.53 16.01
N LYS G 191 23.97 -28.78 15.05
CA LYS G 191 24.34 -27.39 15.27
C LYS G 191 23.42 -26.41 14.53
N VAL G 192 23.27 -26.54 13.22
CA VAL G 192 22.61 -25.52 12.40
C VAL G 192 21.20 -25.98 12.09
N TYR G 193 20.22 -25.17 12.47
CA TYR G 193 18.81 -25.45 12.26
C TYR G 193 18.24 -24.43 11.29
N ALA G 194 17.59 -24.89 10.22
CA ALA G 194 17.18 -23.98 9.16
C ALA G 194 15.80 -24.34 8.63
N CYS G 195 14.99 -23.32 8.35
CA CYS G 195 13.70 -23.51 7.71
CA CYS G 195 13.68 -23.47 7.73
C CYS G 195 13.69 -22.76 6.38
N GLU G 196 13.31 -23.48 5.33
CA GLU G 196 13.31 -23.01 3.95
C GLU G 196 11.88 -22.88 3.45
N VAL G 197 11.55 -21.71 2.92
CA VAL G 197 10.19 -21.32 2.58
C VAL G 197 10.14 -21.08 1.08
N THR G 198 9.27 -21.81 0.40
CA THR G 198 9.02 -21.66 -1.02
C THR G 198 7.59 -21.13 -1.18
N HIS G 199 7.45 -19.99 -1.84
CA HIS G 199 6.15 -19.37 -2.02
C HIS G 199 6.18 -18.56 -3.31
N GLN G 200 5.02 -18.00 -3.67
CA GLN G 200 4.88 -17.28 -4.93
C GLN G 200 5.63 -15.94 -4.88
N GLY G 201 5.46 -15.17 -3.81
CA GLY G 201 6.08 -13.87 -3.72
C GLY G 201 7.58 -13.87 -3.57
N LEU G 202 8.21 -15.04 -3.50
CA LEU G 202 9.65 -15.16 -3.36
C LEU G 202 10.23 -15.65 -4.68
N SER G 203 11.19 -14.90 -5.23
N SER G 203 11.19 -14.91 -5.23
CA SER G 203 11.82 -15.32 -6.48
CA SER G 203 11.81 -15.33 -6.48
C SER G 203 12.61 -16.61 -6.29
C SER G 203 12.61 -16.62 -6.29
N SER G 204 13.30 -16.74 -5.18
CA SER G 204 14.00 -17.96 -4.81
C SER G 204 13.68 -18.26 -3.35
N PRO G 205 13.94 -19.48 -2.88
CA PRO G 205 13.47 -19.85 -1.55
C PRO G 205 14.18 -19.01 -0.49
N VAL G 206 13.48 -18.75 0.61
CA VAL G 206 14.05 -17.98 1.71
C VAL G 206 14.39 -18.96 2.83
N THR G 207 15.62 -18.91 3.32
CA THR G 207 16.03 -19.73 4.44
C THR G 207 16.36 -18.84 5.64
N LYS G 208 15.75 -19.17 6.78
CA LYS G 208 16.13 -18.59 8.06
C LYS G 208 16.72 -19.69 8.92
N SER G 209 17.81 -19.38 9.60
CA SER G 209 18.51 -20.41 10.34
C SER G 209 19.12 -19.82 11.60
N PHE G 210 19.53 -20.72 12.49
CA PHE G 210 20.32 -20.34 13.64
C PHE G 210 21.28 -21.46 14.00
N ASN G 211 22.31 -21.09 14.75
CA ASN G 211 23.26 -22.03 15.32
C ASN G 211 22.93 -22.22 16.79
N ARG G 212 22.81 -23.47 17.22
CA ARG G 212 22.42 -23.76 18.59
C ARG G 212 23.43 -23.16 19.57
N GLY G 213 22.92 -22.39 20.53
CA GLY G 213 23.77 -21.82 21.57
C GLY G 213 24.53 -20.57 21.19
N GLU G 214 24.24 -19.98 20.04
CA GLU G 214 24.87 -18.73 19.64
C GLU G 214 23.91 -17.56 19.58
N GLU H 1 -39.28 -16.75 16.48
CA GLU H 1 -38.31 -17.47 15.65
C GLU H 1 -37.96 -18.84 16.25
N VAL H 2 -37.71 -19.80 15.36
CA VAL H 2 -37.32 -21.14 15.79
C VAL H 2 -35.93 -21.11 16.40
N GLN H 3 -35.77 -21.78 17.54
CA GLN H 3 -34.50 -21.81 18.25
C GLN H 3 -34.16 -23.25 18.61
N LEU H 4 -32.98 -23.70 18.18
CA LEU H 4 -32.45 -25.00 18.51
C LEU H 4 -31.22 -24.79 19.38
N VAL H 5 -31.29 -25.22 20.64
CA VAL H 5 -30.23 -25.00 21.62
C VAL H 5 -29.76 -26.35 22.13
N GLN H 6 -28.50 -26.67 21.89
CA GLN H 6 -27.94 -27.97 22.21
C GLN H 6 -27.22 -27.96 23.55
N SER H 7 -27.04 -29.16 24.09
CA SER H 7 -26.27 -29.35 25.32
C SER H 7 -24.79 -29.10 25.08
N GLY H 8 -24.04 -29.01 26.17
CA GLY H 8 -22.67 -28.58 26.11
C GLY H 8 -21.75 -29.66 25.59
N GLY H 9 -20.57 -29.22 25.16
CA GLY H 9 -19.57 -30.14 24.65
C GLY H 9 -19.02 -31.04 25.74
N GLU H 10 -18.40 -32.13 25.31
CA GLU H 10 -17.88 -33.11 26.25
C GLU H 10 -16.70 -33.84 25.64
N VAL H 11 -15.82 -34.31 26.51
CA VAL H 11 -14.81 -35.31 26.19
C VAL H 11 -15.34 -36.68 26.56
N LYS H 12 -15.25 -37.62 25.63
CA LYS H 12 -15.68 -39.00 25.87
C LYS H 12 -14.49 -39.94 25.62
N ARG H 13 -14.38 -40.98 26.44
CA ARG H 13 -13.33 -41.97 26.26
C ARG H 13 -13.68 -42.90 25.10
N PRO H 14 -12.68 -43.51 24.47
CA PRO H 14 -12.96 -44.44 23.35
C PRO H 14 -13.72 -45.65 23.85
N GLY H 15 -14.77 -46.02 23.11
CA GLY H 15 -15.60 -47.15 23.44
C GLY H 15 -16.86 -46.78 24.22
N SER H 16 -16.94 -45.56 24.72
CA SER H 16 -18.08 -45.11 25.50
C SER H 16 -19.19 -44.64 24.56
N SER H 17 -20.22 -44.03 25.10
CA SER H 17 -21.37 -43.56 24.34
C SER H 17 -21.70 -42.13 24.74
N VAL H 18 -21.90 -41.27 23.75
CA VAL H 18 -22.22 -39.86 23.98
C VAL H 18 -23.69 -39.63 23.66
N THR H 19 -24.34 -38.80 24.47
CA THR H 19 -25.69 -38.31 24.21
C THR H 19 -25.63 -36.81 24.00
N VAL H 20 -26.23 -36.34 22.92
CA VAL H 20 -26.39 -34.92 22.64
C VAL H 20 -27.88 -34.62 22.59
N SER H 21 -28.28 -33.52 23.21
CA SER H 21 -29.68 -33.12 23.22
C SER H 21 -29.87 -31.82 22.46
N CYS H 22 -31.09 -31.63 21.99
CA CYS H 22 -31.45 -30.44 21.21
C CYS H 22 -32.84 -30.02 21.63
N LYS H 23 -32.93 -28.90 22.34
CA LYS H 23 -34.22 -28.37 22.78
C LYS H 23 -34.73 -27.38 21.74
N ALA H 24 -35.88 -27.67 21.15
CA ALA H 24 -36.43 -26.80 20.12
C ALA H 24 -37.57 -25.98 20.72
N THR H 25 -37.47 -24.67 20.57
CA THR H 25 -38.47 -23.74 21.05
C THR H 25 -38.81 -22.73 19.96
N GLY H 26 -40.03 -22.25 19.99
CA GLY H 26 -40.46 -21.10 19.21
C GLY H 26 -41.07 -21.43 17.86
N GLY H 27 -41.36 -22.69 17.58
CA GLY H 27 -41.95 -23.05 16.30
C GLY H 27 -42.44 -24.48 16.34
N THR H 28 -43.08 -24.88 15.24
CA THR H 28 -43.63 -26.22 15.11
C THR H 28 -42.56 -27.28 15.38
N PHE H 29 -42.88 -28.27 16.21
CA PHE H 29 -41.93 -29.32 16.53
C PHE H 29 -42.39 -30.71 16.07
N SER H 30 -43.68 -31.01 16.16
CA SER H 30 -44.18 -32.38 16.20
C SER H 30 -44.40 -33.00 14.83
N THR H 31 -44.28 -32.24 13.74
CA THR H 31 -44.64 -32.71 12.41
C THR H 31 -43.55 -32.43 11.37
N LEU H 32 -42.34 -32.11 11.82
CA LEU H 32 -41.22 -31.88 10.93
C LEU H 32 -40.06 -32.81 11.27
N ALA H 33 -39.16 -33.00 10.30
CA ALA H 33 -38.00 -33.84 10.50
C ALA H 33 -36.89 -33.05 11.17
N PHE H 34 -36.31 -33.64 12.22
CA PHE H 34 -35.06 -33.17 12.79
C PHE H 34 -33.92 -34.12 12.44
N ASN H 35 -32.79 -33.57 12.03
CA ASN H 35 -31.66 -34.35 11.56
C ASN H 35 -30.45 -34.02 12.44
N TRP H 36 -29.56 -34.98 12.57
CA TRP H 36 -28.26 -34.77 13.19
C TRP H 36 -27.18 -34.78 12.11
N VAL H 37 -26.32 -33.78 12.13
CA VAL H 37 -25.25 -33.63 11.16
C VAL H 37 -23.97 -33.35 11.92
N ARG H 38 -22.89 -34.04 11.58
CA ARG H 38 -21.65 -33.81 12.29
C ARG H 38 -20.58 -33.32 11.32
N GLN H 39 -19.58 -32.66 11.90
CA GLN H 39 -18.51 -32.06 11.12
C GLN H 39 -17.22 -32.18 11.90
N ALA H 40 -16.30 -32.98 11.41
CA ALA H 40 -15.02 -33.12 12.11
C ALA H 40 -14.16 -31.89 11.79
N PRO H 41 -13.23 -31.54 12.69
CA PRO H 41 -12.34 -30.39 12.42
C PRO H 41 -11.70 -30.47 11.04
N GLY H 42 -11.88 -29.43 10.23
CA GLY H 42 -11.28 -29.37 8.93
C GLY H 42 -12.00 -30.14 7.84
N GLN H 43 -13.09 -30.84 8.18
CA GLN H 43 -13.83 -31.66 7.25
C GLN H 43 -15.19 -31.04 6.96
N GLY H 44 -15.88 -31.60 5.98
CA GLY H 44 -17.20 -31.15 5.64
C GLY H 44 -18.26 -31.82 6.50
N PRO H 45 -19.48 -31.29 6.41
CA PRO H 45 -20.59 -31.90 7.15
C PRO H 45 -20.95 -33.28 6.61
N GLU H 46 -21.41 -34.14 7.52
CA GLU H 46 -21.86 -35.48 7.19
C GLU H 46 -23.21 -35.70 7.88
N TRP H 47 -24.22 -36.03 7.09
CA TRP H 47 -25.52 -36.36 7.65
C TRP H 47 -25.47 -37.71 8.36
N MET H 48 -26.08 -37.76 9.54
CA MET H 48 -26.10 -38.98 10.33
C MET H 48 -27.45 -39.67 10.38
N GLY H 49 -28.54 -38.90 10.50
CA GLY H 49 -29.85 -39.51 10.62
C GLY H 49 -30.87 -38.45 10.95
N GLY H 50 -32.14 -38.87 10.93
CA GLY H 50 -33.22 -37.97 11.28
C GLY H 50 -34.37 -38.71 11.93
N ILE H 51 -35.26 -37.91 12.52
CA ILE H 51 -36.47 -38.40 13.18
C ILE H 51 -37.64 -37.45 12.86
N VAL H 52 -38.81 -38.02 12.62
CA VAL H 52 -40.07 -37.29 12.64
C VAL H 52 -40.76 -37.63 13.97
N PRO H 53 -40.88 -36.68 14.91
CA PRO H 53 -41.29 -37.05 16.27
C PRO H 53 -42.71 -37.58 16.35
N LEU H 54 -43.59 -37.17 15.42
CA LEU H 54 -45.02 -37.46 15.52
C LEU H 54 -45.27 -38.92 15.87
N PHE H 55 -44.67 -39.82 15.10
CA PHE H 55 -44.72 -41.25 15.40
C PHE H 55 -43.31 -41.81 15.56
N SER H 56 -42.34 -40.93 15.82
CA SER H 56 -40.95 -41.32 16.06
C SER H 56 -40.47 -42.19 14.89
N ILE H 57 -40.79 -41.75 13.68
CA ILE H 57 -40.23 -42.37 12.49
C ILE H 57 -38.77 -41.96 12.34
N VAL H 58 -37.87 -42.93 12.22
CA VAL H 58 -36.46 -42.58 12.14
C VAL H 58 -35.88 -43.06 10.81
N ASN H 59 -34.77 -42.43 10.43
CA ASN H 59 -34.00 -42.80 9.25
C ASN H 59 -32.54 -42.67 9.65
N TYR H 60 -31.79 -43.76 9.61
CA TYR H 60 -30.39 -43.76 10.01
C TYR H 60 -29.50 -43.95 8.80
N GLY H 61 -28.44 -43.17 8.72
CA GLY H 61 -27.40 -43.39 7.74
C GLY H 61 -26.86 -44.80 7.80
N GLN H 62 -26.53 -45.37 6.64
CA GLN H 62 -26.12 -46.77 6.59
C GLN H 62 -24.84 -47.00 7.38
N LYS H 63 -23.90 -46.05 7.32
CA LYS H 63 -22.62 -46.25 7.99
C LYS H 63 -22.73 -46.18 9.51
N PHE H 64 -23.83 -45.68 10.05
CA PHE H 64 -24.00 -45.56 11.50
C PHE H 64 -24.96 -46.56 12.12
N GLN H 65 -25.64 -47.39 11.34
CA GLN H 65 -26.59 -48.31 11.94
C GLN H 65 -25.82 -49.26 12.85
N GLY H 66 -26.37 -49.49 14.04
CA GLY H 66 -25.73 -50.26 15.07
C GLY H 66 -25.00 -49.42 16.09
N ARG H 67 -24.54 -48.23 15.70
CA ARG H 67 -23.83 -47.36 16.62
C ARG H 67 -24.60 -46.09 16.92
N LEU H 68 -25.56 -45.74 16.08
CA LEU H 68 -26.27 -44.47 16.16
C LEU H 68 -27.69 -44.75 16.65
N THR H 69 -28.16 -43.97 17.62
CA THR H 69 -29.56 -43.93 17.99
C THR H 69 -30.05 -42.49 17.96
N ILE H 70 -31.25 -42.27 17.43
CA ILE H 70 -31.91 -40.97 17.49
C ILE H 70 -33.26 -41.12 18.17
N ARG H 71 -33.55 -40.24 19.11
CA ARG H 71 -34.77 -40.26 19.90
C ARG H 71 -35.36 -38.85 19.94
N ALA H 72 -36.63 -38.77 20.34
CA ALA H 72 -37.32 -37.49 20.43
C ALA H 72 -38.36 -37.57 21.53
N ASP H 73 -38.56 -36.45 22.22
CA ASP H 73 -39.51 -36.34 23.32
C ASP H 73 -40.48 -35.20 23.02
N LYS H 74 -41.77 -35.53 22.97
CA LYS H 74 -42.77 -34.54 22.56
C LYS H 74 -43.23 -33.66 23.72
N SER H 75 -43.16 -34.17 24.96
CA SER H 75 -43.60 -33.36 26.10
C SER H 75 -42.69 -32.15 26.29
N THR H 76 -41.39 -32.30 26.02
CA THR H 76 -40.41 -31.25 26.17
C THR H 76 -39.84 -30.77 24.84
N THR H 77 -40.46 -31.16 23.73
CA THR H 77 -40.05 -30.77 22.38
C THR H 77 -38.54 -30.80 22.21
N THR H 78 -37.93 -31.92 22.61
CA THR H 78 -36.49 -32.08 22.57
C THR H 78 -36.13 -33.31 21.75
N VAL H 79 -35.03 -33.22 21.00
CA VAL H 79 -34.49 -34.33 20.23
C VAL H 79 -33.16 -34.74 20.84
N PHE H 80 -32.82 -36.02 20.68
CA PHE H 80 -31.58 -36.57 21.24
C PHE H 80 -30.81 -37.38 20.22
N LEU H 81 -29.51 -37.47 20.44
CA LEU H 81 -28.58 -38.19 19.58
C LEU H 81 -27.68 -39.04 20.47
N ASP H 82 -27.69 -40.35 20.26
CA ASP H 82 -26.83 -41.28 20.97
C ASP H 82 -25.91 -41.99 19.99
N LEU H 83 -24.62 -41.98 20.29
CA LEU H 83 -23.62 -42.60 19.42
C LEU H 83 -22.73 -43.44 20.31
N SER H 84 -22.76 -44.76 20.10
CA SER H 84 -22.04 -45.71 20.90
C SER H 84 -20.76 -46.13 20.21
N GLY H 85 -19.94 -46.90 20.93
CA GLY H 85 -18.73 -47.42 20.31
C GLY H 85 -17.82 -46.33 19.83
N LEU H 86 -17.63 -45.27 20.62
CA LEU H 86 -16.94 -44.10 20.13
C LEU H 86 -15.49 -44.44 19.78
N THR H 87 -15.00 -43.80 18.73
CA THR H 87 -13.59 -43.84 18.34
C THR H 87 -13.17 -42.43 17.95
N SER H 88 -11.88 -42.26 17.71
CA SER H 88 -11.36 -40.96 17.32
C SER H 88 -11.99 -40.43 16.04
N ALA H 89 -12.54 -41.31 15.20
CA ALA H 89 -13.26 -40.84 14.01
C ALA H 89 -14.56 -40.13 14.34
N ASP H 90 -15.03 -40.19 15.58
CA ASP H 90 -16.24 -39.49 15.98
C ASP H 90 -15.98 -38.14 16.64
N THR H 91 -14.73 -37.73 16.79
CA THR H 91 -14.45 -36.38 17.28
C THR H 91 -14.95 -35.38 16.24
N ALA H 92 -15.89 -34.53 16.65
CA ALA H 92 -16.53 -33.60 15.71
C ALA H 92 -17.40 -32.63 16.49
N THR H 93 -17.84 -31.57 15.80
CA THR H 93 -18.97 -30.80 16.26
C THR H 93 -20.25 -31.41 15.70
N TYR H 94 -21.21 -31.66 16.59
CA TYR H 94 -22.49 -32.28 16.25
C TYR H 94 -23.56 -31.19 16.26
N TYR H 95 -24.35 -31.14 15.20
CA TYR H 95 -25.42 -30.16 15.08
C TYR H 95 -26.77 -30.85 14.94
N CYS H 96 -27.78 -30.20 15.49
CA CYS H 96 -29.18 -30.59 15.31
CA CYS H 96 -29.19 -30.57 15.33
C CYS H 96 -29.83 -29.56 14.39
N ALA H 97 -30.46 -30.07 13.33
CA ALA H 97 -30.99 -29.17 12.31
C ALA H 97 -32.39 -29.60 11.89
N ARG H 98 -33.29 -28.63 11.87
CA ARG H 98 -34.67 -28.85 11.49
C ARG H 98 -34.91 -28.34 10.08
N GLU H 99 -35.73 -29.09 9.35
CA GLU H 99 -36.07 -28.63 8.02
C GLU H 99 -36.92 -27.38 8.16
N GLY H 100 -36.88 -26.55 7.15
CA GLY H 100 -37.74 -25.39 7.19
C GLY H 100 -39.15 -25.66 6.77
N GLU H 101 -39.98 -24.65 7.03
CA GLU H 101 -41.37 -24.63 6.58
C GLU H 101 -41.42 -23.39 5.71
N GLY H 102 -41.97 -23.49 4.52
CA GLY H 102 -41.92 -22.26 3.78
C GLY H 102 -43.35 -21.78 3.74
N TRP H 103 -43.77 -21.29 2.58
CA TRP H 103 -45.11 -20.72 2.44
C TRP H 103 -46.12 -21.80 2.78
N PHE H 104 -47.40 -21.45 2.80
CA PHE H 104 -48.47 -22.36 3.19
C PHE H 104 -48.19 -23.13 4.48
N GLY H 105 -47.08 -23.86 4.52
CA GLY H 105 -46.56 -24.51 5.72
C GLY H 105 -45.83 -25.77 5.32
N LYS H 106 -45.78 -25.96 4.02
CA LYS H 106 -45.26 -27.17 3.39
C LYS H 106 -43.82 -27.50 3.82
N PRO H 107 -43.55 -28.74 4.24
CA PRO H 107 -42.19 -29.13 4.65
C PRO H 107 -41.22 -29.08 3.48
N LEU H 108 -40.05 -28.46 3.71
CA LEU H 108 -39.07 -28.25 2.65
C LEU H 108 -37.98 -29.33 2.58
N ARG H 109 -37.87 -30.19 3.59
CA ARG H 109 -36.84 -31.24 3.68
C ARG H 109 -35.43 -30.69 3.89
N ALA H 110 -35.07 -29.63 3.17
CA ALA H 110 -33.77 -28.99 3.36
C ALA H 110 -33.63 -28.44 4.78
N PHE H 111 -32.39 -28.36 5.26
CA PHE H 111 -32.10 -28.08 6.66
C PHE H 111 -31.98 -26.57 6.85
N GLU H 112 -33.06 -25.95 7.35
CA GLU H 112 -33.11 -24.49 7.43
C GLU H 112 -32.65 -23.95 8.77
N PHE H 113 -32.89 -24.67 9.87
CA PHE H 113 -32.56 -24.16 11.20
C PHE H 113 -31.55 -25.07 11.87
N TRP H 114 -30.50 -24.47 12.43
CA TRP H 114 -29.39 -25.24 13.00
C TRP H 114 -29.18 -24.84 14.45
N GLY H 115 -28.89 -25.83 15.29
CA GLY H 115 -28.40 -25.58 16.63
C GLY H 115 -27.01 -24.95 16.65
N GLN H 116 -26.59 -24.58 17.86
CA GLN H 116 -25.28 -23.92 18.00
C GLN H 116 -24.14 -24.92 17.94
N GLY H 117 -24.44 -26.20 18.00
CA GLY H 117 -23.40 -27.22 17.95
C GLY H 117 -22.97 -27.67 19.33
N THR H 118 -22.60 -28.94 19.42
CA THR H 118 -22.05 -29.54 20.62
C THR H 118 -20.73 -30.16 20.22
N VAL H 119 -19.65 -29.73 20.85
CA VAL H 119 -18.32 -30.22 20.49
C VAL H 119 -18.07 -31.49 21.28
N ILE H 120 -17.91 -32.60 20.58
CA ILE H 120 -17.63 -33.88 21.21
C ILE H 120 -16.22 -34.26 20.79
N THR H 121 -15.37 -34.51 21.77
CA THR H 121 -14.00 -34.94 21.52
C THR H 121 -13.83 -36.34 22.09
N VAL H 122 -13.47 -37.30 21.25
CA VAL H 122 -13.26 -38.65 21.71
C VAL H 122 -11.75 -38.83 21.82
N SER H 123 -11.28 -39.03 23.05
CA SER H 123 -9.85 -39.06 23.32
C SER H 123 -9.65 -39.71 24.68
N SER H 124 -8.39 -39.95 25.03
CA SER H 124 -8.04 -40.59 26.29
C SER H 124 -7.39 -39.62 27.27
N ALA H 125 -6.28 -38.98 26.87
CA ALA H 125 -5.47 -38.17 27.76
C ALA H 125 -6.30 -37.22 28.60
N SER H 126 -6.02 -37.17 29.90
CA SER H 126 -6.84 -36.41 30.84
C SER H 126 -6.55 -34.91 30.71
N THR H 127 -7.27 -34.13 31.50
CA THR H 127 -7.14 -32.67 31.44
C THR H 127 -5.82 -32.22 32.05
N LYS H 128 -5.10 -31.39 31.32
CA LYS H 128 -3.74 -30.99 31.68
C LYS H 128 -3.55 -29.61 31.07
N GLY H 129 -3.11 -28.64 31.88
CA GLY H 129 -2.86 -27.32 31.37
C GLY H 129 -1.60 -27.24 30.55
N PRO H 130 -1.51 -26.21 29.71
CA PRO H 130 -0.38 -26.09 28.78
C PRO H 130 0.87 -25.50 29.41
N SER H 131 1.99 -25.82 28.78
CA SER H 131 3.25 -25.15 29.03
C SER H 131 3.44 -24.06 27.98
N VAL H 132 3.73 -22.86 28.44
CA VAL H 132 3.85 -21.68 27.59
C VAL H 132 5.32 -21.32 27.48
N PHE H 133 5.85 -21.36 26.27
CA PHE H 133 7.26 -21.06 26.10
C PHE H 133 7.40 -19.83 25.22
N PRO H 134 8.41 -19.00 25.43
CA PRO H 134 8.55 -17.81 24.60
C PRO H 134 9.12 -18.15 23.23
N LEU H 135 8.67 -17.41 22.23
CA LEU H 135 9.26 -17.37 20.91
C LEU H 135 9.91 -16.01 20.83
N ALA H 136 11.20 -15.94 21.13
CA ALA H 136 11.85 -14.69 21.41
C ALA H 136 12.30 -14.03 20.10
N PRO H 137 12.26 -12.71 20.02
CA PRO H 137 12.64 -12.05 18.76
C PRO H 137 14.11 -12.25 18.47
N SER H 138 14.39 -12.54 17.19
CA SER H 138 15.75 -12.79 16.75
C SER H 138 16.63 -11.58 16.98
N SER H 139 17.89 -11.83 17.33
CA SER H 139 18.87 -10.75 17.33
C SER H 139 19.11 -10.23 15.91
N LYS H 140 19.14 -11.13 14.93
CA LYS H 140 19.44 -10.78 13.55
C LYS H 140 18.34 -9.97 12.87
N SER H 141 17.39 -9.42 13.64
CA SER H 141 16.31 -8.68 13.01
C SER H 141 16.81 -7.51 12.19
N THR H 142 16.04 -7.16 11.16
CA THR H 142 16.42 -6.07 10.26
C THR H 142 16.45 -4.76 11.01
N SER H 143 17.59 -4.07 10.97
CA SER H 143 17.67 -2.75 11.61
C SER H 143 16.79 -1.77 10.86
N GLY H 144 15.77 -1.24 11.55
CA GLY H 144 14.82 -0.36 10.92
C GLY H 144 13.65 -1.05 10.26
N GLY H 145 13.37 -2.31 10.62
CA GLY H 145 12.27 -3.03 10.03
C GLY H 145 11.27 -3.56 11.04
N THR H 146 10.75 -4.76 10.80
CA THR H 146 9.73 -5.38 11.63
C THR H 146 10.30 -6.63 12.29
N ALA H 147 9.94 -6.85 13.55
CA ALA H 147 10.33 -8.06 14.27
C ALA H 147 9.09 -8.86 14.64
N ALA H 148 9.26 -10.17 14.77
CA ALA H 148 8.21 -11.07 15.21
C ALA H 148 8.58 -11.73 16.53
N LEU H 149 7.58 -11.84 17.42
CA LEU H 149 7.75 -12.54 18.69
C LEU H 149 6.45 -13.26 19.00
N GLY H 150 6.48 -14.15 19.99
CA GLY H 150 5.29 -14.95 20.22
C GLY H 150 5.41 -15.86 21.44
N CYS H 151 4.45 -16.77 21.53
CA CYS H 151 4.43 -17.78 22.57
CA CYS H 151 4.45 -17.79 22.56
C CYS H 151 3.90 -19.09 21.99
N LEU H 152 4.57 -20.19 22.35
CA LEU H 152 4.19 -21.54 21.96
C LEU H 152 3.46 -22.19 23.12
N VAL H 153 2.23 -22.61 22.89
CA VAL H 153 1.33 -23.12 23.91
C VAL H 153 1.18 -24.62 23.67
N LYS H 154 1.93 -25.42 24.43
CA LYS H 154 2.19 -26.81 24.10
C LYS H 154 1.60 -27.73 25.17
N ASP H 155 1.06 -28.86 24.71
CA ASP H 155 0.73 -29.98 25.58
C ASP H 155 -0.43 -29.67 26.51
N TYR H 156 -1.59 -29.29 25.97
CA TYR H 156 -2.77 -29.06 26.77
C TYR H 156 -3.92 -29.96 26.28
N PHE H 157 -4.93 -30.13 27.14
CA PHE H 157 -6.11 -30.90 26.77
C PHE H 157 -7.26 -30.58 27.70
N PRO H 158 -8.50 -30.49 27.20
CA PRO H 158 -8.96 -30.46 25.81
C PRO H 158 -8.93 -29.04 25.25
N GLU H 159 -9.47 -28.87 24.04
CA GLU H 159 -9.67 -27.52 23.54
C GLU H 159 -10.78 -26.84 24.35
N PRO H 160 -10.82 -25.50 24.36
CA PRO H 160 -9.89 -24.60 23.68
C PRO H 160 -9.00 -23.83 24.63
N VAL H 161 -7.93 -23.26 24.09
CA VAL H 161 -7.09 -22.33 24.81
C VAL H 161 -7.23 -20.97 24.14
N THR H 162 -7.28 -19.92 24.94
CA THR H 162 -7.34 -18.57 24.38
C THR H 162 -6.04 -17.85 24.67
N VAL H 163 -5.64 -16.97 23.75
CA VAL H 163 -4.42 -16.19 23.87
C VAL H 163 -4.78 -14.74 23.61
N SER H 164 -4.29 -13.85 24.49
CA SER H 164 -4.28 -12.42 24.22
C SER H 164 -2.87 -11.89 24.39
N TRP H 165 -2.67 -10.64 23.97
CA TRP H 165 -1.39 -9.96 24.12
C TRP H 165 -1.57 -8.67 24.90
N ASN H 166 -0.68 -8.43 25.87
CA ASN H 166 -0.72 -7.24 26.72
C ASN H 166 -2.11 -7.01 27.31
N SER H 167 -2.73 -8.08 27.80
CA SER H 167 -4.02 -8.02 28.48
C SER H 167 -5.12 -7.48 27.57
N GLY H 168 -5.00 -7.72 26.26
CA GLY H 168 -5.95 -7.25 25.28
C GLY H 168 -5.53 -5.97 24.58
N ALA H 169 -4.53 -5.27 25.11
CA ALA H 169 -4.09 -3.99 24.58
C ALA H 169 -3.41 -4.12 23.23
N LEU H 170 -2.84 -5.28 22.93
CA LEU H 170 -2.12 -5.52 21.69
C LEU H 170 -2.94 -6.47 20.83
N THR H 171 -3.41 -5.98 19.69
CA THR H 171 -4.20 -6.77 18.75
C THR H 171 -3.62 -6.68 17.35
N SER H 172 -3.03 -5.54 17.00
CA SER H 172 -2.49 -5.34 15.67
C SER H 172 -1.37 -6.33 15.39
N GLY H 173 -1.39 -6.91 14.19
CA GLY H 173 -0.34 -7.83 13.81
C GLY H 173 -0.35 -9.16 14.54
N VAL H 174 -1.35 -9.42 15.37
CA VAL H 174 -1.42 -10.70 16.08
C VAL H 174 -1.99 -11.74 15.14
N HIS H 175 -1.36 -12.92 15.11
CA HIS H 175 -1.92 -14.11 14.50
C HIS H 175 -1.90 -15.23 15.53
N THR H 176 -3.07 -15.75 15.88
CA THR H 176 -3.15 -16.91 16.76
C THR H 176 -3.57 -18.09 15.90
N PHE H 177 -2.69 -19.07 15.79
CA PHE H 177 -2.87 -20.13 14.82
C PHE H 177 -3.83 -21.20 15.36
N PRO H 178 -4.50 -21.92 14.47
CA PRO H 178 -5.27 -23.09 14.91
C PRO H 178 -4.38 -24.12 15.60
N ALA H 179 -4.94 -24.78 16.61
CA ALA H 179 -4.21 -25.83 17.30
C ALA H 179 -3.99 -27.04 16.39
N VAL H 180 -2.94 -27.80 16.69
CA VAL H 180 -2.68 -29.09 16.11
C VAL H 180 -2.76 -30.17 17.20
N LEU H 181 -3.20 -31.36 16.80
CA LEU H 181 -3.21 -32.51 17.68
C LEU H 181 -1.90 -33.26 17.48
N GLN H 182 -1.15 -33.41 18.57
CA GLN H 182 0.15 -34.06 18.54
C GLN H 182 -0.02 -35.58 18.63
N SER H 183 1.07 -36.29 18.30
CA SER H 183 1.05 -37.74 18.34
C SER H 183 0.81 -38.27 19.75
N SER H 184 1.02 -37.43 20.77
CA SER H 184 0.70 -37.82 22.13
C SER H 184 -0.81 -37.84 22.34
N GLY H 185 -1.46 -36.69 22.23
CA GLY H 185 -2.87 -36.59 22.54
C GLY H 185 -3.21 -35.25 23.15
N LEU H 186 -2.21 -34.38 23.23
CA LEU H 186 -2.36 -33.03 23.75
C LEU H 186 -2.27 -32.07 22.57
N TYR H 187 -2.91 -30.91 22.72
CA TYR H 187 -2.89 -29.95 21.62
C TYR H 187 -1.71 -28.98 21.76
N SER H 188 -1.31 -28.40 20.63
CA SER H 188 -0.19 -27.47 20.59
C SER H 188 -0.47 -26.41 19.53
N LEU H 189 -0.30 -25.15 19.92
CA LEU H 189 -0.52 -24.04 18.98
C LEU H 189 0.52 -22.96 19.25
N SER H 190 0.56 -21.97 18.36
CA SER H 190 1.49 -20.87 18.49
C SER H 190 0.76 -19.57 18.22
N SER H 191 1.04 -18.55 19.04
CA SER H 191 0.51 -17.22 18.83
C SER H 191 1.67 -16.26 18.62
N VAL H 192 1.61 -15.46 17.55
CA VAL H 192 2.69 -14.55 17.24
C VAL H 192 2.14 -13.15 17.02
N VAL H 193 3.04 -12.17 17.07
CA VAL H 193 2.73 -10.79 16.74
C VAL H 193 3.98 -10.18 16.11
N THR H 194 3.77 -9.33 15.11
CA THR H 194 4.82 -8.51 14.53
C THR H 194 4.71 -7.09 15.06
N VAL H 195 5.86 -6.50 15.37
CA VAL H 195 5.94 -5.18 16.01
C VAL H 195 7.13 -4.43 15.44
N PRO H 196 7.17 -3.11 15.65
CA PRO H 196 8.34 -2.33 15.21
C PRO H 196 9.61 -2.79 15.92
N SER H 197 10.66 -3.03 15.13
CA SER H 197 11.98 -3.36 15.68
C SER H 197 12.46 -2.35 16.70
N SER H 198 12.17 -1.05 16.49
CA SER H 198 12.62 -0.05 17.45
C SER H 198 12.02 -0.20 18.84
N SER H 199 10.98 -1.01 19.00
CA SER H 199 10.37 -1.20 20.31
C SER H 199 10.96 -2.37 21.09
N LEU H 200 11.80 -3.20 20.45
CA LEU H 200 12.25 -4.42 21.11
C LEU H 200 13.11 -4.15 22.33
N GLY H 201 13.77 -3.01 22.38
CA GLY H 201 14.61 -2.72 23.53
C GLY H 201 13.87 -2.02 24.65
N THR H 202 12.75 -1.39 24.30
CA THR H 202 12.01 -0.52 25.20
C THR H 202 10.61 -1.01 25.57
N GLN H 203 9.95 -1.80 24.73
CA GLN H 203 8.57 -2.19 24.99
C GLN H 203 8.44 -3.60 25.54
N THR H 204 7.41 -3.78 26.37
CA THR H 204 7.09 -5.04 27.04
C THR H 204 5.99 -5.75 26.26
N TYR H 205 6.14 -7.07 26.12
CA TYR H 205 5.21 -7.88 25.33
C TYR H 205 4.91 -9.16 26.11
N ILE H 206 3.75 -9.23 26.74
CA ILE H 206 3.34 -10.38 27.54
C ILE H 206 2.21 -11.10 26.82
N CYS H 207 2.34 -12.42 26.71
CA CYS H 207 1.29 -13.26 26.13
CA CYS H 207 1.29 -13.26 26.13
C CYS H 207 0.50 -13.91 27.25
N ASN H 208 -0.82 -13.75 27.21
CA ASN H 208 -1.73 -14.23 28.24
C ASN H 208 -2.48 -15.44 27.70
N VAL H 209 -2.23 -16.61 28.29
CA VAL H 209 -2.80 -17.87 27.85
C VAL H 209 -3.79 -18.29 28.92
N ASN H 210 -4.97 -18.72 28.49
CA ASN H 210 -6.00 -19.19 29.41
C ASN H 210 -6.48 -20.54 28.90
N HIS H 211 -6.43 -21.53 29.78
CA HIS H 211 -7.00 -22.87 29.56
C HIS H 211 -8.05 -23.15 30.63
N LYS H 212 -9.31 -22.84 30.28
CA LYS H 212 -10.40 -22.98 31.23
C LYS H 212 -10.59 -24.39 31.78
N PRO H 213 -10.46 -25.47 31.00
CA PRO H 213 -10.68 -26.81 31.56
C PRO H 213 -9.81 -27.16 32.75
N SER H 214 -8.58 -26.64 32.79
CA SER H 214 -7.67 -26.87 33.90
C SER H 214 -7.55 -25.66 34.82
N ASN H 215 -8.38 -24.64 34.63
CA ASN H 215 -8.34 -23.42 35.42
C ASN H 215 -6.95 -22.78 35.38
N THR H 216 -6.28 -22.89 34.23
CA THR H 216 -4.90 -22.45 34.09
C THR H 216 -4.84 -21.07 33.45
N LYS H 217 -4.17 -20.13 34.10
CA LYS H 217 -3.83 -18.86 33.50
C LYS H 217 -2.32 -18.67 33.57
N VAL H 218 -1.72 -18.29 32.45
CA VAL H 218 -0.27 -18.06 32.38
C VAL H 218 -0.01 -16.73 31.68
N ASP H 219 0.83 -15.90 32.28
CA ASP H 219 1.31 -14.69 31.61
C ASP H 219 2.81 -14.83 31.37
N LYS H 220 3.23 -14.84 30.10
CA LYS H 220 4.63 -15.05 29.75
C LYS H 220 5.24 -13.83 29.07
N LYS H 221 6.26 -13.25 29.70
CA LYS H 221 7.07 -12.20 29.09
C LYS H 221 7.97 -12.76 28.00
N VAL H 222 7.96 -12.13 26.83
CA VAL H 222 8.77 -12.56 25.68
C VAL H 222 9.77 -11.46 25.33
N GLU H 223 11.05 -11.77 25.42
CA GLU H 223 12.07 -10.75 25.21
C GLU H 223 13.21 -11.29 24.36
N PRO H 224 13.98 -10.41 23.73
CA PRO H 224 15.17 -10.85 22.97
C PRO H 224 16.16 -11.64 23.82
N LYS H 225 16.74 -12.67 23.20
CA LYS H 225 17.66 -13.53 23.93
C LYS H 225 18.99 -12.83 24.16
N SER H 226 19.64 -13.13 25.27
CA SER H 226 20.88 -12.47 25.68
C SER H 226 22.05 -13.42 25.44
N CYS H 227 22.52 -13.44 24.20
CA CYS H 227 23.63 -14.30 23.82
C CYS H 227 24.87 -13.49 23.49
N ASN I 1 47.65 11.87 -18.38
CA ASN I 1 46.83 10.95 -19.16
C ASN I 1 47.39 10.76 -20.56
N TRP I 2 47.53 9.49 -20.97
CA TRP I 2 48.09 9.19 -22.27
C TRP I 2 47.08 9.41 -23.40
N PHE I 3 45.80 9.10 -23.14
CA PHE I 3 44.79 9.22 -24.19
C PHE I 3 44.63 10.66 -24.66
N ASP I 4 44.94 11.63 -23.79
CA ASP I 4 44.85 13.03 -24.17
C ASP I 4 45.98 13.46 -25.10
N ILE I 5 47.05 12.69 -25.19
CA ILE I 5 48.27 13.14 -25.86
C ILE I 5 47.99 13.54 -27.30
N THR I 6 47.27 12.68 -28.04
CA THR I 6 46.93 13.03 -29.41
C THR I 6 46.09 14.30 -29.45
N ASN I 7 45.09 14.40 -28.56
CA ASN I 7 44.33 15.64 -28.44
C ASN I 7 45.26 16.83 -28.21
N TRP I 8 46.34 16.61 -27.45
CA TRP I 8 47.42 17.58 -27.36
C TRP I 8 48.02 17.85 -28.74
N LEU I 9 48.59 16.81 -29.35
CA LEU I 9 49.39 16.99 -30.57
C LEU I 9 48.61 17.68 -31.68
N TRP I 10 47.30 17.45 -31.75
CA TRP I 10 46.52 18.05 -32.83
C TRP I 10 46.44 19.56 -32.69
N TYR I 11 46.34 20.06 -31.45
CA TYR I 11 46.28 21.51 -31.26
C TYR I 11 47.56 22.19 -31.72
N ILE I 12 48.70 21.52 -31.58
CA ILE I 12 49.96 22.12 -31.97
C ILE I 12 50.09 22.16 -33.49
N LYS I 13 49.65 21.10 -34.17
CA LYS I 13 49.91 20.99 -35.61
C LYS I 13 48.99 21.88 -36.44
N LYS I 14 47.78 22.15 -35.96
CA LYS I 14 46.84 23.00 -36.70
C LYS I 14 47.12 24.48 -36.51
N LYS I 15 48.24 24.83 -35.90
CA LYS I 15 48.51 26.21 -35.49
C LYS I 15 48.94 27.08 -36.67
N LYS I 16 49.84 28.01 -36.39
CA LYS I 16 50.28 28.97 -37.40
C LYS I 16 51.33 28.37 -38.32
N ASN J 1 3.40 6.57 58.52
CA ASN J 1 4.14 6.77 57.27
C ASN J 1 5.52 7.34 57.54
N TRP J 2 6.41 7.20 56.56
CA TRP J 2 7.76 7.75 56.68
C TRP J 2 7.78 9.26 56.51
N PHE J 3 6.89 9.80 55.66
CA PHE J 3 6.87 11.23 55.39
C PHE J 3 6.48 12.07 56.60
N ASP J 4 5.97 11.46 57.66
CA ASP J 4 5.66 12.18 58.89
C ASP J 4 6.80 12.12 59.89
N ILE J 5 7.81 11.28 59.66
CA ILE J 5 8.90 11.11 60.62
C ILE J 5 9.55 12.45 60.94
N THR J 6 9.92 13.20 59.89
CA THR J 6 10.57 14.49 60.09
C THR J 6 9.73 15.41 60.95
N ASN J 7 8.41 15.27 60.92
CA ASN J 7 7.57 16.14 61.74
C ASN J 7 7.66 15.76 63.21
N TRP J 8 7.74 14.45 63.51
CA TRP J 8 7.91 14.01 64.90
C TRP J 8 9.11 14.70 65.53
N LEU J 9 10.28 14.57 64.92
CA LEU J 9 11.48 15.23 65.41
C LEU J 9 11.27 16.73 65.60
N TRP J 10 10.47 17.35 64.73
CA TRP J 10 10.25 18.79 64.86
C TRP J 10 9.48 19.11 66.14
N TYR J 11 8.49 18.28 66.50
CA TYR J 11 7.85 18.46 67.78
C TYR J 11 8.76 18.08 68.93
N ILE J 12 9.82 17.32 68.66
CA ILE J 12 10.75 16.92 69.71
C ILE J 12 11.75 18.03 69.99
N LYS J 13 12.40 18.55 68.95
CA LYS J 13 13.30 19.68 69.16
C LYS J 13 12.58 20.94 69.61
N LYS J 14 11.25 20.92 69.59
CA LYS J 14 10.44 21.98 70.21
C LYS J 14 10.36 21.64 71.70
N LYS J 15 11.25 22.25 72.47
CA LYS J 15 11.58 21.83 73.83
C LYS J 15 10.46 22.17 74.82
N LYS J 16 10.53 21.51 75.99
CA LYS J 16 9.63 21.79 77.11
C LYS J 16 10.07 22.99 77.94
N ASN K 1 -38.56 -42.99 0.43
CA ASN K 1 -37.93 -41.74 0.84
C ASN K 1 -38.52 -41.24 2.16
N TRP K 2 -37.73 -41.34 3.22
CA TRP K 2 -38.17 -40.88 4.53
C TRP K 2 -38.31 -39.36 4.57
N PHE K 3 -37.47 -38.63 3.82
CA PHE K 3 -37.50 -37.17 3.87
C PHE K 3 -38.84 -36.62 3.42
N ASP K 4 -39.56 -37.34 2.55
CA ASP K 4 -40.87 -36.90 2.10
C ASP K 4 -41.97 -37.13 3.12
N ILE K 5 -41.72 -37.94 4.16
CA ILE K 5 -42.78 -38.34 5.08
C ILE K 5 -43.48 -37.12 5.67
N THR K 6 -42.71 -36.19 6.24
CA THR K 6 -43.28 -34.96 6.78
C THR K 6 -44.22 -34.30 5.79
N ASN K 7 -43.76 -34.18 4.53
CA ASN K 7 -44.60 -33.63 3.47
C ASN K 7 -45.99 -34.25 3.49
N TRP K 8 -46.05 -35.58 3.40
CA TRP K 8 -47.33 -36.28 3.42
C TRP K 8 -48.15 -35.86 4.64
N LEU K 9 -47.54 -35.89 5.82
CA LEU K 9 -48.27 -35.55 7.04
C LEU K 9 -48.88 -34.15 6.95
N TRP K 10 -48.14 -33.21 6.36
CA TRP K 10 -48.69 -31.87 6.22
C TRP K 10 -49.96 -31.88 5.38
N TYR K 11 -49.93 -32.60 4.25
CA TYR K 11 -51.11 -32.68 3.40
C TYR K 11 -52.30 -33.29 4.13
N ILE K 12 -52.09 -33.92 5.27
CA ILE K 12 -53.18 -34.54 6.02
C ILE K 12 -53.57 -33.62 7.17
N LYS K 13 -52.62 -32.84 7.69
CA LYS K 13 -52.94 -32.01 8.85
C LYS K 13 -53.68 -30.75 8.47
N LYS K 14 -53.63 -30.34 7.19
CA LYS K 14 -54.41 -29.22 6.68
C LYS K 14 -55.52 -29.68 5.75
N LYS K 15 -55.85 -30.97 5.77
CA LYS K 15 -56.85 -31.55 4.86
C LYS K 15 -58.19 -30.86 5.05
N LYS K 16 -59.06 -31.42 5.90
CA LYS K 16 -60.41 -30.87 6.04
C LYS K 16 -60.71 -30.44 7.47
N ASN L 1 -57.29 20.54 7.35
CA ASN L 1 -56.20 20.68 6.39
C ASN L 1 -56.73 20.55 4.96
N TRP L 2 -56.33 21.50 4.12
CA TRP L 2 -56.68 21.43 2.70
C TRP L 2 -56.07 20.21 2.04
N PHE L 3 -54.85 19.83 2.45
CA PHE L 3 -54.15 18.72 1.82
C PHE L 3 -54.87 17.39 2.02
N ASP L 4 -55.70 17.28 3.04
CA ASP L 4 -56.47 16.06 3.26
C ASP L 4 -57.78 16.03 2.46
N ILE L 5 -58.17 17.16 1.86
CA ILE L 5 -59.49 17.26 1.24
C ILE L 5 -59.65 16.22 0.13
N THR L 6 -58.58 15.95 -0.62
CA THR L 6 -58.66 14.93 -1.66
C THR L 6 -58.97 13.56 -1.07
N ASN L 7 -58.35 13.22 0.05
CA ASN L 7 -58.73 12.01 0.77
C ASN L 7 -60.16 12.09 1.27
N TRP L 8 -60.62 13.29 1.62
CA TRP L 8 -61.98 13.47 2.08
C TRP L 8 -63.01 13.02 1.04
N LEU L 9 -62.67 13.16 -0.25
CA LEU L 9 -63.56 12.72 -1.31
C LEU L 9 -63.36 11.26 -1.67
N TRP L 10 -62.12 10.77 -1.58
CA TRP L 10 -61.81 9.44 -2.08
C TRP L 10 -62.63 8.38 -1.37
N TYR L 11 -62.72 8.47 -0.04
CA TYR L 11 -63.54 7.49 0.68
C TYR L 11 -65.02 7.69 0.39
N ILE L 12 -65.47 8.94 0.31
CA ILE L 12 -66.85 9.20 -0.09
C ILE L 12 -67.11 8.66 -1.48
N LYS L 13 -66.13 8.78 -2.38
CA LYS L 13 -66.29 8.27 -3.74
C LYS L 13 -66.34 6.74 -3.76
N LYS L 14 -65.52 6.10 -2.93
CA LYS L 14 -65.46 4.64 -2.87
C LYS L 14 -66.28 4.10 -1.69
N LYS L 15 -67.50 4.60 -1.57
CA LYS L 15 -68.40 4.20 -0.48
C LYS L 15 -69.24 3.01 -0.92
N LYS L 16 -70.54 3.08 -0.71
CA LYS L 16 -71.46 2.00 -1.07
C LYS L 16 -71.89 2.13 -2.54
C1 GOL M . 4.99 33.75 39.79
O1 GOL M . 6.34 34.08 39.84
C2 GOL M . 4.70 33.19 38.37
O2 GOL M . 3.56 33.75 37.80
C3 GOL M . 4.54 31.67 38.57
O3 GOL M . 3.68 31.22 37.56
S SO4 N . 21.94 20.97 59.97
O1 SO4 N . 21.01 20.84 61.10
O2 SO4 N . 21.45 20.14 58.86
O3 SO4 N . 22.01 22.36 59.55
O4 SO4 N . 23.26 20.51 60.36
S SO4 O . -61.86 12.82 -14.13
O1 SO4 O . -62.23 11.42 -13.89
O2 SO4 O . -62.88 13.69 -13.56
O3 SO4 O . -61.77 13.05 -15.58
O4 SO4 O . -60.57 13.09 -13.51
S SO4 P . 50.28 11.00 -41.93
O1 SO4 P . 51.00 11.21 -40.68
O2 SO4 P . 48.99 10.38 -41.67
O3 SO4 P . 50.07 12.29 -42.59
O4 SO4 P . 51.07 10.14 -42.81
S SO4 Q . -46.57 -28.77 17.26
O1 SO4 Q . -46.62 -29.64 18.44
O2 SO4 Q . -46.99 -27.42 17.63
O3 SO4 Q . -47.45 -29.30 16.23
O4 SO4 Q . -45.20 -28.73 16.75
#